data_4X8P
# 
_entry.id   4X8P 
# 
_audit_conform.dict_name       mmcif_pdbx.dic 
_audit_conform.dict_version    5.387 
_audit_conform.dict_location   http://mmcif.pdb.org/dictionaries/ascii/mmcif_pdbx.dic 
# 
loop_
_database_2.database_id 
_database_2.database_code 
_database_2.pdbx_database_accession 
_database_2.pdbx_DOI 
PDB   4X8P         pdb_00004x8p 10.2210/pdb4x8p/pdb 
WWPDB D_1000205251 ?            ?                   
# 
loop_
_pdbx_audit_revision_history.ordinal 
_pdbx_audit_revision_history.data_content_type 
_pdbx_audit_revision_history.major_revision 
_pdbx_audit_revision_history.minor_revision 
_pdbx_audit_revision_history.revision_date 
1 'Structure model' 1 0 2015-01-28 
2 'Structure model' 1 1 2024-02-28 
# 
_pdbx_audit_revision_details.ordinal             1 
_pdbx_audit_revision_details.revision_ordinal    1 
_pdbx_audit_revision_details.data_content_type   'Structure model' 
_pdbx_audit_revision_details.provider            repository 
_pdbx_audit_revision_details.type                'Initial release' 
_pdbx_audit_revision_details.description         ? 
_pdbx_audit_revision_details.details             ? 
# 
loop_
_pdbx_audit_revision_group.ordinal 
_pdbx_audit_revision_group.revision_ordinal 
_pdbx_audit_revision_group.data_content_type 
_pdbx_audit_revision_group.group 
1 2 'Structure model' 'Data collection'      
2 2 'Structure model' 'Database references'  
3 2 'Structure model' 'Derived calculations' 
4 2 'Structure model' 'Source and taxonomy'  
# 
loop_
_pdbx_audit_revision_category.ordinal 
_pdbx_audit_revision_category.revision_ordinal 
_pdbx_audit_revision_category.data_content_type 
_pdbx_audit_revision_category.category 
1 2 'Structure model' chem_comp_atom        
2 2 'Structure model' chem_comp_bond        
3 2 'Structure model' citation              
4 2 'Structure model' database_2            
5 2 'Structure model' entity_src_gen        
6 2 'Structure model' pdbx_entity_src_syn   
7 2 'Structure model' pdbx_struct_oper_list 
# 
loop_
_pdbx_audit_revision_item.ordinal 
_pdbx_audit_revision_item.revision_ordinal 
_pdbx_audit_revision_item.data_content_type 
_pdbx_audit_revision_item.item 
1 2 'Structure model' '_citation.journal_id_CSD'                  
2 2 'Structure model' '_database_2.pdbx_DOI'                      
3 2 'Structure model' '_database_2.pdbx_database_accession'       
4 2 'Structure model' '_entity_src_gen.pdbx_alt_source_flag'      
5 2 'Structure model' '_pdbx_entity_src_syn.pdbx_alt_source_flag' 
6 2 'Structure model' '_pdbx_struct_oper_list.symmetry_operation' 
# 
_pdbx_database_status.status_code                     REL 
_pdbx_database_status.status_code_sf                  REL 
_pdbx_database_status.status_code_mr                  ? 
_pdbx_database_status.entry_id                        4X8P 
_pdbx_database_status.recvd_initial_deposition_date   2014-12-10 
_pdbx_database_status.SG_entry                        N 
_pdbx_database_status.deposit_site                    RCSB 
_pdbx_database_status.process_site                    RCSB 
_pdbx_database_status.status_code_cs                  ? 
_pdbx_database_status.methods_development_category    ? 
_pdbx_database_status.pdb_format_compatible           Y 
_pdbx_database_status.status_code_nmr_data            ? 
# 
_pdbx_database_related.content_type   unspecified 
_pdbx_database_related.db_id          4X8N 
_pdbx_database_related.db_name        PDB 
_pdbx_database_related.details        . 
# 
loop_
_audit_author.name 
_audit_author.pdbx_ordinal 
'Zhang, P.'        1 
'Chaturvedi, C.P.' 2 
'Brunzelle, J.S.'  3 
'Skiniotis, G.'    4 
'Brand, M.'        5 
'Shilatifard, A.'  6 
'Couture, J.-F.'   7 
# 
_citation.abstract                  ? 
_citation.abstract_id_CAS           ? 
_citation.book_id_ISBN              ? 
_citation.book_publisher            ? 
_citation.book_publisher_city       ? 
_citation.book_title                ? 
_citation.coordinate_linkage        ? 
_citation.country                   US 
_citation.database_id_Medline       ? 
_citation.details                   ? 
_citation.id                        primary 
_citation.journal_abbrev            'Genes Dev.' 
_citation.journal_id_ASTM           GEDEEP 
_citation.journal_id_CSD            2056 
_citation.journal_id_ISSN           0890-9369 
_citation.journal_full              ? 
_citation.journal_issue             ? 
_citation.journal_volume            29 
_citation.language                  ? 
_citation.page_first                123 
_citation.page_last                 128 
_citation.title                     'A phosphorylation switch on RbBP5 regulates histone H3 Lys4 methylation.' 
_citation.year                      2015 
_citation.database_id_CSD           ? 
_citation.pdbx_database_id_DOI      10.1101/gad.254870.114 
_citation.pdbx_database_id_PubMed   25593305 
_citation.unpublished_flag          ? 
# 
loop_
_citation_author.citation_id 
_citation_author.name 
_citation_author.ordinal 
_citation_author.identifier_ORCID 
primary 'Zhang, P.'        1 ? 
primary 'Chaturvedi, C.P.' 2 ? 
primary 'Tremblay, V.'     3 ? 
primary 'Cramet, M.'       4 ? 
primary 'Brunzelle, J.S.'  5 ? 
primary 'Skiniotis, G.'    6 ? 
primary 'Brand, M.'        7 ? 
primary 'Shilatifard, A.'  8 ? 
primary 'Couture, J.F.'    9 ? 
# 
loop_
_entity.id 
_entity.type 
_entity.src_method 
_entity.pdbx_description 
_entity.formula_weight 
_entity.pdbx_number_of_molecules 
_entity.pdbx_ec 
_entity.pdbx_mutation 
_entity.pdbx_fragment 
_entity.details 
1 polymer     man 
'Set1/Ash2 histone methyltransferase complex subunit ASH2,Set1/Ash2 histone methyltransferase complex subunit ASH2' 20409.172 1   
? ? 'UNP residues 380-495, 539-598' ? 
2 polymer     syn 'Retinoblastoma-binding protein 5' 1575.563  1   ? ? 'UNP residues 344-355'          ? 
3 non-polymer syn GLYCEROL 92.094    1   ? ? ?                               ? 
4 water       nat water 18.015    122 ? ? ?                               ? 
# 
loop_
_entity_name_com.entity_id 
_entity_name_com.name 
1 'ASH2-like protein,ASH2-like protein'         
2 'RBBP-5,Retinoblastoma-binding protein RBQ-3' 
# 
loop_
_entity_poly.entity_id 
_entity_poly.type 
_entity_poly.nstd_linkage 
_entity_poly.nstd_monomer 
_entity_poly.pdbx_seq_one_letter_code 
_entity_poly.pdbx_seq_one_letter_code_can 
_entity_poly.pdbx_strand_id 
_entity_poly.pdbx_target_identifier 
1 'polypeptide(L)' no no 
;SRVLLALHDRAPQLKISDDRLTVVGEKGYSMVRASHGVRKGAWYFEITVDEMPPDTAARLGWSQPLGNLQAPLGYDKFSY
SWRSKKGTKFHQSIGKHYSSGYGQGDVLGFYINLPEDISGRGSEIIFYKNGVNQGVAYKDIFEGVYFPAISLYKSCTVSI
NFGPCFKYPPKDLTYRPMSDMG
;
;SRVLLALHDRAPQLKISDDRLTVVGEKGYSMVRASHGVRKGAWYFEITVDEMPPDTAARLGWSQPLGNLQAPLGYDKFSY
SWRSKKGTKFHQSIGKHYSSGYGQGDVLGFYINLPEDISGRGSEIIFYKNGVNQGVAYKDIFEGVYFPAISLYKSCTVSI
NFGPCFKYPPKDLTYRPMSDMG
;
A ? 
2 'polypeptide(L)' no no EYEERESEFDIE EYEERESEFDIE B ? 
# 
loop_
_pdbx_entity_nonpoly.entity_id 
_pdbx_entity_nonpoly.name 
_pdbx_entity_nonpoly.comp_id 
3 GLYCEROL GOL 
4 water    HOH 
# 
loop_
_entity_poly_seq.entity_id 
_entity_poly_seq.num 
_entity_poly_seq.mon_id 
_entity_poly_seq.hetero 
1 1   SER n 
1 2   ARG n 
1 3   VAL n 
1 4   LEU n 
1 5   LEU n 
1 6   ALA n 
1 7   LEU n 
1 8   HIS n 
1 9   ASP n 
1 10  ARG n 
1 11  ALA n 
1 12  PRO n 
1 13  GLN n 
1 14  LEU n 
1 15  LYS n 
1 16  ILE n 
1 17  SER n 
1 18  ASP n 
1 19  ASP n 
1 20  ARG n 
1 21  LEU n 
1 22  THR n 
1 23  VAL n 
1 24  VAL n 
1 25  GLY n 
1 26  GLU n 
1 27  LYS n 
1 28  GLY n 
1 29  TYR n 
1 30  SER n 
1 31  MET n 
1 32  VAL n 
1 33  ARG n 
1 34  ALA n 
1 35  SER n 
1 36  HIS n 
1 37  GLY n 
1 38  VAL n 
1 39  ARG n 
1 40  LYS n 
1 41  GLY n 
1 42  ALA n 
1 43  TRP n 
1 44  TYR n 
1 45  PHE n 
1 46  GLU n 
1 47  ILE n 
1 48  THR n 
1 49  VAL n 
1 50  ASP n 
1 51  GLU n 
1 52  MET n 
1 53  PRO n 
1 54  PRO n 
1 55  ASP n 
1 56  THR n 
1 57  ALA n 
1 58  ALA n 
1 59  ARG n 
1 60  LEU n 
1 61  GLY n 
1 62  TRP n 
1 63  SER n 
1 64  GLN n 
1 65  PRO n 
1 66  LEU n 
1 67  GLY n 
1 68  ASN n 
1 69  LEU n 
1 70  GLN n 
1 71  ALA n 
1 72  PRO n 
1 73  LEU n 
1 74  GLY n 
1 75  TYR n 
1 76  ASP n 
1 77  LYS n 
1 78  PHE n 
1 79  SER n 
1 80  TYR n 
1 81  SER n 
1 82  TRP n 
1 83  ARG n 
1 84  SER n 
1 85  LYS n 
1 86  LYS n 
1 87  GLY n 
1 88  THR n 
1 89  LYS n 
1 90  PHE n 
1 91  HIS n 
1 92  GLN n 
1 93  SER n 
1 94  ILE n 
1 95  GLY n 
1 96  LYS n 
1 97  HIS n 
1 98  TYR n 
1 99  SER n 
1 100 SER n 
1 101 GLY n 
1 102 TYR n 
1 103 GLY n 
1 104 GLN n 
1 105 GLY n 
1 106 ASP n 
1 107 VAL n 
1 108 LEU n 
1 109 GLY n 
1 110 PHE n 
1 111 TYR n 
1 112 ILE n 
1 113 ASN n 
1 114 LEU n 
1 115 PRO n 
1 116 GLU n 
1 117 ASP n 
1 118 ILE n 
1 119 SER n 
1 120 GLY n 
1 121 ARG n 
1 122 GLY n 
1 123 SER n 
1 124 GLU n 
1 125 ILE n 
1 126 ILE n 
1 127 PHE n 
1 128 TYR n 
1 129 LYS n 
1 130 ASN n 
1 131 GLY n 
1 132 VAL n 
1 133 ASN n 
1 134 GLN n 
1 135 GLY n 
1 136 VAL n 
1 137 ALA n 
1 138 TYR n 
1 139 LYS n 
1 140 ASP n 
1 141 ILE n 
1 142 PHE n 
1 143 GLU n 
1 144 GLY n 
1 145 VAL n 
1 146 TYR n 
1 147 PHE n 
1 148 PRO n 
1 149 ALA n 
1 150 ILE n 
1 151 SER n 
1 152 LEU n 
1 153 TYR n 
1 154 LYS n 
1 155 SER n 
1 156 CYS n 
1 157 THR n 
1 158 VAL n 
1 159 SER n 
1 160 ILE n 
1 161 ASN n 
1 162 PHE n 
1 163 GLY n 
1 164 PRO n 
1 165 CYS n 
1 166 PHE n 
1 167 LYS n 
1 168 TYR n 
1 169 PRO n 
1 170 PRO n 
1 171 LYS n 
1 172 ASP n 
1 173 LEU n 
1 174 THR n 
1 175 TYR n 
1 176 ARG n 
1 177 PRO n 
1 178 MET n 
1 179 SER n 
1 180 ASP n 
1 181 MET n 
1 182 GLY n 
2 1   GLU n 
2 2   TYR n 
2 3   GLU n 
2 4   GLU n 
2 5   ARG n 
2 6   GLU n 
2 7   SER n 
2 8   GLU n 
2 9   PHE n 
2 10  ASP n 
2 11  ILE n 
2 12  GLU n 
# 
loop_
_entity_src_gen.entity_id 
_entity_src_gen.pdbx_src_id 
_entity_src_gen.pdbx_alt_source_flag 
_entity_src_gen.pdbx_seq_type 
_entity_src_gen.pdbx_beg_seq_num 
_entity_src_gen.pdbx_end_seq_num 
_entity_src_gen.gene_src_common_name 
_entity_src_gen.gene_src_genus 
_entity_src_gen.pdbx_gene_src_gene 
_entity_src_gen.gene_src_species 
_entity_src_gen.gene_src_strain 
_entity_src_gen.gene_src_tissue 
_entity_src_gen.gene_src_tissue_fraction 
_entity_src_gen.gene_src_details 
_entity_src_gen.pdbx_gene_src_fragment 
_entity_src_gen.pdbx_gene_src_scientific_name 
_entity_src_gen.pdbx_gene_src_ncbi_taxonomy_id 
_entity_src_gen.pdbx_gene_src_variant 
_entity_src_gen.pdbx_gene_src_cell_line 
_entity_src_gen.pdbx_gene_src_atcc 
_entity_src_gen.pdbx_gene_src_organ 
_entity_src_gen.pdbx_gene_src_organelle 
_entity_src_gen.pdbx_gene_src_cell 
_entity_src_gen.pdbx_gene_src_cellular_location 
_entity_src_gen.host_org_common_name 
_entity_src_gen.pdbx_host_org_scientific_name 
_entity_src_gen.pdbx_host_org_ncbi_taxonomy_id 
_entity_src_gen.host_org_genus 
_entity_src_gen.pdbx_host_org_gene 
_entity_src_gen.pdbx_host_org_organ 
_entity_src_gen.host_org_species 
_entity_src_gen.pdbx_host_org_tissue 
_entity_src_gen.pdbx_host_org_tissue_fraction 
_entity_src_gen.pdbx_host_org_strain 
_entity_src_gen.pdbx_host_org_variant 
_entity_src_gen.pdbx_host_org_cell_line 
_entity_src_gen.pdbx_host_org_atcc 
_entity_src_gen.pdbx_host_org_culture_collection 
_entity_src_gen.pdbx_host_org_cell 
_entity_src_gen.pdbx_host_org_organelle 
_entity_src_gen.pdbx_host_org_cellular_location 
_entity_src_gen.pdbx_host_org_vector_type 
_entity_src_gen.pdbx_host_org_vector 
_entity_src_gen.host_org_details 
_entity_src_gen.expression_system_id 
_entity_src_gen.plasmid_name 
_entity_src_gen.plasmid_details 
_entity_src_gen.pdbx_description 
1 1 sample 'Biological sequence' 2   117 Human ? 'ASH2L, ASH2L1' ? ? ? ? ? ? 'Homo sapiens' 9606 ? ? ? ? ? ? ? ? 
'Escherichia coli' 562 ? ? ? ? ? ? ? ? ? ? ? ? ? ? ? ? ? ? ? ? ? 
1 2 sample 'Biological sequence' 123 182 Human ? 'ASH2L, ASH2L1' ? ? ? ? ? ? 'Homo sapiens' 9606 ? ? ? ? ? ? ? ? 
'Escherichia coli' 562 ? ? ? ? ? ? ? ? ? ? ? ? ? ? ? ? ? ? ? ? ? 
# 
_pdbx_entity_src_syn.entity_id              2 
_pdbx_entity_src_syn.pdbx_src_id            1 
_pdbx_entity_src_syn.pdbx_alt_source_flag   sample 
_pdbx_entity_src_syn.pdbx_beg_seq_num       1 
_pdbx_entity_src_syn.pdbx_end_seq_num       12 
_pdbx_entity_src_syn.organism_scientific    'Homo sapiens' 
_pdbx_entity_src_syn.organism_common_name   Human 
_pdbx_entity_src_syn.ncbi_taxonomy_id       9606 
_pdbx_entity_src_syn.details                ? 
# 
loop_
_chem_comp.id 
_chem_comp.type 
_chem_comp.mon_nstd_flag 
_chem_comp.name 
_chem_comp.pdbx_synonyms 
_chem_comp.formula 
_chem_comp.formula_weight 
ALA 'L-peptide linking' y ALANINE         ?                               'C3 H7 N O2'     89.093  
ARG 'L-peptide linking' y ARGININE        ?                               'C6 H15 N4 O2 1' 175.209 
ASN 'L-peptide linking' y ASPARAGINE      ?                               'C4 H8 N2 O3'    132.118 
ASP 'L-peptide linking' y 'ASPARTIC ACID' ?                               'C4 H7 N O4'     133.103 
CYS 'L-peptide linking' y CYSTEINE        ?                               'C3 H7 N O2 S'   121.158 
GLN 'L-peptide linking' y GLUTAMINE       ?                               'C5 H10 N2 O3'   146.144 
GLU 'L-peptide linking' y 'GLUTAMIC ACID' ?                               'C5 H9 N O4'     147.129 
GLY 'peptide linking'   y GLYCINE         ?                               'C2 H5 N O2'     75.067  
GOL non-polymer         . GLYCEROL        'GLYCERIN; PROPANE-1,2,3-TRIOL' 'C3 H8 O3'       92.094  
HIS 'L-peptide linking' y HISTIDINE       ?                               'C6 H10 N3 O2 1' 156.162 
HOH non-polymer         . WATER           ?                               'H2 O'           18.015  
ILE 'L-peptide linking' y ISOLEUCINE      ?                               'C6 H13 N O2'    131.173 
LEU 'L-peptide linking' y LEUCINE         ?                               'C6 H13 N O2'    131.173 
LYS 'L-peptide linking' y LYSINE          ?                               'C6 H15 N2 O2 1' 147.195 
MET 'L-peptide linking' y METHIONINE      ?                               'C5 H11 N O2 S'  149.211 
PHE 'L-peptide linking' y PHENYLALANINE   ?                               'C9 H11 N O2'    165.189 
PRO 'L-peptide linking' y PROLINE         ?                               'C5 H9 N O2'     115.130 
SER 'L-peptide linking' y SERINE          ?                               'C3 H7 N O3'     105.093 
THR 'L-peptide linking' y THREONINE       ?                               'C4 H9 N O3'     119.119 
TRP 'L-peptide linking' y TRYPTOPHAN      ?                               'C11 H12 N2 O2'  204.225 
TYR 'L-peptide linking' y TYROSINE        ?                               'C9 H11 N O3'    181.189 
VAL 'L-peptide linking' y VALINE          ?                               'C5 H11 N O2'    117.146 
# 
loop_
_pdbx_poly_seq_scheme.asym_id 
_pdbx_poly_seq_scheme.entity_id 
_pdbx_poly_seq_scheme.seq_id 
_pdbx_poly_seq_scheme.mon_id 
_pdbx_poly_seq_scheme.ndb_seq_num 
_pdbx_poly_seq_scheme.pdb_seq_num 
_pdbx_poly_seq_scheme.auth_seq_num 
_pdbx_poly_seq_scheme.pdb_mon_id 
_pdbx_poly_seq_scheme.auth_mon_id 
_pdbx_poly_seq_scheme.pdb_strand_id 
_pdbx_poly_seq_scheme.pdb_ins_code 
_pdbx_poly_seq_scheme.hetero 
A 1 1   SER 1   285 285 SER SER A . n 
A 1 2   ARG 2   286 286 ARG ARG A . n 
A 1 3   VAL 3   287 287 VAL VAL A . n 
A 1 4   LEU 4   288 288 LEU LEU A . n 
A 1 5   LEU 5   289 289 LEU LEU A . n 
A 1 6   ALA 6   290 290 ALA ALA A . n 
A 1 7   LEU 7   291 291 LEU LEU A . n 
A 1 8   HIS 8   292 292 HIS HIS A . n 
A 1 9   ASP 9   293 293 ASP ASP A . n 
A 1 10  ARG 10  294 294 ARG ARG A . n 
A 1 11  ALA 11  295 295 ALA ALA A . n 
A 1 12  PRO 12  296 296 PRO PRO A . n 
A 1 13  GLN 13  297 297 GLN GLN A . n 
A 1 14  LEU 14  298 298 LEU LEU A . n 
A 1 15  LYS 15  299 299 LYS LYS A . n 
A 1 16  ILE 16  300 300 ILE ILE A . n 
A 1 17  SER 17  301 301 SER SER A . n 
A 1 18  ASP 18  302 302 ASP ASP A . n 
A 1 19  ASP 19  303 303 ASP ASP A . n 
A 1 20  ARG 20  304 304 ARG ARG A . n 
A 1 21  LEU 21  305 305 LEU LEU A . n 
A 1 22  THR 22  306 306 THR THR A . n 
A 1 23  VAL 23  307 307 VAL VAL A . n 
A 1 24  VAL 24  308 308 VAL VAL A . n 
A 1 25  GLY 25  309 309 GLY GLY A . n 
A 1 26  GLU 26  310 310 GLU GLU A . n 
A 1 27  LYS 27  311 311 LYS LYS A . n 
A 1 28  GLY 28  312 312 GLY GLY A . n 
A 1 29  TYR 29  313 313 TYR TYR A . n 
A 1 30  SER 30  314 314 SER SER A . n 
A 1 31  MET 31  315 315 MET MET A . n 
A 1 32  VAL 32  316 316 VAL VAL A . n 
A 1 33  ARG 33  317 317 ARG ARG A . n 
A 1 34  ALA 34  318 318 ALA ALA A . n 
A 1 35  SER 35  319 319 SER SER A . n 
A 1 36  HIS 36  320 320 HIS HIS A . n 
A 1 37  GLY 37  321 321 GLY GLY A . n 
A 1 38  VAL 38  322 322 VAL VAL A . n 
A 1 39  ARG 39  323 323 ARG ARG A . n 
A 1 40  LYS 40  324 324 LYS LYS A . n 
A 1 41  GLY 41  325 325 GLY GLY A . n 
A 1 42  ALA 42  326 326 ALA ALA A . n 
A 1 43  TRP 43  327 327 TRP TRP A . n 
A 1 44  TYR 44  328 328 TYR TYR A . n 
A 1 45  PHE 45  329 329 PHE PHE A . n 
A 1 46  GLU 46  330 330 GLU GLU A . n 
A 1 47  ILE 47  331 331 ILE ILE A . n 
A 1 48  THR 48  332 332 THR THR A . n 
A 1 49  VAL 49  333 333 VAL VAL A . n 
A 1 50  ASP 50  334 334 ASP ASP A . n 
A 1 51  GLU 51  335 335 GLU GLU A . n 
A 1 52  MET 52  336 336 MET MET A . n 
A 1 53  PRO 53  337 337 PRO PRO A . n 
A 1 54  PRO 54  338 338 PRO PRO A . n 
A 1 55  ASP 55  339 339 ASP ASP A . n 
A 1 56  THR 56  340 340 THR THR A . n 
A 1 57  ALA 57  341 341 ALA ALA A . n 
A 1 58  ALA 58  342 342 ALA ALA A . n 
A 1 59  ARG 59  343 343 ARG ARG A . n 
A 1 60  LEU 60  344 344 LEU LEU A . n 
A 1 61  GLY 61  345 345 GLY GLY A . n 
A 1 62  TRP 62  346 346 TRP TRP A . n 
A 1 63  SER 63  347 347 SER SER A . n 
A 1 64  GLN 64  348 348 GLN GLN A . n 
A 1 65  PRO 65  349 349 PRO PRO A . n 
A 1 66  LEU 66  350 350 LEU LEU A . n 
A 1 67  GLY 67  351 351 GLY GLY A . n 
A 1 68  ASN 68  352 352 ASN ASN A . n 
A 1 69  LEU 69  353 353 LEU LEU A . n 
A 1 70  GLN 70  354 354 GLN GLN A . n 
A 1 71  ALA 71  355 355 ALA ALA A . n 
A 1 72  PRO 72  356 356 PRO PRO A . n 
A 1 73  LEU 73  357 357 LEU LEU A . n 
A 1 74  GLY 74  358 358 GLY GLY A . n 
A 1 75  TYR 75  359 359 TYR TYR A . n 
A 1 76  ASP 76  360 360 ASP ASP A . n 
A 1 77  LYS 77  361 361 LYS LYS A . n 
A 1 78  PHE 78  362 362 PHE PHE A . n 
A 1 79  SER 79  363 363 SER SER A . n 
A 1 80  TYR 80  364 364 TYR TYR A . n 
A 1 81  SER 81  365 365 SER SER A . n 
A 1 82  TRP 82  366 366 TRP TRP A . n 
A 1 83  ARG 83  367 367 ARG ARG A . n 
A 1 84  SER 84  368 368 SER SER A . n 
A 1 85  LYS 85  369 369 LYS LYS A . n 
A 1 86  LYS 86  370 370 LYS LYS A . n 
A 1 87  GLY 87  371 371 GLY GLY A . n 
A 1 88  THR 88  372 372 THR THR A . n 
A 1 89  LYS 89  373 373 LYS LYS A . n 
A 1 90  PHE 90  374 374 PHE PHE A . n 
A 1 91  HIS 91  375 375 HIS HIS A . n 
A 1 92  GLN 92  376 376 GLN GLN A . n 
A 1 93  SER 93  377 377 SER SER A . n 
A 1 94  ILE 94  378 378 ILE ILE A . n 
A 1 95  GLY 95  379 379 GLY GLY A . n 
A 1 96  LYS 96  380 380 LYS LYS A . n 
A 1 97  HIS 97  381 381 HIS HIS A . n 
A 1 98  TYR 98  382 382 TYR TYR A . n 
A 1 99  SER 99  383 383 SER SER A . n 
A 1 100 SER 100 384 384 SER SER A . n 
A 1 101 GLY 101 385 385 GLY GLY A . n 
A 1 102 TYR 102 386 386 TYR TYR A . n 
A 1 103 GLY 103 387 387 GLY GLY A . n 
A 1 104 GLN 104 388 388 GLN GLN A . n 
A 1 105 GLY 105 389 389 GLY GLY A . n 
A 1 106 ASP 106 390 390 ASP ASP A . n 
A 1 107 VAL 107 391 391 VAL VAL A . n 
A 1 108 LEU 108 392 392 LEU LEU A . n 
A 1 109 GLY 109 393 393 GLY GLY A . n 
A 1 110 PHE 110 394 394 PHE PHE A . n 
A 1 111 TYR 111 395 395 TYR TYR A . n 
A 1 112 ILE 112 396 396 ILE ILE A . n 
A 1 113 ASN 113 397 397 ASN ASN A . n 
A 1 114 LEU 114 398 398 LEU LEU A . n 
A 1 115 PRO 115 399 399 PRO PRO A . n 
A 1 116 GLU 116 400 ?   ?   ?   A . n 
A 1 117 ASP 117 401 ?   ?   ?   A . n 
A 1 118 ILE 118 440 ?   ?   ?   A . n 
A 1 119 SER 119 441 ?   ?   ?   A . n 
A 1 120 GLY 120 442 ?   ?   ?   A . n 
A 1 121 ARG 121 443 ?   ?   ?   A . n 
A 1 122 GLY 122 444 444 GLY SER A . n 
A 1 123 SER 123 445 445 SER SER A . n 
A 1 124 GLU 124 446 446 GLU GLU A . n 
A 1 125 ILE 125 447 447 ILE ILE A . n 
A 1 126 ILE 126 448 448 ILE ILE A . n 
A 1 127 PHE 127 449 449 PHE PHE A . n 
A 1 128 TYR 128 450 450 TYR TYR A . n 
A 1 129 LYS 129 451 451 LYS LYS A . n 
A 1 130 ASN 130 452 452 ASN ASN A . n 
A 1 131 GLY 131 453 453 GLY GLY A . n 
A 1 132 VAL 132 454 454 VAL VAL A . n 
A 1 133 ASN 133 455 455 ASN ASN A . n 
A 1 134 GLN 134 456 456 GLN GLN A . n 
A 1 135 GLY 135 457 457 GLY GLY A . n 
A 1 136 VAL 136 458 458 VAL VAL A . n 
A 1 137 ALA 137 459 459 ALA ALA A . n 
A 1 138 TYR 138 460 460 TYR TYR A . n 
A 1 139 LYS 139 461 461 LYS LYS A . n 
A 1 140 ASP 140 462 462 ASP ASP A . n 
A 1 141 ILE 141 463 463 ILE ILE A . n 
A 1 142 PHE 142 464 464 PHE PHE A . n 
A 1 143 GLU 143 465 465 GLU GLU A . n 
A 1 144 GLY 144 466 466 GLY GLY A . n 
A 1 145 VAL 145 467 467 VAL VAL A . n 
A 1 146 TYR 146 468 468 TYR TYR A . n 
A 1 147 PHE 147 469 469 PHE PHE A . n 
A 1 148 PRO 148 470 470 PRO PRO A . n 
A 1 149 ALA 149 471 471 ALA ALA A . n 
A 1 150 ILE 150 472 472 ILE ILE A . n 
A 1 151 SER 151 473 473 SER SER A . n 
A 1 152 LEU 152 474 474 LEU LEU A . n 
A 1 153 TYR 153 475 475 TYR TYR A . n 
A 1 154 LYS 154 476 476 LYS LYS A . n 
A 1 155 SER 155 477 477 SER SER A . n 
A 1 156 CYS 156 478 478 CYS CYS A . n 
A 1 157 THR 157 479 479 THR THR A . n 
A 1 158 VAL 158 480 480 VAL VAL A . n 
A 1 159 SER 159 481 481 SER SER A . n 
A 1 160 ILE 160 482 482 ILE ILE A . n 
A 1 161 ASN 161 483 483 ASN ASN A . n 
A 1 162 PHE 162 484 484 PHE PHE A . n 
A 1 163 GLY 163 485 485 GLY GLY A . n 
A 1 164 PRO 164 486 486 PRO PRO A . n 
A 1 165 CYS 165 487 487 CYS CYS A . n 
A 1 166 PHE 166 488 488 PHE PHE A . n 
A 1 167 LYS 167 489 489 LYS LYS A . n 
A 1 168 TYR 168 490 490 TYR TYR A . n 
A 1 169 PRO 169 491 491 PRO PRO A . n 
A 1 170 PRO 170 492 492 PRO PRO A . n 
A 1 171 LYS 171 493 493 LYS LYS A . n 
A 1 172 ASP 172 494 494 ASP ASP A . n 
A 1 173 LEU 173 495 495 LEU LEU A . n 
A 1 174 THR 174 496 496 THR THR A . n 
A 1 175 TYR 175 497 497 TYR TYR A . n 
A 1 176 ARG 176 498 498 ARG ARG A . n 
A 1 177 PRO 177 499 499 PRO PRO A . n 
A 1 178 MET 178 500 500 MET MET A . n 
A 1 179 SER 179 501 501 SER SER A . n 
A 1 180 ASP 180 502 502 ASP ASP A . n 
A 1 181 MET 181 503 503 MET MET A . n 
A 1 182 GLY 182 504 504 GLY GLY A . n 
B 2 1   GLU 1   344 344 GLU GLU B . n 
B 2 2   TYR 2   345 345 TYR TYR B . n 
B 2 3   GLU 3   346 346 GLU GLU B . n 
B 2 4   GLU 4   347 347 GLU GLU B . n 
B 2 5   ARG 5   348 348 ARG ARG B . n 
B 2 6   GLU 6   349 349 GLU GLU B . n 
B 2 7   SER 7   350 350 SER SER B . n 
B 2 8   GLU 8   351 351 GLU GLU B . n 
B 2 9   PHE 9   352 352 PHE PHE B . n 
B 2 10  ASP 10  353 353 ASP ASP B . n 
B 2 11  ILE 11  354 354 ILE ILE B . n 
B 2 12  GLU 12  355 355 GLU GLU B . n 
# 
loop_
_pdbx_nonpoly_scheme.asym_id 
_pdbx_nonpoly_scheme.entity_id 
_pdbx_nonpoly_scheme.mon_id 
_pdbx_nonpoly_scheme.ndb_seq_num 
_pdbx_nonpoly_scheme.pdb_seq_num 
_pdbx_nonpoly_scheme.auth_seq_num 
_pdbx_nonpoly_scheme.pdb_mon_id 
_pdbx_nonpoly_scheme.auth_mon_id 
_pdbx_nonpoly_scheme.pdb_strand_id 
_pdbx_nonpoly_scheme.pdb_ins_code 
C 3 GOL 1   401 3968 GOL GOL B . 
D 4 HOH 1   601 123  HOH HOH A . 
D 4 HOH 2   602 125  HOH HOH A . 
D 4 HOH 3   603 182  HOH HOH A . 
D 4 HOH 4   604 180  HOH HOH A . 
D 4 HOH 5   605 62   HOH HOH A . 
D 4 HOH 6   606 124  HOH HOH A . 
D 4 HOH 7   607 35   HOH HOH A . 
D 4 HOH 8   608 117  HOH HOH A . 
D 4 HOH 9   609 96   HOH HOH A . 
D 4 HOH 10  610 13   HOH HOH A . 
D 4 HOH 11  611 68   HOH HOH A . 
D 4 HOH 12  612 100  HOH HOH A . 
D 4 HOH 13  613 118  HOH HOH A . 
D 4 HOH 14  614 32   HOH HOH A . 
D 4 HOH 15  615 27   HOH HOH A . 
D 4 HOH 16  616 161  HOH HOH A . 
D 4 HOH 17  617 166  HOH HOH A . 
D 4 HOH 18  618 55   HOH HOH A . 
D 4 HOH 19  619 46   HOH HOH A . 
D 4 HOH 20  620 99   HOH HOH A . 
D 4 HOH 21  621 34   HOH HOH A . 
D 4 HOH 22  622 132  HOH HOH A . 
D 4 HOH 23  623 205  HOH HOH A . 
D 4 HOH 24  624 92   HOH HOH A . 
D 4 HOH 25  625 206  HOH HOH A . 
D 4 HOH 26  626 136  HOH HOH A . 
D 4 HOH 27  627 44   HOH HOH A . 
D 4 HOH 28  628 72   HOH HOH A . 
D 4 HOH 29  629 64   HOH HOH A . 
D 4 HOH 30  630 59   HOH HOH A . 
D 4 HOH 31  631 97   HOH HOH A . 
D 4 HOH 32  632 16   HOH HOH A . 
D 4 HOH 33  633 70   HOH HOH A . 
D 4 HOH 34  634 60   HOH HOH A . 
D 4 HOH 35  635 121  HOH HOH A . 
D 4 HOH 36  636 130  HOH HOH A . 
D 4 HOH 37  637 24   HOH HOH A . 
D 4 HOH 38  638 153  HOH HOH A . 
D 4 HOH 39  639 93   HOH HOH A . 
D 4 HOH 40  640 87   HOH HOH A . 
D 4 HOH 41  641 67   HOH HOH A . 
D 4 HOH 42  642 155  HOH HOH A . 
D 4 HOH 43  643 74   HOH HOH A . 
D 4 HOH 44  644 84   HOH HOH A . 
D 4 HOH 45  645 115  HOH HOH A . 
D 4 HOH 46  646 1    HOH HOH A . 
D 4 HOH 47  647 5    HOH HOH A . 
D 4 HOH 48  648 6    HOH HOH A . 
D 4 HOH 49  649 7    HOH HOH A . 
D 4 HOH 50  650 10   HOH HOH A . 
D 4 HOH 51  651 11   HOH HOH A . 
D 4 HOH 52  652 12   HOH HOH A . 
D 4 HOH 53  653 14   HOH HOH A . 
D 4 HOH 54  654 17   HOH HOH A . 
D 4 HOH 55  655 18   HOH HOH A . 
D 4 HOH 56  656 22   HOH HOH A . 
D 4 HOH 57  657 23   HOH HOH A . 
D 4 HOH 58  658 26   HOH HOH A . 
D 4 HOH 59  659 28   HOH HOH A . 
D 4 HOH 60  660 30   HOH HOH A . 
D 4 HOH 61  661 31   HOH HOH A . 
D 4 HOH 62  662 33   HOH HOH A . 
D 4 HOH 63  663 37   HOH HOH A . 
D 4 HOH 64  664 38   HOH HOH A . 
D 4 HOH 65  665 39   HOH HOH A . 
D 4 HOH 66  666 41   HOH HOH A . 
D 4 HOH 67  667 43   HOH HOH A . 
D 4 HOH 68  668 47   HOH HOH A . 
D 4 HOH 69  669 50   HOH HOH A . 
D 4 HOH 70  670 51   HOH HOH A . 
D 4 HOH 71  671 52   HOH HOH A . 
D 4 HOH 72  672 53   HOH HOH A . 
D 4 HOH 73  673 57   HOH HOH A . 
D 4 HOH 74  674 65   HOH HOH A . 
D 4 HOH 75  675 66   HOH HOH A . 
D 4 HOH 76  676 71   HOH HOH A . 
D 4 HOH 77  677 75   HOH HOH A . 
D 4 HOH 78  678 77   HOH HOH A . 
D 4 HOH 79  679 78   HOH HOH A . 
D 4 HOH 80  680 81   HOH HOH A . 
D 4 HOH 81  681 83   HOH HOH A . 
D 4 HOH 82  682 86   HOH HOH A . 
D 4 HOH 83  683 90   HOH HOH A . 
D 4 HOH 84  684 101  HOH HOH A . 
D 4 HOH 85  685 108  HOH HOH A . 
D 4 HOH 86  686 116  HOH HOH A . 
D 4 HOH 87  687 128  HOH HOH A . 
D 4 HOH 88  688 129  HOH HOH A . 
D 4 HOH 89  689 131  HOH HOH A . 
D 4 HOH 90  690 133  HOH HOH A . 
D 4 HOH 91  691 135  HOH HOH A . 
D 4 HOH 92  692 137  HOH HOH A . 
D 4 HOH 93  693 140  HOH HOH A . 
D 4 HOH 94  694 144  HOH HOH A . 
D 4 HOH 95  695 149  HOH HOH A . 
D 4 HOH 96  696 157  HOH HOH A . 
D 4 HOH 97  697 159  HOH HOH A . 
D 4 HOH 98  698 179  HOH HOH A . 
D 4 HOH 99  699 181  HOH HOH A . 
D 4 HOH 100 700 183  HOH HOH A . 
D 4 HOH 101 701 192  HOH HOH A . 
D 4 HOH 102 702 200  HOH HOH A . 
D 4 HOH 103 703 204  HOH HOH A . 
D 4 HOH 104 704 207  HOH HOH A . 
D 4 HOH 105 705 214  HOH HOH A . 
E 4 HOH 1   501 126  HOH HOH B . 
E 4 HOH 2   502 73   HOH HOH B . 
E 4 HOH 3   503 91   HOH HOH B . 
E 4 HOH 4   504 19   HOH HOH B . 
E 4 HOH 5   505 82   HOH HOH B . 
E 4 HOH 6   506 45   HOH HOH B . 
E 4 HOH 7   507 40   HOH HOH B . 
E 4 HOH 8   508 63   HOH HOH B . 
E 4 HOH 9   509 29   HOH HOH B . 
E 4 HOH 10  510 2    HOH HOH B . 
E 4 HOH 11  511 3    HOH HOH B . 
E 4 HOH 12  512 4    HOH HOH B . 
E 4 HOH 13  513 61   HOH HOH B . 
E 4 HOH 14  514 122  HOH HOH B . 
E 4 HOH 15  515 127  HOH HOH B . 
E 4 HOH 16  516 139  HOH HOH B . 
E 4 HOH 17  517 154  HOH HOH B . 
# 
loop_
_pdbx_unobs_or_zero_occ_atoms.id 
_pdbx_unobs_or_zero_occ_atoms.PDB_model_num 
_pdbx_unobs_or_zero_occ_atoms.polymer_flag 
_pdbx_unobs_or_zero_occ_atoms.occupancy_flag 
_pdbx_unobs_or_zero_occ_atoms.auth_asym_id 
_pdbx_unobs_or_zero_occ_atoms.auth_comp_id 
_pdbx_unobs_or_zero_occ_atoms.auth_seq_id 
_pdbx_unobs_or_zero_occ_atoms.PDB_ins_code 
_pdbx_unobs_or_zero_occ_atoms.auth_atom_id 
_pdbx_unobs_or_zero_occ_atoms.label_alt_id 
_pdbx_unobs_or_zero_occ_atoms.label_asym_id 
_pdbx_unobs_or_zero_occ_atoms.label_comp_id 
_pdbx_unobs_or_zero_occ_atoms.label_seq_id 
_pdbx_unobs_or_zero_occ_atoms.label_atom_id 
1  1 Y 1 A ARG 286 ? CG  ? A ARG 2   CG  
2  1 Y 1 A ARG 286 ? CD  ? A ARG 2   CD  
3  1 Y 1 A ARG 286 ? NE  ? A ARG 2   NE  
4  1 Y 1 A ARG 286 ? CZ  ? A ARG 2   CZ  
5  1 Y 1 A ARG 286 ? NH1 ? A ARG 2   NH1 
6  1 Y 1 A ARG 286 ? NH2 ? A ARG 2   NH2 
7  1 Y 1 A LYS 324 ? CG  ? A LYS 40  CG  
8  1 Y 1 A LYS 324 ? CD  ? A LYS 40  CD  
9  1 Y 1 A LYS 324 ? CE  ? A LYS 40  CE  
10 1 Y 1 A LYS 324 ? NZ  ? A LYS 40  NZ  
11 1 Y 1 A LYS 361 ? CG  ? A LYS 77  CG  
12 1 Y 1 A LYS 361 ? CD  ? A LYS 77  CD  
13 1 Y 1 A LYS 361 ? CE  ? A LYS 77  CE  
14 1 Y 1 A LYS 361 ? NZ  ? A LYS 77  NZ  
15 1 Y 1 A GLU 465 ? CG  ? A GLU 143 CG  
16 1 Y 1 A GLU 465 ? CD  ? A GLU 143 CD  
17 1 Y 1 A GLU 465 ? OE1 ? A GLU 143 OE1 
18 1 Y 1 A GLU 465 ? OE2 ? A GLU 143 OE2 
19 1 Y 1 B GLU 355 ? CG  ? B GLU 12  CG  
20 1 Y 1 B GLU 355 ? CD  ? B GLU 12  CD  
21 1 Y 1 B GLU 355 ? OE1 ? B GLU 12  OE1 
22 1 Y 1 B GLU 355 ? OE2 ? B GLU 12  OE2 
# 
loop_
_software.citation_id 
_software.classification 
_software.compiler_name 
_software.compiler_version 
_software.contact_author 
_software.contact_author_email 
_software.date 
_software.description 
_software.dependencies 
_software.hardware 
_software.language 
_software.location 
_software.mods 
_software.name 
_software.os 
_software.os_version 
_software.type 
_software.version 
_software.pdbx_ordinal 
? refinement       ? ? ? ? ? ? ? ? ? ? ? BUSTER ? ? ? 2.10.0 1 
? 'data reduction' ? ? ? ? ? ? ? ? ? ? ? d*TREK ? ? ? .      2 
? 'data scaling'   ? ? ? ? ? ? ? ? ? ? ? d*TREK ? ? ? .      3 
? phasing          ? ? ? ? ? ? ? ? ? ? ? PHASER ? ? ? .      4 
# 
_cell.angle_alpha                  90.00 
_cell.angle_alpha_esd              ? 
_cell.angle_beta                   90.00 
_cell.angle_beta_esd               ? 
_cell.angle_gamma                  90.00 
_cell.angle_gamma_esd              ? 
_cell.entry_id                     4X8P 
_cell.details                      ? 
_cell.formula_units_Z              ? 
_cell.length_a                     51.500 
_cell.length_a_esd                 ? 
_cell.length_b                     59.100 
_cell.length_b_esd                 ? 
_cell.length_c                     70.800 
_cell.length_c_esd                 ? 
_cell.volume                       ? 
_cell.volume_esd                   ? 
_cell.Z_PDB                        4 
_cell.reciprocal_angle_alpha       ? 
_cell.reciprocal_angle_beta        ? 
_cell.reciprocal_angle_gamma       ? 
_cell.reciprocal_angle_alpha_esd   ? 
_cell.reciprocal_angle_beta_esd    ? 
_cell.reciprocal_angle_gamma_esd   ? 
_cell.reciprocal_length_a          ? 
_cell.reciprocal_length_b          ? 
_cell.reciprocal_length_c          ? 
_cell.reciprocal_length_a_esd      ? 
_cell.reciprocal_length_b_esd      ? 
_cell.reciprocal_length_c_esd      ? 
_cell.pdbx_unique_axis             ? 
# 
_symmetry.entry_id                         4X8P 
_symmetry.cell_setting                     ? 
_symmetry.Int_Tables_number                19 
_symmetry.space_group_name_Hall            ? 
_symmetry.space_group_name_H-M             'P 21 21 21' 
_symmetry.pdbx_full_space_group_name_H-M   ? 
# 
_exptl.absorpt_coefficient_mu     ? 
_exptl.absorpt_correction_T_max   ? 
_exptl.absorpt_correction_T_min   ? 
_exptl.absorpt_correction_type    ? 
_exptl.absorpt_process_details    ? 
_exptl.entry_id                   4X8P 
_exptl.crystals_number            ? 
_exptl.details                    ? 
_exptl.method                     'X-RAY DIFFRACTION' 
_exptl.method_details             ? 
# 
_exptl_crystal.colour                      ? 
_exptl_crystal.density_diffrn              ? 
_exptl_crystal.density_Matthews            2.45 
_exptl_crystal.density_method              ? 
_exptl_crystal.density_percent_sol         49.81 
_exptl_crystal.description                 ? 
_exptl_crystal.F_000                       ? 
_exptl_crystal.id                          1 
_exptl_crystal.preparation                 ? 
_exptl_crystal.size_max                    ? 
_exptl_crystal.size_mid                    ? 
_exptl_crystal.size_min                    ? 
_exptl_crystal.size_rad                    ? 
_exptl_crystal.colour_lustre               ? 
_exptl_crystal.colour_modifier             ? 
_exptl_crystal.colour_primary              ? 
_exptl_crystal.density_meas                ? 
_exptl_crystal.density_meas_esd            ? 
_exptl_crystal.density_meas_gt             ? 
_exptl_crystal.density_meas_lt             ? 
_exptl_crystal.density_meas_temp           ? 
_exptl_crystal.density_meas_temp_esd       ? 
_exptl_crystal.density_meas_temp_gt        ? 
_exptl_crystal.density_meas_temp_lt        ? 
_exptl_crystal.pdbx_crystal_image_url      ? 
_exptl_crystal.pdbx_crystal_image_format   ? 
_exptl_crystal.pdbx_mosaicity              ? 
_exptl_crystal.pdbx_mosaicity_esd          ? 
# 
_exptl_crystal_grow.apparatus       ? 
_exptl_crystal_grow.atmosphere      ? 
_exptl_crystal_grow.crystal_id      1 
_exptl_crystal_grow.details         ? 
_exptl_crystal_grow.method          'VAPOR DIFFUSION, HANGING DROP' 
_exptl_crystal_grow.method_ref      ? 
_exptl_crystal_grow.pH              5.5 
_exptl_crystal_grow.pressure        ? 
_exptl_crystal_grow.pressure_esd    ? 
_exptl_crystal_grow.seeding         ? 
_exptl_crystal_grow.seeding_ref     ? 
_exptl_crystal_grow.temp            291 
_exptl_crystal_grow.temp_details    ? 
_exptl_crystal_grow.temp_esd        ? 
_exptl_crystal_grow.time            ? 
_exptl_crystal_grow.pdbx_details    '0.2 M magnesium chloride hexahydrate, 0.1 M BIS-TRIS, pH 5.5, 25% w/v polyethylene glycol' 
_exptl_crystal_grow.pdbx_pH_range   ? 
# 
_diffrn.ambient_environment    ? 
_diffrn.ambient_temp           100 
_diffrn.ambient_temp_details   ? 
_diffrn.ambient_temp_esd       ? 
_diffrn.crystal_id             1 
_diffrn.crystal_support        ? 
_diffrn.crystal_treatment      ? 
_diffrn.details                ? 
_diffrn.id                     1 
_diffrn.ambient_pressure       ? 
_diffrn.ambient_pressure_esd   ? 
_diffrn.ambient_pressure_gt    ? 
_diffrn.ambient_pressure_lt    ? 
_diffrn.ambient_temp_gt        ? 
_diffrn.ambient_temp_lt        ? 
# 
_diffrn_detector.details                      ? 
_diffrn_detector.detector                     'IMAGE PLATE' 
_diffrn_detector.diffrn_id                    1 
_diffrn_detector.type                         'RIGAKU RAXIS IV++' 
_diffrn_detector.area_resol_mean              ? 
_diffrn_detector.dtime                        ? 
_diffrn_detector.pdbx_frames_total            ? 
_diffrn_detector.pdbx_collection_time_total   ? 
_diffrn_detector.pdbx_collection_date         2014-03-01 
# 
_diffrn_radiation.collimation                      ? 
_diffrn_radiation.diffrn_id                        1 
_diffrn_radiation.filter_edge                      ? 
_diffrn_radiation.inhomogeneity                    ? 
_diffrn_radiation.monochromator                    ? 
_diffrn_radiation.polarisn_norm                    ? 
_diffrn_radiation.polarisn_ratio                   ? 
_diffrn_radiation.probe                            ? 
_diffrn_radiation.type                             ? 
_diffrn_radiation.xray_symbol                      ? 
_diffrn_radiation.wavelength_id                    1 
_diffrn_radiation.pdbx_monochromatic_or_laue_m_l   M 
_diffrn_radiation.pdbx_wavelength_list             ? 
_diffrn_radiation.pdbx_wavelength                  ? 
_diffrn_radiation.pdbx_diffrn_protocol             'SINGLE WAVELENGTH' 
_diffrn_radiation.pdbx_analyzer                    ? 
_diffrn_radiation.pdbx_scattering_type             x-ray 
# 
_diffrn_radiation_wavelength.id           1 
_diffrn_radiation_wavelength.wavelength   1.54 
_diffrn_radiation_wavelength.wt           1.0 
# 
_diffrn_source.current                     ? 
_diffrn_source.details                     ? 
_diffrn_source.diffrn_id                   1 
_diffrn_source.power                       ? 
_diffrn_source.size                        ? 
_diffrn_source.source                      'ROTATING ANODE' 
_diffrn_source.target                      ? 
_diffrn_source.type                        'Cu FINE FOCUS' 
_diffrn_source.voltage                     ? 
_diffrn_source.take-off_angle              ? 
_diffrn_source.pdbx_wavelength_list        1.54 
_diffrn_source.pdbx_wavelength             ? 
_diffrn_source.pdbx_synchrotron_beamline   ? 
_diffrn_source.pdbx_synchrotron_site       ? 
# 
_reflns.B_iso_Wilson_estimate            25.54 
_reflns.entry_id                         4X8P 
_reflns.data_reduction_details           ? 
_reflns.data_reduction_method            ? 
_reflns.d_resolution_high                2.2 
_reflns.d_resolution_low                 29.6 
_reflns.details                          ? 
_reflns.limit_h_max                      ? 
_reflns.limit_h_min                      ? 
_reflns.limit_k_max                      ? 
_reflns.limit_k_min                      ? 
_reflns.limit_l_max                      ? 
_reflns.limit_l_min                      ? 
_reflns.number_all                       ? 
_reflns.number_obs                       11628 
_reflns.observed_criterion               ? 
_reflns.observed_criterion_F_max         ? 
_reflns.observed_criterion_F_min         ? 
_reflns.observed_criterion_I_max         ? 
_reflns.observed_criterion_I_min         ? 
_reflns.observed_criterion_sigma_F       ? 
_reflns.observed_criterion_sigma_I       ? 
_reflns.percent_possible_obs             96.6 
_reflns.R_free_details                   ? 
_reflns.Rmerge_F_all                     ? 
_reflns.Rmerge_F_obs                     ? 
_reflns.Friedel_coverage                 ? 
_reflns.number_gt                        ? 
_reflns.threshold_expression             ? 
_reflns.pdbx_redundancy                  3.4 
_reflns.pdbx_Rmerge_I_obs                ? 
_reflns.pdbx_Rmerge_I_all                ? 
_reflns.pdbx_Rsym_value                  ? 
_reflns.pdbx_netI_over_av_sigmaI         ? 
_reflns.pdbx_netI_over_sigmaI            16.5 
_reflns.pdbx_res_netI_over_av_sigmaI_2   ? 
_reflns.pdbx_res_netI_over_sigmaI_2      ? 
_reflns.pdbx_chi_squared                 ? 
_reflns.pdbx_scaling_rejects             ? 
_reflns.pdbx_d_res_high_opt              ? 
_reflns.pdbx_d_res_low_opt               ? 
_reflns.pdbx_d_res_opt_method            ? 
_reflns.phase_calculation_details        ? 
_reflns.pdbx_Rrim_I_all                  ? 
_reflns.pdbx_Rpim_I_all                  ? 
_reflns.pdbx_d_opt                       ? 
_reflns.pdbx_number_measured_all         ? 
_reflns.pdbx_diffrn_id                   1 
_reflns.pdbx_ordinal                     1 
_reflns.pdbx_CC_half                     ? 
_reflns.pdbx_R_split                     ? 
# 
_refine.aniso_B[1][1]                            -0.7524 
_refine.aniso_B[1][2]                            0.0000 
_refine.aniso_B[1][3]                            0.0000 
_refine.aniso_B[2][2]                            -0.8622 
_refine.aniso_B[2][3]                            0.0000 
_refine.aniso_B[3][3]                            1.6147 
_refine.B_iso_max                                ? 
_refine.B_iso_mean                               16.23 
_refine.B_iso_min                                ? 
_refine.correlation_coeff_Fo_to_Fc               0.9168 
_refine.correlation_coeff_Fo_to_Fc_free          0.8840 
_refine.details                                  ? 
_refine.diff_density_max                         ? 
_refine.diff_density_max_esd                     ? 
_refine.diff_density_min                         ? 
_refine.diff_density_min_esd                     ? 
_refine.diff_density_rms                         ? 
_refine.diff_density_rms_esd                     ? 
_refine.entry_id                                 4X8P 
_refine.pdbx_refine_id                           'X-RAY DIFFRACTION' 
_refine.ls_abs_structure_details                 ? 
_refine.ls_abs_structure_Flack                   ? 
_refine.ls_abs_structure_Flack_esd               ? 
_refine.ls_abs_structure_Rogers                  ? 
_refine.ls_abs_structure_Rogers_esd              ? 
_refine.ls_d_res_high                            2.20 
_refine.ls_d_res_low                             29.17 
_refine.ls_extinction_coef                       ? 
_refine.ls_extinction_coef_esd                   ? 
_refine.ls_extinction_expression                 ? 
_refine.ls_extinction_method                     ? 
_refine.ls_goodness_of_fit_all                   ? 
_refine.ls_goodness_of_fit_all_esd               ? 
_refine.ls_goodness_of_fit_obs                   ? 
_refine.ls_goodness_of_fit_obs_esd               ? 
_refine.ls_hydrogen_treatment                    ? 
_refine.ls_matrix_type                           ? 
_refine.ls_number_constraints                    ? 
_refine.ls_number_parameters                     ? 
_refine.ls_number_reflns_all                     ? 
_refine.ls_number_reflns_obs                     11232 
_refine.ls_number_reflns_R_free                  537 
_refine.ls_number_reflns_R_work                  ? 
_refine.ls_number_restraints                     ? 
_refine.ls_percent_reflns_obs                    98.19 
_refine.ls_percent_reflns_R_free                 4.78 
_refine.ls_R_factor_all                          ? 
_refine.ls_R_factor_obs                          0.2223 
_refine.ls_R_factor_R_free                       0.2710 
_refine.ls_R_factor_R_free_error                 ? 
_refine.ls_R_factor_R_free_error_details         ? 
_refine.ls_R_factor_R_work                       0.2199 
_refine.ls_R_Fsqd_factor_obs                     ? 
_refine.ls_R_I_factor_obs                        ? 
_refine.ls_redundancy_reflns_all                 ? 
_refine.ls_redundancy_reflns_obs                 ? 
_refine.ls_restrained_S_all                      ? 
_refine.ls_restrained_S_obs                      ? 
_refine.ls_shift_over_esd_max                    ? 
_refine.ls_shift_over_esd_mean                   ? 
_refine.ls_structure_factor_coef                 ? 
_refine.ls_weighting_details                     ? 
_refine.ls_weighting_scheme                      ? 
_refine.ls_wR_factor_all                         ? 
_refine.ls_wR_factor_obs                         ? 
_refine.ls_wR_factor_R_free                      ? 
_refine.ls_wR_factor_R_work                      ? 
_refine.occupancy_max                            ? 
_refine.occupancy_min                            ? 
_refine.solvent_model_details                    ? 
_refine.solvent_model_param_bsol                 ? 
_refine.solvent_model_param_ksol                 ? 
_refine.ls_R_factor_gt                           ? 
_refine.ls_goodness_of_fit_gt                    ? 
_refine.ls_goodness_of_fit_ref                   ? 
_refine.ls_shift_over_su_max                     ? 
_refine.ls_shift_over_su_max_lt                  ? 
_refine.ls_shift_over_su_mean                    ? 
_refine.ls_shift_over_su_mean_lt                 ? 
_refine.pdbx_ls_sigma_I                          ? 
_refine.pdbx_ls_sigma_F                          0.0 
_refine.pdbx_ls_sigma_Fsqd                       ? 
_refine.pdbx_data_cutoff_high_absF               ? 
_refine.pdbx_data_cutoff_high_rms_absF           ? 
_refine.pdbx_data_cutoff_low_absF                ? 
_refine.pdbx_isotropic_thermal_model             ? 
_refine.pdbx_ls_cross_valid_method               THROUGHOUT 
_refine.pdbx_method_to_determine_struct          ? 
_refine.pdbx_starting_model                      ? 
_refine.pdbx_stereochemistry_target_values       ? 
_refine.pdbx_R_Free_selection_details            RANDOM 
_refine.pdbx_stereochem_target_val_spec_case     ? 
_refine.pdbx_overall_ESU_R                       ? 
_refine.pdbx_overall_ESU_R_Free                  ? 
_refine.pdbx_solvent_vdw_probe_radii             ? 
_refine.pdbx_solvent_ion_probe_radii             ? 
_refine.pdbx_solvent_shrinkage_radii             ? 
_refine.pdbx_real_space_R                        ? 
_refine.pdbx_density_correlation                 ? 
_refine.pdbx_pd_number_of_powder_patterns        ? 
_refine.pdbx_pd_number_of_points                 ? 
_refine.pdbx_pd_meas_number_of_points            ? 
_refine.pdbx_pd_proc_ls_prof_R_factor            ? 
_refine.pdbx_pd_proc_ls_prof_wR_factor           ? 
_refine.pdbx_pd_Marquardt_correlation_coeff      ? 
_refine.pdbx_pd_Fsqrd_R_factor                   ? 
_refine.pdbx_pd_ls_matrix_band_width             ? 
_refine.pdbx_overall_phase_error                 ? 
_refine.pdbx_overall_SU_R_free_Cruickshank_DPI   0.227 
_refine.pdbx_overall_SU_R_free_Blow_DPI          0.233 
_refine.pdbx_overall_SU_R_Blow_DPI               0.311 
_refine.pdbx_TLS_residual_ADP_flag               ? 
_refine.pdbx_diffrn_id                           1 
_refine.overall_SU_B                             ? 
_refine.overall_SU_ML                            ? 
_refine.overall_SU_R_Cruickshank_DPI             0.282 
_refine.overall_SU_R_free                        ? 
_refine.overall_FOM_free_R_set                   ? 
_refine.overall_FOM_work_R_set                   ? 
_refine.pdbx_average_fsc_overall                 ? 
_refine.pdbx_average_fsc_work                    ? 
_refine.pdbx_average_fsc_free                    ? 
# 
_refine_analyze.entry_id                        4X8P 
_refine_analyze.pdbx_refine_id                  'X-RAY DIFFRACTION' 
_refine_analyze.Luzzati_coordinate_error_free   ? 
_refine_analyze.Luzzati_coordinate_error_obs    0.282 
_refine_analyze.Luzzati_d_res_low_free          ? 
_refine_analyze.Luzzati_d_res_low_obs           ? 
_refine_analyze.Luzzati_sigma_a_free            ? 
_refine_analyze.Luzzati_sigma_a_free_details    ? 
_refine_analyze.Luzzati_sigma_a_obs             ? 
_refine_analyze.Luzzati_sigma_a_obs_details     ? 
_refine_analyze.number_disordered_residues      ? 
_refine_analyze.occupancy_sum_hydrogen          ? 
_refine_analyze.occupancy_sum_non_hydrogen      ? 
_refine_analyze.RG_d_res_high                   ? 
_refine_analyze.RG_d_res_low                    ? 
_refine_analyze.RG_free                         ? 
_refine_analyze.RG_work                         ? 
_refine_analyze.RG_free_work_ratio              ? 
_refine_analyze.pdbx_Luzzati_d_res_high_obs     ? 
# 
_refine_hist.pdbx_refine_id                   'X-RAY DIFFRACTION' 
_refine_hist.cycle_id                         1 
_refine_hist.pdbx_number_atoms_protein        1483 
_refine_hist.pdbx_number_atoms_nucleic_acid   0 
_refine_hist.pdbx_number_atoms_ligand         6 
_refine_hist.number_atoms_solvent             122 
_refine_hist.number_atoms_total               1611 
_refine_hist.d_res_high                       2.20 
_refine_hist.d_res_low                        29.17 
# 
loop_
_refine_ls_restr.pdbx_refine_id 
_refine_ls_restr.criterion 
_refine_ls_restr.dev_ideal 
_refine_ls_restr.dev_ideal_target 
_refine_ls_restr.number 
_refine_ls_restr.rejects 
_refine_ls_restr.type 
_refine_ls_restr.weight 
_refine_ls_restr.pdbx_restraint_function 
'X-RAY DIFFRACTION' ? 0.010 ? 1530 ? t_bond_d                  2.00  HARMONIC     
'X-RAY DIFFRACTION' ? 1.05  ? 2068 ? t_angle_deg               2.00  HARMONIC     
'X-RAY DIFFRACTION' ? ?     ? 504  ? t_dihedral_angle_d        2.00  SINUSOIDAL   
'X-RAY DIFFRACTION' ? ?     ? ?    ? t_incorr_chiral_ct        ?     ?            
'X-RAY DIFFRACTION' ? ?     ? ?    ? t_pseud_angle             ?     ?            
'X-RAY DIFFRACTION' ? ?     ? 31   ? t_trig_c_planes           2.00  HARMONIC     
'X-RAY DIFFRACTION' ? ?     ? 224  ? t_gen_planes              5.00  HARMONIC     
'X-RAY DIFFRACTION' ? ?     ? 1530 ? t_it                      20.00 HARMONIC     
'X-RAY DIFFRACTION' ? ?     ? ?    ? t_nbd                     ?     ?            
'X-RAY DIFFRACTION' ? 3.61  ? ?    ? t_omega_torsion           ?     ?            
'X-RAY DIFFRACTION' ? 16.01 ? ?    ? t_other_torsion           ?     ?            
'X-RAY DIFFRACTION' ? ?     ? ?    ? t_improper_torsion        ?     ?            
'X-RAY DIFFRACTION' ? ?     ? 186  ? t_chiral_improper_torsion 5.00  SEMIHARMONIC 
'X-RAY DIFFRACTION' ? ?     ? ?    ? t_sum_occupancies         ?     ?            
'X-RAY DIFFRACTION' ? ?     ? ?    ? t_utility_distance        ?     ?            
'X-RAY DIFFRACTION' ? ?     ? ?    ? t_utility_angle           ?     ?            
'X-RAY DIFFRACTION' ? ?     ? ?    ? t_utility_torsion         ?     ?            
'X-RAY DIFFRACTION' ? ?     ? 1862 ? t_ideal_dist_contact      4.00  SEMIHARMONIC 
# 
_refine_ls_shell.pdbx_refine_id                   'X-RAY DIFFRACTION' 
_refine_ls_shell.d_res_high                       2.20 
_refine_ls_shell.d_res_low                        2.41 
_refine_ls_shell.number_reflns_all                2628 
_refine_ls_shell.number_reflns_obs                ? 
_refine_ls_shell.number_reflns_R_free             130 
_refine_ls_shell.number_reflns_R_work             2498 
_refine_ls_shell.percent_reflns_obs               98.19 
_refine_ls_shell.percent_reflns_R_free            4.95 
_refine_ls_shell.R_factor_all                     0.2671 
_refine_ls_shell.R_factor_obs                     ? 
_refine_ls_shell.R_factor_R_free                  0.3554 
_refine_ls_shell.R_factor_R_free_error            ? 
_refine_ls_shell.R_factor_R_work                  0.2629 
_refine_ls_shell.redundancy_reflns_all            ? 
_refine_ls_shell.redundancy_reflns_obs            ? 
_refine_ls_shell.wR_factor_all                    ? 
_refine_ls_shell.wR_factor_obs                    ? 
_refine_ls_shell.wR_factor_R_free                 ? 
_refine_ls_shell.wR_factor_R_work                 ? 
_refine_ls_shell.pdbx_total_number_of_bins_used   6 
_refine_ls_shell.pdbx_phase_error                 ? 
_refine_ls_shell.pdbx_fsc_work                    ? 
_refine_ls_shell.pdbx_fsc_free                    ? 
# 
_struct.entry_id                     4X8P 
_struct.title                        'Crystal structure of Ash2L SPRY domain in complex with RbBP5' 
_struct.pdbx_model_details           ? 
_struct.pdbx_formula_weight          ? 
_struct.pdbx_formula_weight_method   ? 
_struct.pdbx_model_type_details      ? 
_struct.pdbx_CASP_flag               ? 
# 
_struct_keywords.entry_id        4X8P 
_struct_keywords.text            'histone, MLL1, epigenetics, PROTEIN BINDING' 
_struct_keywords.pdbx_keywords   'PROTEIN BINDING' 
# 
loop_
_struct_asym.id 
_struct_asym.pdbx_blank_PDB_chainid_flag 
_struct_asym.pdbx_modified 
_struct_asym.entity_id 
_struct_asym.details 
A N N 1 ? 
B N N 2 ? 
C N N 3 ? 
D N N 4 ? 
E N N 4 ? 
# 
loop_
_struct_ref.id 
_struct_ref.db_name 
_struct_ref.db_code 
_struct_ref.pdbx_db_accession 
_struct_ref.pdbx_db_isoform 
_struct_ref.entity_id 
_struct_ref.pdbx_seq_one_letter_code 
_struct_ref.pdbx_align_begin 
1 UNP ASH2L_HUMAN Q9UBL3 ? 1 
;RVLLALHDRAPQLKISDDRLTVVGEKGYSMVRASHGVRKGAWYFEITVDEMPPDTAARLGWSQPLGNLQAPLGYDKFSYS
WRSKKGTKFHQSIGKHYSSGYGQGDVLGFYINLPED
;
380 
2 UNP ASH2L_HUMAN Q9UBL3 ? 1 SEIIFYKNGVNQGVAYKDIFEGVYFPAISLYKSCTVSINFGPCFKYPPKDLTYRPMSDMG 539 
3 UNP RBBP5_HUMAN Q15291 ? 2 EYEERESEFDIE 344 
# 
loop_
_struct_ref_seq.align_id 
_struct_ref_seq.ref_id 
_struct_ref_seq.pdbx_PDB_id_code 
_struct_ref_seq.pdbx_strand_id 
_struct_ref_seq.seq_align_beg 
_struct_ref_seq.pdbx_seq_align_beg_ins_code 
_struct_ref_seq.seq_align_end 
_struct_ref_seq.pdbx_seq_align_end_ins_code 
_struct_ref_seq.pdbx_db_accession 
_struct_ref_seq.db_align_beg 
_struct_ref_seq.pdbx_db_align_beg_ins_code 
_struct_ref_seq.db_align_end 
_struct_ref_seq.pdbx_db_align_end_ins_code 
_struct_ref_seq.pdbx_auth_seq_align_beg 
_struct_ref_seq.pdbx_auth_seq_align_end 
1 1 4X8P A 2   ? 117 ? Q9UBL3 380 ? 495 ? 286 401 
2 2 4X8P A 123 ? 182 ? Q9UBL3 539 ? 598 ? 445 504 
3 3 4X8P B 1   ? 12  ? Q15291 344 ? 355 ? 344 355 
# 
loop_
_struct_ref_seq_dif.align_id 
_struct_ref_seq_dif.pdbx_pdb_id_code 
_struct_ref_seq_dif.mon_id 
_struct_ref_seq_dif.pdbx_pdb_strand_id 
_struct_ref_seq_dif.seq_num 
_struct_ref_seq_dif.pdbx_pdb_ins_code 
_struct_ref_seq_dif.pdbx_seq_db_name 
_struct_ref_seq_dif.pdbx_seq_db_accession_code 
_struct_ref_seq_dif.db_mon_id 
_struct_ref_seq_dif.pdbx_seq_db_seq_num 
_struct_ref_seq_dif.details 
_struct_ref_seq_dif.pdbx_auth_seq_num 
_struct_ref_seq_dif.pdbx_ordinal 
1 4X8P SER A 1   ? UNP Q9UBL3 ? ? 'expression tag' 285 1 
1 4X8P ILE A 118 ? UNP Q9UBL3 ? ? linker           440 2 
1 4X8P SER A 119 ? UNP Q9UBL3 ? ? linker           441 3 
1 4X8P GLY A 120 ? UNP Q9UBL3 ? ? linker           442 4 
1 4X8P ARG A 121 ? UNP Q9UBL3 ? ? linker           443 5 
1 4X8P GLY A 122 ? UNP Q9UBL3 ? ? linker           444 6 
# 
_pdbx_struct_assembly.id                   1 
_pdbx_struct_assembly.details              author_and_software_defined_assembly 
_pdbx_struct_assembly.method_details       PISA 
_pdbx_struct_assembly.oligomeric_details   dimeric 
_pdbx_struct_assembly.oligomeric_count     2 
# 
loop_
_pdbx_struct_assembly_prop.biol_id 
_pdbx_struct_assembly_prop.type 
_pdbx_struct_assembly_prop.value 
_pdbx_struct_assembly_prop.details 
1 'ABSA (A^2)' 1090 ? 
1 MORE         -4   ? 
1 'SSA (A^2)'  8590 ? 
# 
_pdbx_struct_assembly_gen.assembly_id       1 
_pdbx_struct_assembly_gen.oper_expression   1 
_pdbx_struct_assembly_gen.asym_id_list      A,B,C,D,E 
# 
_pdbx_struct_oper_list.id                   1 
_pdbx_struct_oper_list.type                 'identity operation' 
_pdbx_struct_oper_list.name                 1_555 
_pdbx_struct_oper_list.symmetry_operation   x,y,z 
_pdbx_struct_oper_list.matrix[1][1]         1.0000000000 
_pdbx_struct_oper_list.matrix[1][2]         0.0000000000 
_pdbx_struct_oper_list.matrix[1][3]         0.0000000000 
_pdbx_struct_oper_list.vector[1]            0.0000000000 
_pdbx_struct_oper_list.matrix[2][1]         0.0000000000 
_pdbx_struct_oper_list.matrix[2][2]         1.0000000000 
_pdbx_struct_oper_list.matrix[2][3]         0.0000000000 
_pdbx_struct_oper_list.vector[2]            0.0000000000 
_pdbx_struct_oper_list.matrix[3][1]         0.0000000000 
_pdbx_struct_oper_list.matrix[3][2]         0.0000000000 
_pdbx_struct_oper_list.matrix[3][3]         1.0000000000 
_pdbx_struct_oper_list.vector[3]            0.0000000000 
# 
_struct_conf.conf_type_id            HELX_P 
_struct_conf.id                      HELX_P1 
_struct_conf.pdbx_PDB_helix_id       AA1 
_struct_conf.beg_label_comp_id       SER 
_struct_conf.beg_label_asym_id       A 
_struct_conf.beg_label_seq_id        179 
_struct_conf.pdbx_beg_PDB_ins_code   ? 
_struct_conf.end_label_comp_id       GLY 
_struct_conf.end_label_asym_id       A 
_struct_conf.end_label_seq_id        182 
_struct_conf.pdbx_end_PDB_ins_code   ? 
_struct_conf.beg_auth_comp_id        SER 
_struct_conf.beg_auth_asym_id        A 
_struct_conf.beg_auth_seq_id         501 
_struct_conf.end_auth_comp_id        GLY 
_struct_conf.end_auth_asym_id        A 
_struct_conf.end_auth_seq_id         504 
_struct_conf.pdbx_PDB_helix_class    5 
_struct_conf.details                 ? 
_struct_conf.pdbx_PDB_helix_length   4 
# 
_struct_conf_type.id          HELX_P 
_struct_conf_type.criteria    ? 
_struct_conf_type.reference   ? 
# 
_struct_mon_prot_cis.pdbx_id                1 
_struct_mon_prot_cis.label_comp_id          GLY 
_struct_mon_prot_cis.label_seq_id           163 
_struct_mon_prot_cis.label_asym_id          A 
_struct_mon_prot_cis.label_alt_id           . 
_struct_mon_prot_cis.pdbx_PDB_ins_code      ? 
_struct_mon_prot_cis.auth_comp_id           GLY 
_struct_mon_prot_cis.auth_seq_id            485 
_struct_mon_prot_cis.auth_asym_id           A 
_struct_mon_prot_cis.pdbx_label_comp_id_2   PRO 
_struct_mon_prot_cis.pdbx_label_seq_id_2    164 
_struct_mon_prot_cis.pdbx_label_asym_id_2   A 
_struct_mon_prot_cis.pdbx_PDB_ins_code_2    ? 
_struct_mon_prot_cis.pdbx_auth_comp_id_2    PRO 
_struct_mon_prot_cis.pdbx_auth_seq_id_2     486 
_struct_mon_prot_cis.pdbx_auth_asym_id_2    A 
_struct_mon_prot_cis.pdbx_PDB_model_num     1 
_struct_mon_prot_cis.pdbx_omega_angle       2.86 
# 
loop_
_struct_sheet.id 
_struct_sheet.type 
_struct_sheet.number_strands 
_struct_sheet.details 
AA1 ? 7 ? 
AA2 ? 7 ? 
AA3 ? 5 ? 
# 
loop_
_struct_sheet_order.sheet_id 
_struct_sheet_order.range_id_1 
_struct_sheet_order.range_id_2 
_struct_sheet_order.offset 
_struct_sheet_order.sense 
AA1 1 2 ? anti-parallel 
AA1 2 3 ? anti-parallel 
AA1 3 4 ? anti-parallel 
AA1 4 5 ? anti-parallel 
AA1 5 6 ? anti-parallel 
AA1 6 7 ? anti-parallel 
AA2 1 2 ? anti-parallel 
AA2 2 3 ? anti-parallel 
AA2 3 4 ? anti-parallel 
AA2 4 5 ? anti-parallel 
AA2 5 6 ? anti-parallel 
AA2 6 7 ? anti-parallel 
AA3 1 2 ? anti-parallel 
AA3 2 3 ? anti-parallel 
AA3 3 4 ? anti-parallel 
AA3 4 5 ? parallel      
# 
loop_
_struct_sheet_range.sheet_id 
_struct_sheet_range.id 
_struct_sheet_range.beg_label_comp_id 
_struct_sheet_range.beg_label_asym_id 
_struct_sheet_range.beg_label_seq_id 
_struct_sheet_range.pdbx_beg_PDB_ins_code 
_struct_sheet_range.end_label_comp_id 
_struct_sheet_range.end_label_asym_id 
_struct_sheet_range.end_label_seq_id 
_struct_sheet_range.pdbx_end_PDB_ins_code 
_struct_sheet_range.beg_auth_comp_id 
_struct_sheet_range.beg_auth_asym_id 
_struct_sheet_range.beg_auth_seq_id 
_struct_sheet_range.end_auth_comp_id 
_struct_sheet_range.end_auth_asym_id 
_struct_sheet_range.end_auth_seq_id 
AA1 1 LEU A 5   ? ARG A 10  ? LEU A 289 ARG A 294 
AA1 2 SER A 30  ? ALA A 34  ? SER A 314 ALA A 318 
AA1 3 PHE A 147 ? TYR A 153 ? PHE A 469 TYR A 475 
AA1 4 ALA A 57  ? SER A 63  ? ALA A 341 SER A 347 
AA1 5 SER A 79  ? ARG A 83  ? SER A 363 ARG A 367 
AA1 6 LYS A 89  ? HIS A 91  ? LYS A 373 HIS A 375 
AA1 7 ILE A 94  ? LYS A 96  ? ILE A 378 LYS A 380 
AA2 1 LYS A 15  ? ILE A 16  ? LYS A 299 ILE A 300 
AA2 2 THR A 22  ? VAL A 24  ? THR A 306 VAL A 308 
AA2 3 THR A 157 ? ASN A 161 ? THR A 479 ASN A 483 
AA2 4 GLY A 41  ? GLU A 51  ? GLY A 325 GLU A 335 
AA2 5 VAL A 107 ? LEU A 114 ? VAL A 391 LEU A 398 
AA2 6 GLU A 124 ? LYS A 129 ? GLU A 446 LYS A 451 
AA2 7 VAL A 132 ? LYS A 139 ? VAL A 454 LYS A 461 
AA3 1 LYS A 15  ? ILE A 16  ? LYS A 299 ILE A 300 
AA3 2 THR A 22  ? VAL A 24  ? THR A 306 VAL A 308 
AA3 3 THR A 157 ? ASN A 161 ? THR A 479 ASN A 483 
AA3 4 GLY A 41  ? GLU A 51  ? GLY A 325 GLU A 335 
AA3 5 ARG A 176 ? PRO A 177 ? ARG A 498 PRO A 499 
# 
loop_
_pdbx_struct_sheet_hbond.sheet_id 
_pdbx_struct_sheet_hbond.range_id_1 
_pdbx_struct_sheet_hbond.range_id_2 
_pdbx_struct_sheet_hbond.range_1_label_atom_id 
_pdbx_struct_sheet_hbond.range_1_label_comp_id 
_pdbx_struct_sheet_hbond.range_1_label_asym_id 
_pdbx_struct_sheet_hbond.range_1_label_seq_id 
_pdbx_struct_sheet_hbond.range_1_PDB_ins_code 
_pdbx_struct_sheet_hbond.range_1_auth_atom_id 
_pdbx_struct_sheet_hbond.range_1_auth_comp_id 
_pdbx_struct_sheet_hbond.range_1_auth_asym_id 
_pdbx_struct_sheet_hbond.range_1_auth_seq_id 
_pdbx_struct_sheet_hbond.range_2_label_atom_id 
_pdbx_struct_sheet_hbond.range_2_label_comp_id 
_pdbx_struct_sheet_hbond.range_2_label_asym_id 
_pdbx_struct_sheet_hbond.range_2_label_seq_id 
_pdbx_struct_sheet_hbond.range_2_PDB_ins_code 
_pdbx_struct_sheet_hbond.range_2_auth_atom_id 
_pdbx_struct_sheet_hbond.range_2_auth_comp_id 
_pdbx_struct_sheet_hbond.range_2_auth_asym_id 
_pdbx_struct_sheet_hbond.range_2_auth_seq_id 
AA1 1 2 N ALA A 6   ? N ALA A 290 O ARG A 33  ? O ARG A 317 
AA1 2 3 N VAL A 32  ? N VAL A 316 O ILE A 150 ? O ILE A 472 
AA1 3 4 O TYR A 153 ? O TYR A 475 N ALA A 57  ? N ALA A 341 
AA1 4 5 N TRP A 62  ? N TRP A 346 O TYR A 80  ? O TYR A 364 
AA1 5 6 N SER A 81  ? N SER A 365 O PHE A 90  ? O PHE A 374 
AA1 6 7 N LYS A 89  ? N LYS A 373 O LYS A 96  ? O LYS A 380 
AA2 1 2 N LYS A 15  ? N LYS A 299 O VAL A 24  ? O VAL A 308 
AA2 2 3 N VAL A 23  ? N VAL A 307 O VAL A 158 ? O VAL A 480 
AA2 3 4 O SER A 159 ? O SER A 481 N THR A 48  ? N THR A 332 
AA2 4 5 N ILE A 47  ? N ILE A 331 O LEU A 108 ? O LEU A 392 
AA2 5 6 N TYR A 111 ? N TYR A 395 O ILE A 126 ? O ILE A 448 
AA2 6 7 N PHE A 127 ? N PHE A 449 O GLN A 134 ? O GLN A 456 
AA3 1 2 N LYS A 15  ? N LYS A 299 O VAL A 24  ? O VAL A 308 
AA3 2 3 N VAL A 23  ? N VAL A 307 O VAL A 158 ? O VAL A 480 
AA3 3 4 O SER A 159 ? O SER A 481 N THR A 48  ? N THR A 332 
AA3 4 5 N ALA A 42  ? N ALA A 326 O ARG A 176 ? O ARG A 498 
# 
_struct_site.id                   AC1 
_struct_site.pdbx_evidence_code   Software 
_struct_site.pdbx_auth_asym_id    B 
_struct_site.pdbx_auth_comp_id    GOL 
_struct_site.pdbx_auth_seq_id     401 
_struct_site.pdbx_auth_ins_code   ? 
_struct_site.pdbx_num_residues    6 
_struct_site.details              'binding site for residue GOL B 401' 
# 
loop_
_struct_site_gen.id 
_struct_site_gen.site_id 
_struct_site_gen.pdbx_num_res 
_struct_site_gen.label_comp_id 
_struct_site_gen.label_asym_id 
_struct_site_gen.label_seq_id 
_struct_site_gen.pdbx_auth_ins_code 
_struct_site_gen.auth_comp_id 
_struct_site_gen.auth_asym_id 
_struct_site_gen.auth_seq_id 
_struct_site_gen.label_atom_id 
_struct_site_gen.label_alt_id 
_struct_site_gen.symmetry 
_struct_site_gen.details 
1 AC1 6 ARG A 20 ? ARG A 304 . ? 4_555 ? 
2 AC1 6 HOH D .  ? HOH A 620 . ? 4_555 ? 
3 AC1 6 GLU B 8  ? GLU B 351 . ? 1_555 ? 
4 AC1 6 PHE B 9  ? PHE B 352 . ? 1_555 ? 
5 AC1 6 HOH E .  ? HOH B 502 . ? 1_555 ? 
6 AC1 6 HOH E .  ? HOH B 505 . ? 1_555 ? 
# 
loop_
_pdbx_validate_torsion.id 
_pdbx_validate_torsion.PDB_model_num 
_pdbx_validate_torsion.auth_comp_id 
_pdbx_validate_torsion.auth_asym_id 
_pdbx_validate_torsion.auth_seq_id 
_pdbx_validate_torsion.PDB_ins_code 
_pdbx_validate_torsion.label_alt_id 
_pdbx_validate_torsion.phi 
_pdbx_validate_torsion.psi 
1 1 LYS A 311 ? ? 51.55   -133.62 
2 1 ASP A 339 ? ? 78.90   -12.14  
3 1 GLN A 354 ? ? -104.08 46.84   
4 1 TYR A 382 ? ? -143.35 -63.97  
5 1 LYS A 476 ? ? 63.65   -173.65 
6 1 SER A 477 ? ? -70.04  47.21   
# 
loop_
_pdbx_unobs_or_zero_occ_residues.id 
_pdbx_unobs_or_zero_occ_residues.PDB_model_num 
_pdbx_unobs_or_zero_occ_residues.polymer_flag 
_pdbx_unobs_or_zero_occ_residues.occupancy_flag 
_pdbx_unobs_or_zero_occ_residues.auth_asym_id 
_pdbx_unobs_or_zero_occ_residues.auth_comp_id 
_pdbx_unobs_or_zero_occ_residues.auth_seq_id 
_pdbx_unobs_or_zero_occ_residues.PDB_ins_code 
_pdbx_unobs_or_zero_occ_residues.label_asym_id 
_pdbx_unobs_or_zero_occ_residues.label_comp_id 
_pdbx_unobs_or_zero_occ_residues.label_seq_id 
1 1 Y 1 A GLU 400 ? A GLU 116 
2 1 Y 1 A ASP 401 ? A ASP 117 
3 1 Y 1 A ILE 440 ? A ILE 118 
4 1 Y 1 A SER 441 ? A SER 119 
5 1 Y 1 A GLY 442 ? A GLY 120 
6 1 Y 1 A ARG 443 ? A ARG 121 
# 
loop_
_chem_comp_atom.comp_id 
_chem_comp_atom.atom_id 
_chem_comp_atom.type_symbol 
_chem_comp_atom.pdbx_aromatic_flag 
_chem_comp_atom.pdbx_stereo_config 
_chem_comp_atom.pdbx_ordinal 
ALA N    N N N 1   
ALA CA   C N S 2   
ALA C    C N N 3   
ALA O    O N N 4   
ALA CB   C N N 5   
ALA OXT  O N N 6   
ALA H    H N N 7   
ALA H2   H N N 8   
ALA HA   H N N 9   
ALA HB1  H N N 10  
ALA HB2  H N N 11  
ALA HB3  H N N 12  
ALA HXT  H N N 13  
ARG N    N N N 14  
ARG CA   C N S 15  
ARG C    C N N 16  
ARG O    O N N 17  
ARG CB   C N N 18  
ARG CG   C N N 19  
ARG CD   C N N 20  
ARG NE   N N N 21  
ARG CZ   C N N 22  
ARG NH1  N N N 23  
ARG NH2  N N N 24  
ARG OXT  O N N 25  
ARG H    H N N 26  
ARG H2   H N N 27  
ARG HA   H N N 28  
ARG HB2  H N N 29  
ARG HB3  H N N 30  
ARG HG2  H N N 31  
ARG HG3  H N N 32  
ARG HD2  H N N 33  
ARG HD3  H N N 34  
ARG HE   H N N 35  
ARG HH11 H N N 36  
ARG HH12 H N N 37  
ARG HH21 H N N 38  
ARG HH22 H N N 39  
ARG HXT  H N N 40  
ASN N    N N N 41  
ASN CA   C N S 42  
ASN C    C N N 43  
ASN O    O N N 44  
ASN CB   C N N 45  
ASN CG   C N N 46  
ASN OD1  O N N 47  
ASN ND2  N N N 48  
ASN OXT  O N N 49  
ASN H    H N N 50  
ASN H2   H N N 51  
ASN HA   H N N 52  
ASN HB2  H N N 53  
ASN HB3  H N N 54  
ASN HD21 H N N 55  
ASN HD22 H N N 56  
ASN HXT  H N N 57  
ASP N    N N N 58  
ASP CA   C N S 59  
ASP C    C N N 60  
ASP O    O N N 61  
ASP CB   C N N 62  
ASP CG   C N N 63  
ASP OD1  O N N 64  
ASP OD2  O N N 65  
ASP OXT  O N N 66  
ASP H    H N N 67  
ASP H2   H N N 68  
ASP HA   H N N 69  
ASP HB2  H N N 70  
ASP HB3  H N N 71  
ASP HD2  H N N 72  
ASP HXT  H N N 73  
CYS N    N N N 74  
CYS CA   C N R 75  
CYS C    C N N 76  
CYS O    O N N 77  
CYS CB   C N N 78  
CYS SG   S N N 79  
CYS OXT  O N N 80  
CYS H    H N N 81  
CYS H2   H N N 82  
CYS HA   H N N 83  
CYS HB2  H N N 84  
CYS HB3  H N N 85  
CYS HG   H N N 86  
CYS HXT  H N N 87  
GLN N    N N N 88  
GLN CA   C N S 89  
GLN C    C N N 90  
GLN O    O N N 91  
GLN CB   C N N 92  
GLN CG   C N N 93  
GLN CD   C N N 94  
GLN OE1  O N N 95  
GLN NE2  N N N 96  
GLN OXT  O N N 97  
GLN H    H N N 98  
GLN H2   H N N 99  
GLN HA   H N N 100 
GLN HB2  H N N 101 
GLN HB3  H N N 102 
GLN HG2  H N N 103 
GLN HG3  H N N 104 
GLN HE21 H N N 105 
GLN HE22 H N N 106 
GLN HXT  H N N 107 
GLU N    N N N 108 
GLU CA   C N S 109 
GLU C    C N N 110 
GLU O    O N N 111 
GLU CB   C N N 112 
GLU CG   C N N 113 
GLU CD   C N N 114 
GLU OE1  O N N 115 
GLU OE2  O N N 116 
GLU OXT  O N N 117 
GLU H    H N N 118 
GLU H2   H N N 119 
GLU HA   H N N 120 
GLU HB2  H N N 121 
GLU HB3  H N N 122 
GLU HG2  H N N 123 
GLU HG3  H N N 124 
GLU HE2  H N N 125 
GLU HXT  H N N 126 
GLY N    N N N 127 
GLY CA   C N N 128 
GLY C    C N N 129 
GLY O    O N N 130 
GLY OXT  O N N 131 
GLY H    H N N 132 
GLY H2   H N N 133 
GLY HA2  H N N 134 
GLY HA3  H N N 135 
GLY HXT  H N N 136 
GOL C1   C N N 137 
GOL O1   O N N 138 
GOL C2   C N N 139 
GOL O2   O N N 140 
GOL C3   C N N 141 
GOL O3   O N N 142 
GOL H11  H N N 143 
GOL H12  H N N 144 
GOL HO1  H N N 145 
GOL H2   H N N 146 
GOL HO2  H N N 147 
GOL H31  H N N 148 
GOL H32  H N N 149 
GOL HO3  H N N 150 
HIS N    N N N 151 
HIS CA   C N S 152 
HIS C    C N N 153 
HIS O    O N N 154 
HIS CB   C N N 155 
HIS CG   C Y N 156 
HIS ND1  N Y N 157 
HIS CD2  C Y N 158 
HIS CE1  C Y N 159 
HIS NE2  N Y N 160 
HIS OXT  O N N 161 
HIS H    H N N 162 
HIS H2   H N N 163 
HIS HA   H N N 164 
HIS HB2  H N N 165 
HIS HB3  H N N 166 
HIS HD1  H N N 167 
HIS HD2  H N N 168 
HIS HE1  H N N 169 
HIS HE2  H N N 170 
HIS HXT  H N N 171 
HOH O    O N N 172 
HOH H1   H N N 173 
HOH H2   H N N 174 
ILE N    N N N 175 
ILE CA   C N S 176 
ILE C    C N N 177 
ILE O    O N N 178 
ILE CB   C N S 179 
ILE CG1  C N N 180 
ILE CG2  C N N 181 
ILE CD1  C N N 182 
ILE OXT  O N N 183 
ILE H    H N N 184 
ILE H2   H N N 185 
ILE HA   H N N 186 
ILE HB   H N N 187 
ILE HG12 H N N 188 
ILE HG13 H N N 189 
ILE HG21 H N N 190 
ILE HG22 H N N 191 
ILE HG23 H N N 192 
ILE HD11 H N N 193 
ILE HD12 H N N 194 
ILE HD13 H N N 195 
ILE HXT  H N N 196 
LEU N    N N N 197 
LEU CA   C N S 198 
LEU C    C N N 199 
LEU O    O N N 200 
LEU CB   C N N 201 
LEU CG   C N N 202 
LEU CD1  C N N 203 
LEU CD2  C N N 204 
LEU OXT  O N N 205 
LEU H    H N N 206 
LEU H2   H N N 207 
LEU HA   H N N 208 
LEU HB2  H N N 209 
LEU HB3  H N N 210 
LEU HG   H N N 211 
LEU HD11 H N N 212 
LEU HD12 H N N 213 
LEU HD13 H N N 214 
LEU HD21 H N N 215 
LEU HD22 H N N 216 
LEU HD23 H N N 217 
LEU HXT  H N N 218 
LYS N    N N N 219 
LYS CA   C N S 220 
LYS C    C N N 221 
LYS O    O N N 222 
LYS CB   C N N 223 
LYS CG   C N N 224 
LYS CD   C N N 225 
LYS CE   C N N 226 
LYS NZ   N N N 227 
LYS OXT  O N N 228 
LYS H    H N N 229 
LYS H2   H N N 230 
LYS HA   H N N 231 
LYS HB2  H N N 232 
LYS HB3  H N N 233 
LYS HG2  H N N 234 
LYS HG3  H N N 235 
LYS HD2  H N N 236 
LYS HD3  H N N 237 
LYS HE2  H N N 238 
LYS HE3  H N N 239 
LYS HZ1  H N N 240 
LYS HZ2  H N N 241 
LYS HZ3  H N N 242 
LYS HXT  H N N 243 
MET N    N N N 244 
MET CA   C N S 245 
MET C    C N N 246 
MET O    O N N 247 
MET CB   C N N 248 
MET CG   C N N 249 
MET SD   S N N 250 
MET CE   C N N 251 
MET OXT  O N N 252 
MET H    H N N 253 
MET H2   H N N 254 
MET HA   H N N 255 
MET HB2  H N N 256 
MET HB3  H N N 257 
MET HG2  H N N 258 
MET HG3  H N N 259 
MET HE1  H N N 260 
MET HE2  H N N 261 
MET HE3  H N N 262 
MET HXT  H N N 263 
PHE N    N N N 264 
PHE CA   C N S 265 
PHE C    C N N 266 
PHE O    O N N 267 
PHE CB   C N N 268 
PHE CG   C Y N 269 
PHE CD1  C Y N 270 
PHE CD2  C Y N 271 
PHE CE1  C Y N 272 
PHE CE2  C Y N 273 
PHE CZ   C Y N 274 
PHE OXT  O N N 275 
PHE H    H N N 276 
PHE H2   H N N 277 
PHE HA   H N N 278 
PHE HB2  H N N 279 
PHE HB3  H N N 280 
PHE HD1  H N N 281 
PHE HD2  H N N 282 
PHE HE1  H N N 283 
PHE HE2  H N N 284 
PHE HZ   H N N 285 
PHE HXT  H N N 286 
PRO N    N N N 287 
PRO CA   C N S 288 
PRO C    C N N 289 
PRO O    O N N 290 
PRO CB   C N N 291 
PRO CG   C N N 292 
PRO CD   C N N 293 
PRO OXT  O N N 294 
PRO H    H N N 295 
PRO HA   H N N 296 
PRO HB2  H N N 297 
PRO HB3  H N N 298 
PRO HG2  H N N 299 
PRO HG3  H N N 300 
PRO HD2  H N N 301 
PRO HD3  H N N 302 
PRO HXT  H N N 303 
SER N    N N N 304 
SER CA   C N S 305 
SER C    C N N 306 
SER O    O N N 307 
SER CB   C N N 308 
SER OG   O N N 309 
SER OXT  O N N 310 
SER H    H N N 311 
SER H2   H N N 312 
SER HA   H N N 313 
SER HB2  H N N 314 
SER HB3  H N N 315 
SER HG   H N N 316 
SER HXT  H N N 317 
THR N    N N N 318 
THR CA   C N S 319 
THR C    C N N 320 
THR O    O N N 321 
THR CB   C N R 322 
THR OG1  O N N 323 
THR CG2  C N N 324 
THR OXT  O N N 325 
THR H    H N N 326 
THR H2   H N N 327 
THR HA   H N N 328 
THR HB   H N N 329 
THR HG1  H N N 330 
THR HG21 H N N 331 
THR HG22 H N N 332 
THR HG23 H N N 333 
THR HXT  H N N 334 
TRP N    N N N 335 
TRP CA   C N S 336 
TRP C    C N N 337 
TRP O    O N N 338 
TRP CB   C N N 339 
TRP CG   C Y N 340 
TRP CD1  C Y N 341 
TRP CD2  C Y N 342 
TRP NE1  N Y N 343 
TRP CE2  C Y N 344 
TRP CE3  C Y N 345 
TRP CZ2  C Y N 346 
TRP CZ3  C Y N 347 
TRP CH2  C Y N 348 
TRP OXT  O N N 349 
TRP H    H N N 350 
TRP H2   H N N 351 
TRP HA   H N N 352 
TRP HB2  H N N 353 
TRP HB3  H N N 354 
TRP HD1  H N N 355 
TRP HE1  H N N 356 
TRP HE3  H N N 357 
TRP HZ2  H N N 358 
TRP HZ3  H N N 359 
TRP HH2  H N N 360 
TRP HXT  H N N 361 
TYR N    N N N 362 
TYR CA   C N S 363 
TYR C    C N N 364 
TYR O    O N N 365 
TYR CB   C N N 366 
TYR CG   C Y N 367 
TYR CD1  C Y N 368 
TYR CD2  C Y N 369 
TYR CE1  C Y N 370 
TYR CE2  C Y N 371 
TYR CZ   C Y N 372 
TYR OH   O N N 373 
TYR OXT  O N N 374 
TYR H    H N N 375 
TYR H2   H N N 376 
TYR HA   H N N 377 
TYR HB2  H N N 378 
TYR HB3  H N N 379 
TYR HD1  H N N 380 
TYR HD2  H N N 381 
TYR HE1  H N N 382 
TYR HE2  H N N 383 
TYR HH   H N N 384 
TYR HXT  H N N 385 
VAL N    N N N 386 
VAL CA   C N S 387 
VAL C    C N N 388 
VAL O    O N N 389 
VAL CB   C N N 390 
VAL CG1  C N N 391 
VAL CG2  C N N 392 
VAL OXT  O N N 393 
VAL H    H N N 394 
VAL H2   H N N 395 
VAL HA   H N N 396 
VAL HB   H N N 397 
VAL HG11 H N N 398 
VAL HG12 H N N 399 
VAL HG13 H N N 400 
VAL HG21 H N N 401 
VAL HG22 H N N 402 
VAL HG23 H N N 403 
VAL HXT  H N N 404 
# 
loop_
_chem_comp_bond.comp_id 
_chem_comp_bond.atom_id_1 
_chem_comp_bond.atom_id_2 
_chem_comp_bond.value_order 
_chem_comp_bond.pdbx_aromatic_flag 
_chem_comp_bond.pdbx_stereo_config 
_chem_comp_bond.pdbx_ordinal 
ALA N   CA   sing N N 1   
ALA N   H    sing N N 2   
ALA N   H2   sing N N 3   
ALA CA  C    sing N N 4   
ALA CA  CB   sing N N 5   
ALA CA  HA   sing N N 6   
ALA C   O    doub N N 7   
ALA C   OXT  sing N N 8   
ALA CB  HB1  sing N N 9   
ALA CB  HB2  sing N N 10  
ALA CB  HB3  sing N N 11  
ALA OXT HXT  sing N N 12  
ARG N   CA   sing N N 13  
ARG N   H    sing N N 14  
ARG N   H2   sing N N 15  
ARG CA  C    sing N N 16  
ARG CA  CB   sing N N 17  
ARG CA  HA   sing N N 18  
ARG C   O    doub N N 19  
ARG C   OXT  sing N N 20  
ARG CB  CG   sing N N 21  
ARG CB  HB2  sing N N 22  
ARG CB  HB3  sing N N 23  
ARG CG  CD   sing N N 24  
ARG CG  HG2  sing N N 25  
ARG CG  HG3  sing N N 26  
ARG CD  NE   sing N N 27  
ARG CD  HD2  sing N N 28  
ARG CD  HD3  sing N N 29  
ARG NE  CZ   sing N N 30  
ARG NE  HE   sing N N 31  
ARG CZ  NH1  sing N N 32  
ARG CZ  NH2  doub N N 33  
ARG NH1 HH11 sing N N 34  
ARG NH1 HH12 sing N N 35  
ARG NH2 HH21 sing N N 36  
ARG NH2 HH22 sing N N 37  
ARG OXT HXT  sing N N 38  
ASN N   CA   sing N N 39  
ASN N   H    sing N N 40  
ASN N   H2   sing N N 41  
ASN CA  C    sing N N 42  
ASN CA  CB   sing N N 43  
ASN CA  HA   sing N N 44  
ASN C   O    doub N N 45  
ASN C   OXT  sing N N 46  
ASN CB  CG   sing N N 47  
ASN CB  HB2  sing N N 48  
ASN CB  HB3  sing N N 49  
ASN CG  OD1  doub N N 50  
ASN CG  ND2  sing N N 51  
ASN ND2 HD21 sing N N 52  
ASN ND2 HD22 sing N N 53  
ASN OXT HXT  sing N N 54  
ASP N   CA   sing N N 55  
ASP N   H    sing N N 56  
ASP N   H2   sing N N 57  
ASP CA  C    sing N N 58  
ASP CA  CB   sing N N 59  
ASP CA  HA   sing N N 60  
ASP C   O    doub N N 61  
ASP C   OXT  sing N N 62  
ASP CB  CG   sing N N 63  
ASP CB  HB2  sing N N 64  
ASP CB  HB3  sing N N 65  
ASP CG  OD1  doub N N 66  
ASP CG  OD2  sing N N 67  
ASP OD2 HD2  sing N N 68  
ASP OXT HXT  sing N N 69  
CYS N   CA   sing N N 70  
CYS N   H    sing N N 71  
CYS N   H2   sing N N 72  
CYS CA  C    sing N N 73  
CYS CA  CB   sing N N 74  
CYS CA  HA   sing N N 75  
CYS C   O    doub N N 76  
CYS C   OXT  sing N N 77  
CYS CB  SG   sing N N 78  
CYS CB  HB2  sing N N 79  
CYS CB  HB3  sing N N 80  
CYS SG  HG   sing N N 81  
CYS OXT HXT  sing N N 82  
GLN N   CA   sing N N 83  
GLN N   H    sing N N 84  
GLN N   H2   sing N N 85  
GLN CA  C    sing N N 86  
GLN CA  CB   sing N N 87  
GLN CA  HA   sing N N 88  
GLN C   O    doub N N 89  
GLN C   OXT  sing N N 90  
GLN CB  CG   sing N N 91  
GLN CB  HB2  sing N N 92  
GLN CB  HB3  sing N N 93  
GLN CG  CD   sing N N 94  
GLN CG  HG2  sing N N 95  
GLN CG  HG3  sing N N 96  
GLN CD  OE1  doub N N 97  
GLN CD  NE2  sing N N 98  
GLN NE2 HE21 sing N N 99  
GLN NE2 HE22 sing N N 100 
GLN OXT HXT  sing N N 101 
GLU N   CA   sing N N 102 
GLU N   H    sing N N 103 
GLU N   H2   sing N N 104 
GLU CA  C    sing N N 105 
GLU CA  CB   sing N N 106 
GLU CA  HA   sing N N 107 
GLU C   O    doub N N 108 
GLU C   OXT  sing N N 109 
GLU CB  CG   sing N N 110 
GLU CB  HB2  sing N N 111 
GLU CB  HB3  sing N N 112 
GLU CG  CD   sing N N 113 
GLU CG  HG2  sing N N 114 
GLU CG  HG3  sing N N 115 
GLU CD  OE1  doub N N 116 
GLU CD  OE2  sing N N 117 
GLU OE2 HE2  sing N N 118 
GLU OXT HXT  sing N N 119 
GLY N   CA   sing N N 120 
GLY N   H    sing N N 121 
GLY N   H2   sing N N 122 
GLY CA  C    sing N N 123 
GLY CA  HA2  sing N N 124 
GLY CA  HA3  sing N N 125 
GLY C   O    doub N N 126 
GLY C   OXT  sing N N 127 
GLY OXT HXT  sing N N 128 
GOL C1  O1   sing N N 129 
GOL C1  C2   sing N N 130 
GOL C1  H11  sing N N 131 
GOL C1  H12  sing N N 132 
GOL O1  HO1  sing N N 133 
GOL C2  O2   sing N N 134 
GOL C2  C3   sing N N 135 
GOL C2  H2   sing N N 136 
GOL O2  HO2  sing N N 137 
GOL C3  O3   sing N N 138 
GOL C3  H31  sing N N 139 
GOL C3  H32  sing N N 140 
GOL O3  HO3  sing N N 141 
HIS N   CA   sing N N 142 
HIS N   H    sing N N 143 
HIS N   H2   sing N N 144 
HIS CA  C    sing N N 145 
HIS CA  CB   sing N N 146 
HIS CA  HA   sing N N 147 
HIS C   O    doub N N 148 
HIS C   OXT  sing N N 149 
HIS CB  CG   sing N N 150 
HIS CB  HB2  sing N N 151 
HIS CB  HB3  sing N N 152 
HIS CG  ND1  sing Y N 153 
HIS CG  CD2  doub Y N 154 
HIS ND1 CE1  doub Y N 155 
HIS ND1 HD1  sing N N 156 
HIS CD2 NE2  sing Y N 157 
HIS CD2 HD2  sing N N 158 
HIS CE1 NE2  sing Y N 159 
HIS CE1 HE1  sing N N 160 
HIS NE2 HE2  sing N N 161 
HIS OXT HXT  sing N N 162 
HOH O   H1   sing N N 163 
HOH O   H2   sing N N 164 
ILE N   CA   sing N N 165 
ILE N   H    sing N N 166 
ILE N   H2   sing N N 167 
ILE CA  C    sing N N 168 
ILE CA  CB   sing N N 169 
ILE CA  HA   sing N N 170 
ILE C   O    doub N N 171 
ILE C   OXT  sing N N 172 
ILE CB  CG1  sing N N 173 
ILE CB  CG2  sing N N 174 
ILE CB  HB   sing N N 175 
ILE CG1 CD1  sing N N 176 
ILE CG1 HG12 sing N N 177 
ILE CG1 HG13 sing N N 178 
ILE CG2 HG21 sing N N 179 
ILE CG2 HG22 sing N N 180 
ILE CG2 HG23 sing N N 181 
ILE CD1 HD11 sing N N 182 
ILE CD1 HD12 sing N N 183 
ILE CD1 HD13 sing N N 184 
ILE OXT HXT  sing N N 185 
LEU N   CA   sing N N 186 
LEU N   H    sing N N 187 
LEU N   H2   sing N N 188 
LEU CA  C    sing N N 189 
LEU CA  CB   sing N N 190 
LEU CA  HA   sing N N 191 
LEU C   O    doub N N 192 
LEU C   OXT  sing N N 193 
LEU CB  CG   sing N N 194 
LEU CB  HB2  sing N N 195 
LEU CB  HB3  sing N N 196 
LEU CG  CD1  sing N N 197 
LEU CG  CD2  sing N N 198 
LEU CG  HG   sing N N 199 
LEU CD1 HD11 sing N N 200 
LEU CD1 HD12 sing N N 201 
LEU CD1 HD13 sing N N 202 
LEU CD2 HD21 sing N N 203 
LEU CD2 HD22 sing N N 204 
LEU CD2 HD23 sing N N 205 
LEU OXT HXT  sing N N 206 
LYS N   CA   sing N N 207 
LYS N   H    sing N N 208 
LYS N   H2   sing N N 209 
LYS CA  C    sing N N 210 
LYS CA  CB   sing N N 211 
LYS CA  HA   sing N N 212 
LYS C   O    doub N N 213 
LYS C   OXT  sing N N 214 
LYS CB  CG   sing N N 215 
LYS CB  HB2  sing N N 216 
LYS CB  HB3  sing N N 217 
LYS CG  CD   sing N N 218 
LYS CG  HG2  sing N N 219 
LYS CG  HG3  sing N N 220 
LYS CD  CE   sing N N 221 
LYS CD  HD2  sing N N 222 
LYS CD  HD3  sing N N 223 
LYS CE  NZ   sing N N 224 
LYS CE  HE2  sing N N 225 
LYS CE  HE3  sing N N 226 
LYS NZ  HZ1  sing N N 227 
LYS NZ  HZ2  sing N N 228 
LYS NZ  HZ3  sing N N 229 
LYS OXT HXT  sing N N 230 
MET N   CA   sing N N 231 
MET N   H    sing N N 232 
MET N   H2   sing N N 233 
MET CA  C    sing N N 234 
MET CA  CB   sing N N 235 
MET CA  HA   sing N N 236 
MET C   O    doub N N 237 
MET C   OXT  sing N N 238 
MET CB  CG   sing N N 239 
MET CB  HB2  sing N N 240 
MET CB  HB3  sing N N 241 
MET CG  SD   sing N N 242 
MET CG  HG2  sing N N 243 
MET CG  HG3  sing N N 244 
MET SD  CE   sing N N 245 
MET CE  HE1  sing N N 246 
MET CE  HE2  sing N N 247 
MET CE  HE3  sing N N 248 
MET OXT HXT  sing N N 249 
PHE N   CA   sing N N 250 
PHE N   H    sing N N 251 
PHE N   H2   sing N N 252 
PHE CA  C    sing N N 253 
PHE CA  CB   sing N N 254 
PHE CA  HA   sing N N 255 
PHE C   O    doub N N 256 
PHE C   OXT  sing N N 257 
PHE CB  CG   sing N N 258 
PHE CB  HB2  sing N N 259 
PHE CB  HB3  sing N N 260 
PHE CG  CD1  doub Y N 261 
PHE CG  CD2  sing Y N 262 
PHE CD1 CE1  sing Y N 263 
PHE CD1 HD1  sing N N 264 
PHE CD2 CE2  doub Y N 265 
PHE CD2 HD2  sing N N 266 
PHE CE1 CZ   doub Y N 267 
PHE CE1 HE1  sing N N 268 
PHE CE2 CZ   sing Y N 269 
PHE CE2 HE2  sing N N 270 
PHE CZ  HZ   sing N N 271 
PHE OXT HXT  sing N N 272 
PRO N   CA   sing N N 273 
PRO N   CD   sing N N 274 
PRO N   H    sing N N 275 
PRO CA  C    sing N N 276 
PRO CA  CB   sing N N 277 
PRO CA  HA   sing N N 278 
PRO C   O    doub N N 279 
PRO C   OXT  sing N N 280 
PRO CB  CG   sing N N 281 
PRO CB  HB2  sing N N 282 
PRO CB  HB3  sing N N 283 
PRO CG  CD   sing N N 284 
PRO CG  HG2  sing N N 285 
PRO CG  HG3  sing N N 286 
PRO CD  HD2  sing N N 287 
PRO CD  HD3  sing N N 288 
PRO OXT HXT  sing N N 289 
SER N   CA   sing N N 290 
SER N   H    sing N N 291 
SER N   H2   sing N N 292 
SER CA  C    sing N N 293 
SER CA  CB   sing N N 294 
SER CA  HA   sing N N 295 
SER C   O    doub N N 296 
SER C   OXT  sing N N 297 
SER CB  OG   sing N N 298 
SER CB  HB2  sing N N 299 
SER CB  HB3  sing N N 300 
SER OG  HG   sing N N 301 
SER OXT HXT  sing N N 302 
THR N   CA   sing N N 303 
THR N   H    sing N N 304 
THR N   H2   sing N N 305 
THR CA  C    sing N N 306 
THR CA  CB   sing N N 307 
THR CA  HA   sing N N 308 
THR C   O    doub N N 309 
THR C   OXT  sing N N 310 
THR CB  OG1  sing N N 311 
THR CB  CG2  sing N N 312 
THR CB  HB   sing N N 313 
THR OG1 HG1  sing N N 314 
THR CG2 HG21 sing N N 315 
THR CG2 HG22 sing N N 316 
THR CG2 HG23 sing N N 317 
THR OXT HXT  sing N N 318 
TRP N   CA   sing N N 319 
TRP N   H    sing N N 320 
TRP N   H2   sing N N 321 
TRP CA  C    sing N N 322 
TRP CA  CB   sing N N 323 
TRP CA  HA   sing N N 324 
TRP C   O    doub N N 325 
TRP C   OXT  sing N N 326 
TRP CB  CG   sing N N 327 
TRP CB  HB2  sing N N 328 
TRP CB  HB3  sing N N 329 
TRP CG  CD1  doub Y N 330 
TRP CG  CD2  sing Y N 331 
TRP CD1 NE1  sing Y N 332 
TRP CD1 HD1  sing N N 333 
TRP CD2 CE2  doub Y N 334 
TRP CD2 CE3  sing Y N 335 
TRP NE1 CE2  sing Y N 336 
TRP NE1 HE1  sing N N 337 
TRP CE2 CZ2  sing Y N 338 
TRP CE3 CZ3  doub Y N 339 
TRP CE3 HE3  sing N N 340 
TRP CZ2 CH2  doub Y N 341 
TRP CZ2 HZ2  sing N N 342 
TRP CZ3 CH2  sing Y N 343 
TRP CZ3 HZ3  sing N N 344 
TRP CH2 HH2  sing N N 345 
TRP OXT HXT  sing N N 346 
TYR N   CA   sing N N 347 
TYR N   H    sing N N 348 
TYR N   H2   sing N N 349 
TYR CA  C    sing N N 350 
TYR CA  CB   sing N N 351 
TYR CA  HA   sing N N 352 
TYR C   O    doub N N 353 
TYR C   OXT  sing N N 354 
TYR CB  CG   sing N N 355 
TYR CB  HB2  sing N N 356 
TYR CB  HB3  sing N N 357 
TYR CG  CD1  doub Y N 358 
TYR CG  CD2  sing Y N 359 
TYR CD1 CE1  sing Y N 360 
TYR CD1 HD1  sing N N 361 
TYR CD2 CE2  doub Y N 362 
TYR CD2 HD2  sing N N 363 
TYR CE1 CZ   doub Y N 364 
TYR CE1 HE1  sing N N 365 
TYR CE2 CZ   sing Y N 366 
TYR CE2 HE2  sing N N 367 
TYR CZ  OH   sing N N 368 
TYR OH  HH   sing N N 369 
TYR OXT HXT  sing N N 370 
VAL N   CA   sing N N 371 
VAL N   H    sing N N 372 
VAL N   H2   sing N N 373 
VAL CA  C    sing N N 374 
VAL CA  CB   sing N N 375 
VAL CA  HA   sing N N 376 
VAL C   O    doub N N 377 
VAL C   OXT  sing N N 378 
VAL CB  CG1  sing N N 379 
VAL CB  CG2  sing N N 380 
VAL CB  HB   sing N N 381 
VAL CG1 HG11 sing N N 382 
VAL CG1 HG12 sing N N 383 
VAL CG1 HG13 sing N N 384 
VAL CG2 HG21 sing N N 385 
VAL CG2 HG22 sing N N 386 
VAL CG2 HG23 sing N N 387 
VAL OXT HXT  sing N N 388 
# 
_atom_sites.entry_id                    4X8P 
_atom_sites.fract_transf_matrix[1][1]   -0.00322569 
_atom_sites.fract_transf_matrix[1][2]   -0.01588251 
_atom_sites.fract_transf_matrix[1][3]   0.01069396 
_atom_sites.fract_transf_matrix[2][1]   -0.00433546 
_atom_sites.fract_transf_matrix[2][2]   0.00973129 
_atom_sites.fract_transf_matrix[2][3]   0.01314504 
_atom_sites.fract_transf_matrix[3][1]   -0.01344933 
_atom_sites.fract_transf_matrix[3][2]   -0.00017030 
_atom_sites.fract_transf_matrix[3][3]   -0.00430974 
_atom_sites.fract_transf_vector[1]      0.070399 
_atom_sites.fract_transf_vector[2]      0.093456 
_atom_sites.fract_transf_vector[3]      0.126749 
# 
loop_
_atom_type.symbol 
C 
N 
O 
S 
# 
loop_
_atom_site.group_PDB 
_atom_site.id 
_atom_site.type_symbol 
_atom_site.label_atom_id 
_atom_site.label_alt_id 
_atom_site.label_comp_id 
_atom_site.label_asym_id 
_atom_site.label_entity_id 
_atom_site.label_seq_id 
_atom_site.pdbx_PDB_ins_code 
_atom_site.Cartn_x 
_atom_site.Cartn_y 
_atom_site.Cartn_z 
_atom_site.occupancy 
_atom_site.B_iso_or_equiv 
_atom_site.pdbx_formal_charge 
_atom_site.auth_seq_id 
_atom_site.auth_comp_id 
_atom_site.auth_asym_id 
_atom_site.auth_atom_id 
_atom_site.pdbx_PDB_model_num 
ATOM   1    N N   . SER A 1 1   ? -10.197 19.538  -6.531  1.00 30.20 ? 285 SER A N   1 
ATOM   2    C CA  . SER A 1 1   ? -9.372  18.951  -5.468  1.00 30.62 ? 285 SER A CA  1 
ATOM   3    C C   . SER A 1 1   ? -9.032  17.486  -5.805  1.00 32.40 ? 285 SER A C   1 
ATOM   4    O O   . SER A 1 1   ? -9.918  16.676  -6.091  1.00 31.97 ? 285 SER A O   1 
ATOM   5    C CB  . SER A 1 1   ? -10.053 19.067  -4.105  1.00 35.90 ? 285 SER A CB  1 
ATOM   6    O OG  . SER A 1 1   ? -9.280  18.520  -3.045  1.00 46.06 ? 285 SER A OG  1 
ATOM   7    N N   . ARG A 1 2   ? -7.732  17.176  -5.806  1.00 25.41 ? 286 ARG A N   1 
ATOM   8    C CA  . ARG A 1 2   ? -7.187  15.875  -6.184  1.00 23.34 ? 286 ARG A CA  1 
ATOM   9    C C   . ARG A 1 2   ? -6.776  15.037  -4.978  1.00 22.22 ? 286 ARG A C   1 
ATOM   10   O O   . ARG A 1 2   ? -6.410  15.585  -3.939  1.00 21.57 ? 286 ARG A O   1 
ATOM   11   C CB  . ARG A 1 2   ? -5.973  16.089  -7.121  1.00 22.50 ? 286 ARG A CB  1 
ATOM   12   N N   . VAL A 1 3   ? -6.845  13.705  -5.125  1.00 15.76 ? 287 VAL A N   1 
ATOM   13   C CA  . VAL A 1 3   ? -6.389  12.733  -4.127  1.00 13.92 ? 287 VAL A CA  1 
ATOM   14   C C   . VAL A 1 3   ? -4.874  12.612  -4.406  1.00 16.07 ? 287 VAL A C   1 
ATOM   15   O O   . VAL A 1 3   ? -4.465  12.436  -5.565  1.00 14.32 ? 287 VAL A O   1 
ATOM   16   C CB  . VAL A 1 3   ? -7.148  11.364  -4.203  1.00 16.89 ? 287 VAL A CB  1 
ATOM   17   C CG1 . VAL A 1 3   ? -6.730  10.427  -3.058  1.00 16.11 ? 287 VAL A CG1 1 
ATOM   18   C CG2 . VAL A 1 3   ? -8.660  11.570  -4.178  1.00 16.31 ? 287 VAL A CG2 1 
ATOM   19   N N   . LEU A 1 4   ? -4.046  12.846  -3.373  1.00 11.88 ? 288 LEU A N   1 
ATOM   20   C CA  . LEU A 1 4   ? -2.591  12.862  -3.510  1.00 11.37 ? 288 LEU A CA  1 
ATOM   21   C C   . LEU A 1 4   ? -1.917  12.214  -2.303  1.00 16.76 ? 288 LEU A C   1 
ATOM   22   O O   . LEU A 1 4   ? -2.589  11.899  -1.327  1.00 16.46 ? 288 LEU A O   1 
ATOM   23   C CB  . LEU A 1 4   ? -2.101  14.335  -3.619  1.00 11.20 ? 288 LEU A CB  1 
ATOM   24   C CG  . LEU A 1 4   ? -2.700  15.230  -4.727  1.00 14.98 ? 288 LEU A CG  1 
ATOM   25   C CD1 . LEU A 1 4   ? -2.548  16.707  -4.383  1.00 13.66 ? 288 LEU A CD1 1 
ATOM   26   C CD2 . LEU A 1 4   ? -2.100  14.897  -6.111  1.00 14.81 ? 288 LEU A CD2 1 
ATOM   27   N N   . LEU A 1 5   ? -0.591  12.026  -2.355  1.00 13.64 ? 289 LEU A N   1 
ATOM   28   C CA  . LEU A 1 5   ? 0.153   11.580  -1.174  1.00 13.10 ? 289 LEU A CA  1 
ATOM   29   C C   . LEU A 1 5   ? 0.108   12.765  -0.214  1.00 14.75 ? 289 LEU A C   1 
ATOM   30   O O   . LEU A 1 5   ? 0.272   13.906  -0.662  1.00 12.29 ? 289 LEU A O   1 
ATOM   31   C CB  . LEU A 1 5   ? 1.597   11.177  -1.510  1.00 12.94 ? 289 LEU A CB  1 
ATOM   32   C CG  . LEU A 1 5   ? 1.710   9.878   -2.356  1.00 18.05 ? 289 LEU A CG  1 
ATOM   33   C CD1 . LEU A 1 5   ? 3.150   9.613   -2.778  1.00 17.63 ? 289 LEU A CD1 1 
ATOM   34   C CD2 . LEU A 1 5   ? 1.058   8.653   -1.634  1.00 16.27 ? 289 LEU A CD2 1 
ATOM   35   N N   . ALA A 1 6   ? -0.274  12.517  1.063   1.00 12.53 ? 290 ALA A N   1 
ATOM   36   C CA  . ALA A 1 6   ? -0.433  13.592  2.055   1.00 12.20 ? 290 ALA A CA  1 
ATOM   37   C C   . ALA A 1 6   ? 0.895   14.185  2.528   1.00 15.51 ? 290 ALA A C   1 
ATOM   38   O O   . ALA A 1 6   ? 1.748   13.453  3.041   1.00 15.86 ? 290 ALA A O   1 
ATOM   39   C CB  . ALA A 1 6   ? -1.244  13.106  3.250   1.00 12.89 ? 290 ALA A CB  1 
ATOM   40   N N   . LEU A 1 7   ? 1.046   15.521  2.391   1.00 10.63 ? 291 LEU A N   1 
ATOM   41   C CA  . LEU A 1 7   ? 2.215   16.253  2.872   1.00 10.57 ? 291 LEU A CA  1 
ATOM   42   C C   . LEU A 1 7   ? 2.243   16.278  4.418   1.00 14.06 ? 291 LEU A C   1 
ATOM   43   O O   . LEU A 1 7   ? 3.315   16.214  5.011   1.00 12.72 ? 291 LEU A O   1 
ATOM   44   C CB  . LEU A 1 7   ? 2.248   17.689  2.305   1.00 11.63 ? 291 LEU A CB  1 
ATOM   45   C CG  . LEU A 1 7   ? 2.653   17.886  0.817   1.00 15.89 ? 291 LEU A CG  1 
ATOM   46   C CD1 . LEU A 1 7   ? 2.471   19.343  0.392   1.00 16.04 ? 291 LEU A CD1 1 
ATOM   47   C CD2 . LEU A 1 7   ? 4.103   17.530  0.593   1.00 18.09 ? 291 LEU A CD2 1 
ATOM   48   N N   . HIS A 1 8   ? 1.051   16.297  5.056   1.00 10.32 ? 292 HIS A N   1 
ATOM   49   C CA  . HIS A 1 8   ? 0.866   16.322  6.499   1.00 10.26 ? 292 HIS A CA  1 
ATOM   50   C C   . HIS A 1 8   ? 0.960   14.956  7.187   1.00 15.56 ? 292 HIS A C   1 
ATOM   51   O O   . HIS A 1 8   ? 1.119   14.917  8.401   1.00 15.26 ? 292 HIS A O   1 
ATOM   52   C CB  . HIS A 1 8   ? -0.522  16.902  6.831   1.00 10.33 ? 292 HIS A CB  1 
ATOM   53   C CG  . HIS A 1 8   ? -0.751  18.301  6.350   1.00 13.36 ? 292 HIS A CG  1 
ATOM   54   N ND1 . HIS A 1 8   ? 0.062   19.352  6.748   1.00 14.16 ? 292 HIS A ND1 1 
ATOM   55   C CD2 . HIS A 1 8   ? -1.733  18.786  5.558   1.00 14.54 ? 292 HIS A CD2 1 
ATOM   56   C CE1 . HIS A 1 8   ? -0.462  20.431  6.204   1.00 13.66 ? 292 HIS A CE1 1 
ATOM   57   N NE2 . HIS A 1 8   ? -1.525  20.139  5.457   1.00 14.17 ? 292 HIS A NE2 1 
ATOM   58   N N   . ASP A 1 9   ? 0.754   13.862  6.445   1.00 10.88 ? 293 ASP A N   1 
ATOM   59   C CA  . ASP A 1 9   ? 0.631   12.509  6.996   1.00 9.60  ? 293 ASP A CA  1 
ATOM   60   C C   . ASP A 1 9   ? 1.616   11.532  6.350   1.00 13.54 ? 293 ASP A C   1 
ATOM   61   O O   . ASP A 1 9   ? 1.235   10.602  5.626   1.00 12.38 ? 293 ASP A O   1 
ATOM   62   C CB  . ASP A 1 9   ? -0.827  12.079  6.788   1.00 10.66 ? 293 ASP A CB  1 
ATOM   63   C CG  . ASP A 1 9   ? -1.343  10.985  7.660   1.00 12.66 ? 293 ASP A CG  1 
ATOM   64   O OD1 . ASP A 1 9   ? -0.793  10.800  8.767   1.00 14.09 ? 293 ASP A OD1 1 
ATOM   65   O OD2 . ASP A 1 9   ? -2.296  10.299  7.239   1.00 16.20 ? 293 ASP A OD2 1 
ATOM   66   N N   . ARG A 1 10  ? 2.899   11.757  6.642   1.00 10.98 ? 294 ARG A N   1 
ATOM   67   C CA  . ARG A 1 10  ? 4.020   11.014  6.095   1.00 11.50 ? 294 ARG A CA  1 
ATOM   68   C C   . ARG A 1 10  ? 5.194   10.995  7.048   1.00 16.22 ? 294 ARG A C   1 
ATOM   69   O O   . ARG A 1 10  ? 5.304   11.865  7.918   1.00 14.95 ? 294 ARG A O   1 
ATOM   70   C CB  . ARG A 1 10  ? 4.485   11.668  4.759   1.00 8.97  ? 294 ARG A CB  1 
ATOM   71   C CG  . ARG A 1 10  ? 4.942   13.107  4.889   1.00 12.54 ? 294 ARG A CG  1 
ATOM   72   C CD  . ARG A 1 10  ? 5.197   13.765  3.555   1.00 12.27 ? 294 ARG A CD  1 
ATOM   73   N NE  . ARG A 1 10  ? 5.298   15.215  3.716   1.00 17.68 ? 294 ARG A NE  1 
ATOM   74   C CZ  . ARG A 1 10  ? 6.386   15.944  3.496   1.00 21.10 ? 294 ARG A CZ  1 
ATOM   75   N NH1 . ARG A 1 10  ? 7.509   15.369  3.078   1.00 8.90  ? 294 ARG A NH1 1 
ATOM   76   N NH2 . ARG A 1 10  ? 6.357   17.257  3.675   1.00 5.87  ? 294 ARG A NH2 1 
ATOM   77   N N   . ALA A 1 11  ? 6.110   10.032  6.835   1.00 12.49 ? 295 ALA A N   1 
ATOM   78   C CA  . ALA A 1 11  ? 7.376   9.986   7.555   1.00 11.47 ? 295 ALA A CA  1 
ATOM   79   C C   . ALA A 1 11  ? 8.289   11.041  6.900   1.00 13.25 ? 295 ALA A C   1 
ATOM   80   O O   . ALA A 1 11  ? 8.323   11.127  5.670   1.00 10.25 ? 295 ALA A O   1 
ATOM   81   C CB  . ALA A 1 11  ? 8.007   8.616   7.430   1.00 11.91 ? 295 ALA A CB  1 
ATOM   82   N N   . PRO A 1 12  ? 8.992   11.869  7.715   1.00 11.91 ? 296 PRO A N   1 
ATOM   83   C CA  . PRO A 1 12  ? 9.891   12.912  7.147   1.00 11.94 ? 296 PRO A CA  1 
ATOM   84   C C   . PRO A 1 12  ? 11.031  12.467  6.217   1.00 16.16 ? 296 PRO A C   1 
ATOM   85   O O   . PRO A 1 12  ? 11.519  13.285  5.432   1.00 15.46 ? 296 PRO A O   1 
ATOM   86   C CB  . PRO A 1 12  ? 10.492  13.586  8.386   1.00 13.81 ? 296 PRO A CB  1 
ATOM   87   C CG  . PRO A 1 12  ? 10.236  12.634  9.541   1.00 18.19 ? 296 PRO A CG  1 
ATOM   88   C CD  . PRO A 1 12  ? 8.992   11.883  9.196   1.00 12.94 ? 296 PRO A CD  1 
ATOM   89   N N   . GLN A 1 13  ? 11.520  11.219  6.366   1.00 12.32 ? 297 GLN A N   1 
ATOM   90   C CA  . GLN A 1 13  ? 12.649  10.709  5.586   1.00 12.32 ? 297 GLN A CA  1 
ATOM   91   C C   . GLN A 1 13  ? 12.292  10.361  4.123   1.00 16.13 ? 297 GLN A C   1 
ATOM   92   O O   . GLN A 1 13  ? 13.167  10.399  3.264   1.00 14.33 ? 297 GLN A O   1 
ATOM   93   C CB  . GLN A 1 13  ? 13.386  9.544   6.312   1.00 13.47 ? 297 GLN A CB  1 
ATOM   94   C CG  . GLN A 1 13  ? 12.548  8.272   6.561   1.00 12.33 ? 297 GLN A CG  1 
ATOM   95   C CD  . GLN A 1 13  ? 11.859  8.303   7.898   1.00 14.87 ? 297 GLN A CD  1 
ATOM   96   O OE1 . GLN A 1 13  ? 11.274  9.304   8.301   1.00 13.09 ? 297 GLN A OE1 1 
ATOM   97   N NE2 . GLN A 1 13  ? 11.946  7.217   8.646   1.00 8.00  ? 297 GLN A NE2 1 
ATOM   98   N N   . LEU A 1 14  ? 11.008  10.048  3.852   1.00 13.06 ? 298 LEU A N   1 
ATOM   99   C CA  . LEU A 1 14  ? 10.530  9.725   2.513   1.00 11.97 ? 298 LEU A CA  1 
ATOM   100  C C   . LEU A 1 14  ? 10.648  10.915  1.594   1.00 17.19 ? 298 LEU A C   1 
ATOM   101  O O   . LEU A 1 14  ? 10.468  12.066  2.007   1.00 16.67 ? 298 LEU A O   1 
ATOM   102  C CB  . LEU A 1 14  ? 9.074   9.227   2.517   1.00 11.02 ? 298 LEU A CB  1 
ATOM   103  C CG  . LEU A 1 14  ? 8.777   7.943   3.262   1.00 14.31 ? 298 LEU A CG  1 
ATOM   104  C CD1 . LEU A 1 14  ? 7.287   7.755   3.405   1.00 14.75 ? 298 LEU A CD1 1 
ATOM   105  C CD2 . LEU A 1 14  ? 9.408   6.733   2.570   1.00 13.16 ? 298 LEU A CD2 1 
ATOM   106  N N   . LYS A 1 15  ? 10.973  10.634  0.344   1.00 14.23 ? 299 LYS A N   1 
ATOM   107  C CA  . LYS A 1 15  ? 11.118  11.689  -0.634  1.00 13.91 ? 299 LYS A CA  1 
ATOM   108  C C   . LYS A 1 15  ? 9.887   11.690  -1.548  1.00 17.79 ? 299 LYS A C   1 
ATOM   109  O O   . LYS A 1 15  ? 9.714   10.785  -2.362  1.00 17.11 ? 299 LYS A O   1 
ATOM   110  C CB  . LYS A 1 15  ? 12.464  11.556  -1.385  1.00 15.82 ? 299 LYS A CB  1 
ATOM   111  C CG  . LYS A 1 15  ? 13.683  11.781  -0.444  1.00 18.83 ? 299 LYS A CG  1 
ATOM   112  C CD  . LYS A 1 15  ? 14.857  10.851  -0.749  1.00 31.52 ? 299 LYS A CD  1 
ATOM   113  C CE  . LYS A 1 15  ? 14.805  9.523   -0.027  1.00 34.20 ? 299 LYS A CE  1 
ATOM   114  N NZ  . LYS A 1 15  ? 15.883  8.600   -0.490  1.00 34.46 ? 299 LYS A NZ  1 
ATOM   115  N N   . ILE A 1 16  ? 9.027   12.701  -1.370  1.00 15.18 ? 300 ILE A N   1 
ATOM   116  C CA  . ILE A 1 16  ? 7.793   12.897  -2.136  1.00 15.19 ? 300 ILE A CA  1 
ATOM   117  C C   . ILE A 1 16  ? 8.015   13.876  -3.281  1.00 16.99 ? 300 ILE A C   1 
ATOM   118  O O   . ILE A 1 16  ? 8.627   14.926  -3.090  1.00 17.42 ? 300 ILE A O   1 
ATOM   119  C CB  . ILE A 1 16  ? 6.546   13.195  -1.223  1.00 18.78 ? 300 ILE A CB  1 
ATOM   120  C CG1 . ILE A 1 16  ? 6.111   11.906  -0.453  1.00 20.13 ? 300 ILE A CG1 1 
ATOM   121  C CG2 . ILE A 1 16  ? 5.329   13.705  -2.034  1.00 16.87 ? 300 ILE A CG2 1 
ATOM   122  C CD1 . ILE A 1 16  ? 6.589   11.789  0.879   1.00 31.32 ? 300 ILE A CD1 1 
ATOM   123  N N   . SER A 1 17  ? 7.583   13.489  -4.491  1.00 12.71 ? 301 SER A N   1 
ATOM   124  C CA  . SER A 1 17  ? 7.716   14.306  -5.697  1.00 12.80 ? 301 SER A CA  1 
ATOM   125  C C   . SER A 1 17  ? 6.852   15.563  -5.615  1.00 15.14 ? 301 SER A C   1 
ATOM   126  O O   . SER A 1 17  ? 5.891   15.591  -4.856  1.00 16.57 ? 301 SER A O   1 
ATOM   127  C CB  . SER A 1 17  ? 7.330   13.485  -6.929  1.00 14.83 ? 301 SER A CB  1 
ATOM   128  O OG  . SER A 1 17  ? 5.953   13.148  -6.884  1.00 12.09 ? 301 SER A OG  1 
ATOM   129  N N   . ASP A 1 18  ? 7.180   16.588  -6.394  1.00 10.91 ? 302 ASP A N   1 
ATOM   130  C CA  . ASP A 1 18  ? 6.422   17.851  -6.462  1.00 10.84 ? 302 ASP A CA  1 
ATOM   131  C C   . ASP A 1 18  ? 4.944   17.625  -6.773  1.00 15.84 ? 302 ASP A C   1 
ATOM   132  O O   . ASP A 1 18  ? 4.095   18.285  -6.161  1.00 15.54 ? 302 ASP A O   1 
ATOM   133  C CB  . ASP A 1 18  ? 7.052   18.831  -7.473  1.00 11.79 ? 302 ASP A CB  1 
ATOM   134  C CG  . ASP A 1 18  ? 8.510   19.235  -7.190  1.00 19.86 ? 302 ASP A CG  1 
ATOM   135  O OD1 . ASP A 1 18  ? 9.041   18.869  -6.118  1.00 18.39 ? 302 ASP A OD1 1 
ATOM   136  O OD2 . ASP A 1 18  ? 9.112   19.919  -8.043  1.00 24.75 ? 302 ASP A OD2 1 
ATOM   137  N N   . ASP A 1 19  ? 4.630   16.641  -7.667  1.00 12.40 ? 303 ASP A N   1 
ATOM   138  C CA  . ASP A 1 19  ? 3.238   16.322  -8.011  1.00 12.97 ? 303 ASP A CA  1 
ATOM   139  C C   . ASP A 1 19  ? 2.539   15.499  -6.936  1.00 16.65 ? 303 ASP A C   1 
ATOM   140  O O   . ASP A 1 19  ? 1.340   15.303  -7.059  1.00 16.02 ? 303 ASP A O   1 
ATOM   141  C CB  . ASP A 1 19  ? 3.099   15.663  -9.419  1.00 14.89 ? 303 ASP A CB  1 
ATOM   142  C CG  . ASP A 1 19  ? 3.659   14.257  -9.589  1.00 16.91 ? 303 ASP A CG  1 
ATOM   143  O OD1 . ASP A 1 19  ? 4.198   13.704  -8.614  1.00 15.90 ? 303 ASP A OD1 1 
ATOM   144  O OD2 . ASP A 1 19  ? 3.577   13.723  -10.700 1.00 22.43 ? 303 ASP A OD2 1 
ATOM   145  N N   . ARG A 1 20  ? 3.285   15.013  -5.884  1.00 12.94 ? 304 ARG A N   1 
ATOM   146  C CA  . ARG A 1 20  ? 2.767   14.210  -4.754  1.00 11.88 ? 304 ARG A CA  1 
ATOM   147  C C   . ARG A 1 20  ? 2.141   12.872  -5.187  1.00 15.21 ? 304 ARG A C   1 
ATOM   148  O O   . ARG A 1 20  ? 1.191   12.377  -4.564  1.00 14.24 ? 304 ARG A O   1 
ATOM   149  C CB  . ARG A 1 20  ? 1.774   15.030  -3.917  1.00 11.97 ? 304 ARG A CB  1 
ATOM   150  C CG  . ARG A 1 20  ? 2.388   16.278  -3.252  1.00 18.28 ? 304 ARG A CG  1 
ATOM   151  C CD  . ARG A 1 20  ? 1.302   17.177  -2.711  1.00 14.57 ? 304 ARG A CD  1 
ATOM   152  N NE  . ARG A 1 20  ? 0.413   16.447  -1.803  1.00 15.32 ? 304 ARG A NE  1 
ATOM   153  C CZ  . ARG A 1 20  ? -0.629  16.988  -1.184  1.00 29.09 ? 304 ARG A CZ  1 
ATOM   154  N NH1 . ARG A 1 20  ? -0.929  18.266  -1.372  1.00 11.96 ? 304 ARG A NH1 1 
ATOM   155  N NH2 . ARG A 1 20  ? -1.379  16.255  -0.369  1.00 19.38 ? 304 ARG A NH2 1 
ATOM   156  N N   . LEU A 1 21  ? 2.686   12.283  -6.261  1.00 11.98 ? 305 LEU A N   1 
ATOM   157  C CA  . LEU A 1 21  ? 2.220   11.002  -6.809  1.00 10.65 ? 305 LEU A CA  1 
ATOM   158  C C   . LEU A 1 21  ? 3.342   9.975   -6.823  1.00 15.51 ? 305 LEU A C   1 
ATOM   159  O O   . LEU A 1 21  ? 3.083   8.787   -7.031  1.00 17.16 ? 305 LEU A O   1 
ATOM   160  C CB  . LEU A 1 21  ? 1.656   11.203  -8.227  1.00 9.55  ? 305 LEU A CB  1 
ATOM   161  C CG  . LEU A 1 21  ? 0.323   11.946  -8.340  1.00 13.54 ? 305 LEU A CG  1 
ATOM   162  C CD1 . LEU A 1 21  ? -0.062  12.128  -9.822  1.00 14.00 ? 305 LEU A CD1 1 
ATOM   163  C CD2 . LEU A 1 21  ? -0.804  11.220  -7.573  1.00 13.25 ? 305 LEU A CD2 1 
ATOM   164  N N   . THR A 1 22  ? 4.583   10.432  -6.608  1.00 10.93 ? 306 THR A N   1 
ATOM   165  C CA  . THR A 1 22  ? 5.769   9.581   -6.587  1.00 11.28 ? 306 THR A CA  1 
ATOM   166  C C   . THR A 1 22  ? 6.495   9.656   -5.240  1.00 14.80 ? 306 THR A C   1 
ATOM   167  O O   . THR A 1 22  ? 6.607   10.720  -4.642  1.00 12.88 ? 306 THR A O   1 
ATOM   168  C CB  . THR A 1 22  ? 6.669   9.847   -7.821  1.00 16.77 ? 306 THR A CB  1 
ATOM   169  O OG1 . THR A 1 22  ? 5.934   9.578   -9.011  1.00 11.50 ? 306 THR A OG1 1 
ATOM   170  C CG2 . THR A 1 22  ? 7.942   9.000   -7.833  1.00 16.77 ? 306 THR A CG2 1 
ATOM   171  N N   . VAL A 1 23  ? 6.985   8.509   -4.774  1.00 13.07 ? 307 VAL A N   1 
ATOM   172  C CA  . VAL A 1 23  ? 7.684   8.441   -3.500  1.00 12.90 ? 307 VAL A CA  1 
ATOM   173  C C   . VAL A 1 23  ? 8.908   7.520   -3.531  1.00 16.24 ? 307 VAL A C   1 
ATOM   174  O O   . VAL A 1 23  ? 8.868   6.440   -4.133  1.00 15.20 ? 307 VAL A O   1 
ATOM   175  C CB  . VAL A 1 23  ? 6.726   8.221   -2.295  1.00 14.97 ? 307 VAL A CB  1 
ATOM   176  C CG1 . VAL A 1 23  ? 5.932   6.914   -2.429  1.00 13.99 ? 307 VAL A CG1 1 
ATOM   177  C CG2 . VAL A 1 23  ? 7.467   8.302   -0.958  1.00 14.26 ? 307 VAL A CG2 1 
ATOM   178  N N   . VAL A 1 24  ? 10.014  7.993   -2.924  1.00 12.98 ? 308 VAL A N   1 
ATOM   179  C CA  . VAL A 1 24  ? 11.284  7.254   -2.813  1.00 11.13 ? 308 VAL A CA  1 
ATOM   180  C C   . VAL A 1 24  ? 11.537  7.004   -1.329  1.00 13.52 ? 308 VAL A C   1 
ATOM   181  O O   . VAL A 1 24  ? 11.409  7.928   -0.534  1.00 12.82 ? 308 VAL A O   1 
ATOM   182  C CB  . VAL A 1 24  ? 12.489  7.967   -3.496  1.00 13.80 ? 308 VAL A CB  1 
ATOM   183  C CG1 . VAL A 1 24  ? 13.705  7.030   -3.578  1.00 13.07 ? 308 VAL A CG1 1 
ATOM   184  C CG2 . VAL A 1 24  ? 12.124  8.491   -4.880  1.00 13.04 ? 308 VAL A CG2 1 
ATOM   185  N N   . GLY A 1 25  ? 11.890  5.764   -0.985  1.00 10.46 ? 309 GLY A N   1 
ATOM   186  C CA  . GLY A 1 25  ? 12.162  5.347   0.386   1.00 10.17 ? 309 GLY A CA  1 
ATOM   187  C C   . GLY A 1 25  ? 13.545  5.714   0.885   1.00 15.41 ? 309 GLY A C   1 
ATOM   188  O O   . GLY A 1 25  ? 14.422  6.115   0.112   1.00 14.43 ? 309 GLY A O   1 
ATOM   189  N N   . GLU A 1 26  ? 13.749  5.583   2.190   1.00 12.62 ? 310 GLU A N   1 
ATOM   190  C CA  . GLU A 1 26  ? 15.031  5.921   2.788   1.00 12.86 ? 310 GLU A CA  1 
ATOM   191  C C   . GLU A 1 26  ? 15.271  5.014   3.997   1.00 14.69 ? 310 GLU A C   1 
ATOM   192  O O   . GLU A 1 26  ? 14.507  5.070   4.952   1.00 13.21 ? 310 GLU A O   1 
ATOM   193  C CB  . GLU A 1 26  ? 15.043  7.432   3.173   1.00 14.32 ? 310 GLU A CB  1 
ATOM   194  C CG  . GLU A 1 26  ? 16.263  7.888   3.968   1.00 26.93 ? 310 GLU A CG  1 
ATOM   195  C CD  . GLU A 1 26  ? 17.528  8.158   3.175   1.00 54.61 ? 310 GLU A CD  1 
ATOM   196  O OE1 . GLU A 1 26  ? 17.438  8.588   2.000   1.00 41.79 ? 310 GLU A OE1 1 
ATOM   197  O OE2 . GLU A 1 26  ? 18.622  7.980   3.758   1.00 55.05 ? 310 GLU A OE2 1 
ATOM   198  N N   . LYS A 1 27  ? 16.325  4.169   3.931   1.00 12.29 ? 311 LYS A N   1 
ATOM   199  C CA  . LYS A 1 27  ? 16.752  3.243   5.003   1.00 13.04 ? 311 LYS A CA  1 
ATOM   200  C C   . LYS A 1 27  ? 15.577  2.380   5.501   1.00 15.67 ? 311 LYS A C   1 
ATOM   201  O O   . LYS A 1 27  ? 14.835  1.875   4.659   1.00 15.16 ? 311 LYS A O   1 
ATOM   202  C CB  . LYS A 1 27  ? 17.478  3.994   6.146   1.00 15.38 ? 311 LYS A CB  1 
ATOM   203  C CG  . LYS A 1 27  ? 18.635  4.859   5.670   1.00 24.19 ? 311 LYS A CG  1 
ATOM   204  C CD  . LYS A 1 27  ? 19.392  5.445   6.849   1.00 40.09 ? 311 LYS A CD  1 
ATOM   205  C CE  . LYS A 1 27  ? 20.524  6.354   6.414   1.00 54.87 ? 311 LYS A CE  1 
ATOM   206  N NZ  . LYS A 1 27  ? 20.053  7.740   6.154   1.00 67.59 ? 311 LYS A NZ  1 
ATOM   207  N N   . GLY A 1 28  ? 15.408  2.253   6.829   1.00 11.53 ? 312 GLY A N   1 
ATOM   208  C CA  . GLY A 1 28  ? 14.357  1.466   7.471   1.00 10.17 ? 312 GLY A CA  1 
ATOM   209  C C   . GLY A 1 28  ? 12.943  1.839   7.056   1.00 12.94 ? 312 GLY A C   1 
ATOM   210  O O   . GLY A 1 28  ? 12.694  2.971   6.630   1.00 11.85 ? 312 GLY A O   1 
ATOM   211  N N   . TYR A 1 29  ? 12.000  0.893   7.181   1.00 8.99  ? 313 TYR A N   1 
ATOM   212  C CA  . TYR A 1 29  ? 10.623  1.135   6.757   1.00 8.19  ? 313 TYR A CA  1 
ATOM   213  C C   . TYR A 1 29  ? 9.991   2.366   7.334   1.00 12.94 ? 313 TYR A C   1 
ATOM   214  O O   . TYR A 1 29  ? 10.117  2.628   8.524   1.00 12.26 ? 313 TYR A O   1 
ATOM   215  C CB  . TYR A 1 29  ? 9.725   -0.049  7.052   1.00 8.59  ? 313 TYR A CB  1 
ATOM   216  C CG  . TYR A 1 29  ? 9.602   -1.034  5.913   1.00 6.92  ? 313 TYR A CG  1 
ATOM   217  C CD1 . TYR A 1 29  ? 8.831   -0.738  4.787   1.00 7.07  ? 313 TYR A CD1 1 
ATOM   218  C CD2 . TYR A 1 29  ? 10.119  -2.322  6.028   1.00 6.77  ? 313 TYR A CD2 1 
ATOM   219  C CE1 . TYR A 1 29  ? 8.671   -1.668  3.753   1.00 8.91  ? 313 TYR A CE1 1 
ATOM   220  C CE2 . TYR A 1 29  ? 9.959   -3.260  5.010   1.00 6.95  ? 313 TYR A CE2 1 
ATOM   221  C CZ  . TYR A 1 29  ? 9.254   -2.923  3.864   1.00 13.12 ? 313 TYR A CZ  1 
ATOM   222  O OH  . TYR A 1 29  ? 9.111   -3.858  2.868   1.00 10.72 ? 313 TYR A OH  1 
ATOM   223  N N   . SER A 1 30  ? 9.301   3.118   6.474   1.00 9.86  ? 314 SER A N   1 
ATOM   224  C CA  . SER A 1 30  ? 8.574   4.320   6.859   1.00 8.94  ? 314 SER A CA  1 
ATOM   225  C C   . SER A 1 30  ? 7.411   4.517   5.874   1.00 11.45 ? 314 SER A C   1 
ATOM   226  O O   . SER A 1 30  ? 7.460   4.000   4.766   1.00 9.67  ? 314 SER A O   1 
ATOM   227  C CB  . SER A 1 30  ? 9.501   5.521   6.956   1.00 9.31  ? 314 SER A CB  1 
ATOM   228  O OG  . SER A 1 30  ? 9.883   5.966   5.672   1.00 14.20 ? 314 SER A OG  1 
ATOM   229  N N   . MET A 1 31  ? 6.366   5.223   6.297   1.00 10.36 ? 315 MET A N   1 
ATOM   230  C CA  . MET A 1 31  ? 5.107   5.313   5.570   1.00 11.47 ? 315 MET A CA  1 
ATOM   231  C C   . MET A 1 31  ? 4.568   6.709   5.290   1.00 16.06 ? 315 MET A C   1 
ATOM   232  O O   . MET A 1 31  ? 4.846   7.666   6.022   1.00 15.48 ? 315 MET A O   1 
ATOM   233  C CB  . MET A 1 31  ? 4.057   4.503   6.378   1.00 14.41 ? 315 MET A CB  1 
ATOM   234  C CG  . MET A 1 31  ? 2.704   4.303   5.676   1.00 19.29 ? 315 MET A CG  1 
ATOM   235  S SD  . MET A 1 31  ? 1.313   4.236   6.827   1.00 25.21 ? 315 MET A SD  1 
ATOM   236  C CE  . MET A 1 31  ? 1.831   2.848   7.860   1.00 21.42 ? 315 MET A CE  1 
ATOM   237  N N   . VAL A 1 32  ? 3.779   6.785   4.198   1.00 11.93 ? 316 VAL A N   1 
ATOM   238  C CA  . VAL A 1 32  ? 2.997   7.919   3.718   1.00 10.62 ? 316 VAL A CA  1 
ATOM   239  C C   . VAL A 1 32  ? 1.558   7.404   3.438   1.00 13.18 ? 316 VAL A C   1 
ATOM   240  O O   . VAL A 1 32  ? 1.395   6.314   2.880   1.00 12.03 ? 316 VAL A O   1 
ATOM   241  C CB  . VAL A 1 32  ? 3.639   8.640   2.480   1.00 13.12 ? 316 VAL A CB  1 
ATOM   242  C CG1 . VAL A 1 32  ? 3.858   7.698   1.289   1.00 12.08 ? 316 VAL A CG1 1 
ATOM   243  C CG2 . VAL A 1 32  ? 2.826   9.862   2.059   1.00 12.76 ? 316 VAL A CG2 1 
ATOM   244  N N   . ARG A 1 33  ? 0.532   8.169   3.843   1.00 11.30 ? 317 ARG A N   1 
ATOM   245  C CA  . ARG A 1 33  ? -0.864  7.831   3.528   1.00 11.73 ? 317 ARG A CA  1 
ATOM   246  C C   . ARG A 1 33  ? -1.324  8.835   2.457   1.00 14.42 ? 317 ARG A C   1 
ATOM   247  O O   . ARG A 1 33  ? -0.694  9.882   2.281   1.00 13.75 ? 317 ARG A O   1 
ATOM   248  C CB  . ARG A 1 33  ? -1.792  7.913   4.788   1.00 12.10 ? 317 ARG A CB  1 
ATOM   249  C CG  . ARG A 1 33  ? -1.827  6.663   5.663   1.00 16.16 ? 317 ARG A CG  1 
ATOM   250  C CD  . ARG A 1 33  ? -2.776  6.766   6.876   1.00 14.15 ? 317 ARG A CD  1 
ATOM   251  N NE  . ARG A 1 33  ? -2.230  7.672   7.895   1.00 8.32  ? 317 ARG A NE  1 
ATOM   252  C CZ  . ARG A 1 33  ? -1.452  7.297   8.903   1.00 15.66 ? 317 ARG A CZ  1 
ATOM   253  N NH1 . ARG A 1 33  ? -1.185  6.011   9.104   1.00 10.23 ? 317 ARG A NH1 1 
ATOM   254  N NH2 . ARG A 1 33  ? -0.951  8.203   9.731   1.00 10.42 ? 317 ARG A NH2 1 
ATOM   255  N N   . ALA A 1 34  ? -2.426  8.529   1.740   1.00 12.03 ? 318 ALA A N   1 
ATOM   256  C CA  . ALA A 1 34  ? -3.034  9.461   0.781   1.00 10.70 ? 318 ALA A CA  1 
ATOM   257  C C   . ALA A 1 34  ? -3.727  10.599  1.563   1.00 13.51 ? 318 ALA A C   1 
ATOM   258  O O   . ALA A 1 34  ? -3.839  10.530  2.778   1.00 11.81 ? 318 ALA A O   1 
ATOM   259  C CB  . ALA A 1 34  ? -4.055  8.744   -0.074  1.00 11.37 ? 318 ALA A CB  1 
ATOM   260  N N   . SER A 1 35  ? -4.230  11.609  0.854   1.00 10.97 ? 319 SER A N   1 
ATOM   261  C CA  . SER A 1 35  ? -4.925  12.769  1.418   1.00 10.45 ? 319 SER A CA  1 
ATOM   262  C C   . SER A 1 35  ? -6.388  12.459  1.754   1.00 14.20 ? 319 SER A C   1 
ATOM   263  O O   . SER A 1 35  ? -6.993  13.174  2.545   1.00 15.24 ? 319 SER A O   1 
ATOM   264  C CB  . SER A 1 35  ? -4.897  13.915  0.413   1.00 11.99 ? 319 SER A CB  1 
ATOM   265  O OG  . SER A 1 35  ? -5.365  13.470  -0.851  1.00 14.48 ? 319 SER A OG  1 
ATOM   266  N N   . HIS A 1 36  ? -6.966  11.450  1.118   1.00 9.26  ? 320 HIS A N   1 
ATOM   267  C CA  . HIS A 1 36  ? -8.377  11.094  1.315   1.00 9.79  ? 320 HIS A CA  1 
ATOM   268  C C   . HIS A 1 36  ? -8.505  9.647   1.725   1.00 13.52 ? 320 HIS A C   1 
ATOM   269  O O   . HIS A 1 36  ? -7.781  8.798   1.202   1.00 13.34 ? 320 HIS A O   1 
ATOM   270  C CB  . HIS A 1 36  ? -9.193  11.297  0.006   1.00 10.31 ? 320 HIS A CB  1 
ATOM   271  C CG  . HIS A 1 36  ? -9.227  12.702  -0.531  1.00 13.14 ? 320 HIS A CG  1 
ATOM   272  N ND1 . HIS A 1 36  ? -8.074  13.411  -0.776  1.00 14.77 ? 320 HIS A ND1 1 
ATOM   273  C CD2 . HIS A 1 36  ? -10.284 13.455  -0.909  1.00 14.94 ? 320 HIS A CD2 1 
ATOM   274  C CE1 . HIS A 1 36  ? -8.454  14.585  -1.263  1.00 14.17 ? 320 HIS A CE1 1 
ATOM   275  N NE2 . HIS A 1 36  ? -9.776  14.655  -1.368  1.00 14.64 ? 320 HIS A NE2 1 
ATOM   276  N N   . GLY A 1 37  ? -9.457  9.378   2.607   1.00 9.77  ? 321 GLY A N   1 
ATOM   277  C CA  . GLY A 1 37  ? -9.761  8.033   3.072   1.00 9.69  ? 321 GLY A CA  1 
ATOM   278  C C   . GLY A 1 37  ? -11.186 7.624   2.761   1.00 14.34 ? 321 GLY A C   1 
ATOM   279  O O   . GLY A 1 37  ? -11.993 8.447   2.324   1.00 14.13 ? 321 GLY A O   1 
ATOM   280  N N   . VAL A 1 38  ? -11.497 6.332   2.959   1.00 11.87 ? 322 VAL A N   1 
ATOM   281  C CA  . VAL A 1 38  ? -12.817 5.760   2.681   1.00 11.24 ? 322 VAL A CA  1 
ATOM   282  C C   . VAL A 1 38  ? -13.393 5.066   3.906   1.00 14.30 ? 322 VAL A C   1 
ATOM   283  O O   . VAL A 1 38  ? -12.651 4.444   4.671   1.00 12.98 ? 322 VAL A O   1 
ATOM   284  C CB  . VAL A 1 38  ? -12.819 4.842   1.413   1.00 14.92 ? 322 VAL A CB  1 
ATOM   285  C CG1 . VAL A 1 38  ? -12.562 5.665   0.154   1.00 14.51 ? 322 VAL A CG1 1 
ATOM   286  C CG2 . VAL A 1 38  ? -11.817 3.683   1.535   1.00 13.49 ? 322 VAL A CG2 1 
ATOM   287  N N   . ARG A 1 39  ? -14.722 5.128   4.055   1.00 11.77 ? 323 ARG A N   1 
ATOM   288  C CA  . ARG A 1 39  ? -15.450 4.543   5.181   1.00 11.79 ? 323 ARG A CA  1 
ATOM   289  C C   . ARG A 1 39  ? -16.488 3.464   4.742   1.00 15.10 ? 323 ARG A C   1 
ATOM   290  O O   . ARG A 1 39  ? -16.731 2.517   5.479   1.00 13.89 ? 323 ARG A O   1 
ATOM   291  C CB  . ARG A 1 39  ? -16.137 5.674   5.949   1.00 13.70 ? 323 ARG A CB  1 
ATOM   292  C CG  . ARG A 1 39  ? -16.524 5.328   7.377   1.00 18.25 ? 323 ARG A CG  1 
ATOM   293  C CD  . ARG A 1 39  ? -17.014 6.575   8.100   1.00 20.86 ? 323 ARG A CD  1 
ATOM   294  N NE  . ARG A 1 39  ? -18.278 7.089   7.558   1.00 22.52 ? 323 ARG A NE  1 
ATOM   295  C CZ  . ARG A 1 39  ? -19.478 6.719   7.991   1.00 31.25 ? 323 ARG A CZ  1 
ATOM   296  N NH1 . ARG A 1 39  ? -19.593 5.820   8.963   1.00 16.31 ? 323 ARG A NH1 1 
ATOM   297  N NH2 . ARG A 1 39  ? -20.572 7.228   7.444   1.00 15.59 ? 323 ARG A NH2 1 
ATOM   298  N N   . LYS A 1 40  ? -17.109 3.639   3.571   1.00 12.73 ? 324 LYS A N   1 
ATOM   299  C CA  . LYS A 1 40  ? -18.108 2.711   3.031   1.00 13.21 ? 324 LYS A CA  1 
ATOM   300  C C   . LYS A 1 40  ? -17.916 2.525   1.516   1.00 16.51 ? 324 LYS A C   1 
ATOM   301  O O   . LYS A 1 40  ? -17.380 3.424   0.843   1.00 16.39 ? 324 LYS A O   1 
ATOM   302  C CB  . LYS A 1 40  ? -19.538 3.225   3.310   1.00 15.80 ? 324 LYS A CB  1 
ATOM   303  N N   . GLY A 1 41  ? -18.429 1.405   0.994   1.00 11.22 ? 325 GLY A N   1 
ATOM   304  C CA  . GLY A 1 41  ? -18.396 1.107   -0.435  1.00 10.45 ? 325 GLY A CA  1 
ATOM   305  C C   . GLY A 1 41  ? -17.134 0.390   -0.869  1.00 14.73 ? 325 GLY A C   1 
ATOM   306  O O   . GLY A 1 41  ? -16.307 -0.007  -0.037  1.00 14.03 ? 325 GLY A O   1 
ATOM   307  N N   . ALA A 1 42  ? -17.011 0.178   -2.177  1.00 12.98 ? 326 ALA A N   1 
ATOM   308  C CA  . ALA A 1 42  ? -15.873 -0.523  -2.799  1.00 12.72 ? 326 ALA A CA  1 
ATOM   309  C C   . ALA A 1 42  ? -14.993 0.513   -3.499  1.00 15.22 ? 326 ALA A C   1 
ATOM   310  O O   . ALA A 1 42  ? -15.502 1.359   -4.239  1.00 14.84 ? 326 ALA A O   1 
ATOM   311  C CB  . ALA A 1 42  ? -16.376 -1.584  -3.776  1.00 12.75 ? 326 ALA A CB  1 
ATOM   312  N N   . TRP A 1 43  ? -13.696 0.512   -3.187  1.00 11.71 ? 327 TRP A N   1 
ATOM   313  C CA  . TRP A 1 43  ? -12.741 1.519   -3.695  1.00 11.76 ? 327 TRP A CA  1 
ATOM   314  C C   . TRP A 1 43  ? -11.483 0.906   -4.299  1.00 14.65 ? 327 TRP A C   1 
ATOM   315  O O   . TRP A 1 43  ? -11.083 -0.184  -3.901  1.00 14.39 ? 327 TRP A O   1 
ATOM   316  C CB  . TRP A 1 43  ? -12.404 2.540   -2.579  1.00 11.08 ? 327 TRP A CB  1 
ATOM   317  C CG  . TRP A 1 43  ? -13.633 3.279   -2.137  1.00 12.63 ? 327 TRP A CG  1 
ATOM   318  C CD1 . TRP A 1 43  ? -14.541 2.881   -1.199  1.00 15.51 ? 327 TRP A CD1 1 
ATOM   319  C CD2 . TRP A 1 43  ? -14.167 4.466   -2.739  1.00 12.91 ? 327 TRP A CD2 1 
ATOM   320  N NE1 . TRP A 1 43  ? -15.598 3.765   -1.159  1.00 15.38 ? 327 TRP A NE1 1 
ATOM   321  C CE2 . TRP A 1 43  ? -15.389 4.754   -2.090  1.00 16.86 ? 327 TRP A CE2 1 
ATOM   322  C CE3 . TRP A 1 43  ? -13.699 5.348   -3.728  1.00 14.19 ? 327 TRP A CE3 1 
ATOM   323  C CZ2 . TRP A 1 43  ? -16.169 5.859   -2.424  1.00 15.80 ? 327 TRP A CZ2 1 
ATOM   324  C CZ3 . TRP A 1 43  ? -14.462 6.462   -4.041  1.00 15.61 ? 327 TRP A CZ3 1 
ATOM   325  C CH2 . TRP A 1 43  ? -15.673 6.715   -3.386  1.00 16.33 ? 327 TRP A CH2 1 
ATOM   326  N N   . TYR A 1 44  ? -10.858 1.611   -5.253  1.00 10.93 ? 328 TYR A N   1 
ATOM   327  C CA  . TYR A 1 44  ? -9.670  1.110   -5.946  1.00 10.09 ? 328 TYR A CA  1 
ATOM   328  C C   . TYR A 1 44  ? -8.606  2.163   -6.260  1.00 13.17 ? 328 TYR A C   1 
ATOM   329  O O   . TYR A 1 44  ? -8.927  3.319   -6.515  1.00 12.43 ? 328 TYR A O   1 
ATOM   330  C CB  . TYR A 1 44  ? -10.121 0.438   -7.254  1.00 10.85 ? 328 TYR A CB  1 
ATOM   331  C CG  . TYR A 1 44  ? -9.120  -0.523  -7.854  1.00 12.32 ? 328 TYR A CG  1 
ATOM   332  C CD1 . TYR A 1 44  ? -9.042  -1.839  -7.416  1.00 14.05 ? 328 TYR A CD1 1 
ATOM   333  C CD2 . TYR A 1 44  ? -8.314  -0.143  -8.917  1.00 13.03 ? 328 TYR A CD2 1 
ATOM   334  C CE1 . TYR A 1 44  ? -8.126  -2.727  -7.962  1.00 13.82 ? 328 TYR A CE1 1 
ATOM   335  C CE2 . TYR A 1 44  ? -7.399  -1.027  -9.479  1.00 13.92 ? 328 TYR A CE2 1 
ATOM   336  C CZ  . TYR A 1 44  ? -7.323  -2.323  -9.011  1.00 18.97 ? 328 TYR A CZ  1 
ATOM   337  O OH  . TYR A 1 44  ? -6.472  -3.215  -9.601  1.00 19.90 ? 328 TYR A OH  1 
ATOM   338  N N   . PHE A 1 45  ? -7.326  1.735   -6.289  1.00 10.69 ? 329 PHE A N   1 
ATOM   339  C CA  . PHE A 1 45  ? -6.188  2.562   -6.713  1.00 9.21  ? 329 PHE A CA  1 
ATOM   340  C C   . PHE A 1 45  ? -5.079  1.645   -7.195  1.00 11.18 ? 329 PHE A C   1 
ATOM   341  O O   . PHE A 1 45  ? -5.065  0.467   -6.838  1.00 8.84  ? 329 PHE A O   1 
ATOM   342  C CB  . PHE A 1 45  ? -5.682  3.528   -5.604  1.00 9.87  ? 329 PHE A CB  1 
ATOM   343  C CG  . PHE A 1 45  ? -5.018  2.869   -4.411  1.00 9.46  ? 329 PHE A CG  1 
ATOM   344  C CD1 . PHE A 1 45  ? -3.638  2.687   -4.374  1.00 11.04 ? 329 PHE A CD1 1 
ATOM   345  C CD2 . PHE A 1 45  ? -5.773  2.423   -3.329  1.00 9.40  ? 329 PHE A CD2 1 
ATOM   346  C CE1 . PHE A 1 45  ? -3.025  2.100   -3.256  1.00 12.15 ? 329 PHE A CE1 1 
ATOM   347  C CE2 . PHE A 1 45  ? -5.159  1.847   -2.211  1.00 10.80 ? 329 PHE A CE2 1 
ATOM   348  C CZ  . PHE A 1 45  ? -3.789  1.677   -2.185  1.00 9.36  ? 329 PHE A CZ  1 
ATOM   349  N N   . GLU A 1 46  ? -4.159  2.183   -8.007  1.00 8.33  ? 330 GLU A N   1 
ATOM   350  C CA  . GLU A 1 46  ? -3.009  1.437   -8.514  1.00 8.65  ? 330 GLU A CA  1 
ATOM   351  C C   . GLU A 1 46  ? -1.702  2.025   -8.018  1.00 14.83 ? 330 GLU A C   1 
ATOM   352  O O   . GLU A 1 46  ? -1.613  3.235   -7.780  1.00 15.69 ? 330 GLU A O   1 
ATOM   353  C CB  . GLU A 1 46  ? -2.978  1.449   -10.051 1.00 9.56  ? 330 GLU A CB  1 
ATOM   354  C CG  . GLU A 1 46  ? -3.876  0.414   -10.701 1.00 15.74 ? 330 GLU A CG  1 
ATOM   355  C CD  . GLU A 1 46  ? -3.865  0.410   -12.212 1.00 16.64 ? 330 GLU A CD  1 
ATOM   356  O OE1 . GLU A 1 46  ? -3.510  1.452   -12.810 1.00 12.01 ? 330 GLU A OE1 1 
ATOM   357  O OE2 . GLU A 1 46  ? -4.329  -0.591  -12.801 1.00 18.66 ? 330 GLU A OE2 1 
ATOM   358  N N   . ILE A 1 47  ? -0.672  1.175   -7.914  1.00 11.91 ? 331 ILE A N   1 
ATOM   359  C CA  . ILE A 1 47  ? 0.694   1.593   -7.603  1.00 11.32 ? 331 ILE A CA  1 
ATOM   360  C C   . ILE A 1 47  ? 1.641   0.977   -8.648  1.00 16.08 ? 331 ILE A C   1 
ATOM   361  O O   . ILE A 1 47  ? 1.587   -0.219  -8.906  1.00 14.04 ? 331 ILE A O   1 
ATOM   362  C CB  . ILE A 1 47  ? 1.140   1.328   -6.118  1.00 13.98 ? 331 ILE A CB  1 
ATOM   363  C CG1 . ILE A 1 47  ? 0.416   2.282   -5.113  1.00 12.36 ? 331 ILE A CG1 1 
ATOM   364  C CG2 . ILE A 1 47  ? 2.681   1.447   -5.954  1.00 14.73 ? 331 ILE A CG2 1 
ATOM   365  C CD1 . ILE A 1 47  ? 0.383   1.744   -3.648  1.00 16.26 ? 331 ILE A CD1 1 
ATOM   366  N N   . THR A 1 48  ? 2.508   1.802   -9.244  1.00 14.43 ? 332 THR A N   1 
ATOM   367  C CA  . THR A 1 48  ? 3.500   1.323   -10.186 1.00 13.89 ? 332 THR A CA  1 
ATOM   368  C C   . THR A 1 48  ? 4.869   1.332   -9.515  1.00 16.90 ? 332 THR A C   1 
ATOM   369  O O   . THR A 1 48  ? 5.263   2.364   -8.992  1.00 15.70 ? 332 THR A O   1 
ATOM   370  C CB  . THR A 1 48  ? 3.404   2.117   -11.503 1.00 20.75 ? 332 THR A CB  1 
ATOM   371  O OG1 . THR A 1 48  ? 2.113   1.872   -12.071 1.00 17.03 ? 332 THR A OG1 1 
ATOM   372  C CG2 . THR A 1 48  ? 4.500   1.748   -12.507 1.00 18.37 ? 332 THR A CG2 1 
ATOM   373  N N   . VAL A 1 49  ? 5.597   0.187   -9.540  1.00 14.68 ? 333 VAL A N   1 
ATOM   374  C CA  . VAL A 1 49  ? 6.962   0.090   -8.990  1.00 13.72 ? 333 VAL A CA  1 
ATOM   375  C C   . VAL A 1 49  ? 7.887   0.587   -10.116 1.00 16.77 ? 333 VAL A C   1 
ATOM   376  O O   . VAL A 1 49  ? 8.166   -0.151  -11.070 1.00 16.68 ? 333 VAL A O   1 
ATOM   377  C CB  . VAL A 1 49  ? 7.336   -1.341  -8.486  1.00 16.09 ? 333 VAL A CB  1 
ATOM   378  C CG1 . VAL A 1 49  ? 8.774   -1.388  -7.973  1.00 14.82 ? 333 VAL A CG1 1 
ATOM   379  C CG2 . VAL A 1 49  ? 6.376   -1.810  -7.403  1.00 15.87 ? 333 VAL A CG2 1 
ATOM   380  N N   . ASP A 1 50  ? 8.306   1.857   -10.035 1.00 13.43 ? 334 ASP A N   1 
ATOM   381  C CA  . ASP A 1 50  ? 9.147   2.472   -11.078 1.00 13.33 ? 334 ASP A CA  1 
ATOM   382  C C   . ASP A 1 50  ? 10.581  1.944   -11.031 1.00 18.12 ? 334 ASP A C   1 
ATOM   383  O O   . ASP A 1 50  ? 11.192  1.698   -12.077 1.00 18.10 ? 334 ASP A O   1 
ATOM   384  C CB  . ASP A 1 50  ? 9.121   4.002   -10.961 1.00 14.19 ? 334 ASP A CB  1 
ATOM   385  C CG  . ASP A 1 50  ? 7.721   4.591   -10.879 1.00 20.57 ? 334 ASP A CG  1 
ATOM   386  O OD1 . ASP A 1 50  ? 6.843   4.161   -11.671 1.00 20.99 ? 334 ASP A OD1 1 
ATOM   387  O OD2 . ASP A 1 50  ? 7.504   5.472   -10.026 1.00 20.09 ? 334 ASP A OD2 1 
ATOM   388  N N   . GLU A 1 51  ? 11.105  1.757   -9.811  1.00 14.61 ? 335 GLU A N   1 
ATOM   389  C CA  . GLU A 1 51  ? 12.448  1.245   -9.602  1.00 14.41 ? 335 GLU A CA  1 
ATOM   390  C C   . GLU A 1 51  ? 12.530  0.518   -8.269  1.00 18.25 ? 335 GLU A C   1 
ATOM   391  O O   . GLU A 1 51  ? 12.092  1.032   -7.242  1.00 18.02 ? 335 GLU A O   1 
ATOM   392  C CB  . GLU A 1 51  ? 13.483  2.372   -9.675  1.00 15.55 ? 335 GLU A CB  1 
ATOM   393  C CG  . GLU A 1 51  ? 14.884  1.885   -10.003 1.00 26.92 ? 335 GLU A CG  1 
ATOM   394  C CD  . GLU A 1 51  ? 15.855  3.032   -10.193 1.00 50.08 ? 335 GLU A CD  1 
ATOM   395  O OE1 . GLU A 1 51  ? 16.280  3.620   -9.173  1.00 32.38 ? 335 GLU A OE1 1 
ATOM   396  O OE2 . GLU A 1 51  ? 16.143  3.385   -11.359 1.00 52.21 ? 335 GLU A OE2 1 
ATOM   397  N N   . MET A 1 52  ? 13.117  -0.674  -8.296  1.00 13.47 ? 336 MET A N   1 
ATOM   398  C CA  . MET A 1 52  ? 13.299  -1.471  -7.116  1.00 13.21 ? 336 MET A CA  1 
ATOM   399  C C   . MET A 1 52  ? 14.702  -2.047  -7.185  1.00 19.73 ? 336 MET A C   1 
ATOM   400  O O   . MET A 1 52  ? 14.877  -3.189  -7.605  1.00 18.78 ? 336 MET A O   1 
ATOM   401  C CB  . MET A 1 52  ? 12.193  -2.536  -6.962  1.00 14.74 ? 336 MET A CB  1 
ATOM   402  C CG  . MET A 1 52  ? 12.175  -3.162  -5.590  1.00 17.15 ? 336 MET A CG  1 
ATOM   403  S SD  . MET A 1 52  ? 10.586  -3.888  -5.160  1.00 19.90 ? 336 MET A SD  1 
ATOM   404  C CE  . MET A 1 52  ? 9.779   -2.493  -4.479  1.00 16.07 ? 336 MET A CE  1 
ATOM   405  N N   . PRO A 1 53  ? 15.723  -1.241  -6.782  1.00 18.84 ? 337 PRO A N   1 
ATOM   406  C CA  . PRO A 1 53  ? 17.117  -1.719  -6.816  1.00 19.30 ? 337 PRO A CA  1 
ATOM   407  C C   . PRO A 1 53  ? 17.347  -2.876  -5.833  1.00 26.05 ? 337 PRO A C   1 
ATOM   408  O O   . PRO A 1 53  ? 16.452  -3.135  -5.021  1.00 25.72 ? 337 PRO A O   1 
ATOM   409  C CB  . PRO A 1 53  ? 17.916  -0.474  -6.396  1.00 20.96 ? 337 PRO A CB  1 
ATOM   410  C CG  . PRO A 1 53  ? 16.998  0.697   -6.684  1.00 25.12 ? 337 PRO A CG  1 
ATOM   411  C CD  . PRO A 1 53  ? 15.661  0.148   -6.285  1.00 20.26 ? 337 PRO A CD  1 
ATOM   412  N N   . PRO A 1 54  ? 18.494  -3.614  -5.885  1.00 23.93 ? 338 PRO A N   1 
ATOM   413  C CA  . PRO A 1 54  ? 18.677  -4.743  -4.947  1.00 23.70 ? 338 PRO A CA  1 
ATOM   414  C C   . PRO A 1 54  ? 18.620  -4.304  -3.484  1.00 24.59 ? 338 PRO A C   1 
ATOM   415  O O   . PRO A 1 54  ? 19.023  -3.178  -3.156  1.00 23.78 ? 338 PRO A O   1 
ATOM   416  C CB  . PRO A 1 54  ? 20.057  -5.309  -5.317  1.00 25.70 ? 338 PRO A CB  1 
ATOM   417  C CG  . PRO A 1 54  ? 20.298  -4.833  -6.736  1.00 30.59 ? 338 PRO A CG  1 
ATOM   418  C CD  . PRO A 1 54  ? 19.661  -3.476  -6.790  1.00 26.06 ? 338 PRO A CD  1 
ATOM   419  N N   . ASP A 1 55  ? 18.048  -5.179  -2.630  1.00 19.00 ? 339 ASP A N   1 
ATOM   420  C CA  . ASP A 1 55  ? 17.871  -5.004  -1.178  1.00 18.73 ? 339 ASP A CA  1 
ATOM   421  C C   . ASP A 1 55  ? 16.694  -4.106  -0.783  1.00 21.23 ? 339 ASP A C   1 
ATOM   422  O O   . ASP A 1 55  ? 16.318  -4.110  0.387   1.00 23.74 ? 339 ASP A O   1 
ATOM   423  C CB  . ASP A 1 55  ? 19.170  -4.583  -0.442  1.00 21.14 ? 339 ASP A CB  1 
ATOM   424  C CG  . ASP A 1 55  ? 20.374  -5.488  -0.641  1.00 36.23 ? 339 ASP A CG  1 
ATOM   425  O OD1 . ASP A 1 55  ? 20.181  -6.716  -0.800  1.00 37.27 ? 339 ASP A OD1 1 
ATOM   426  O OD2 . ASP A 1 55  ? 21.514  -4.977  -0.576  1.00 46.17 ? 339 ASP A OD2 1 
ATOM   427  N N   . THR A 1 56  ? 16.098  -3.374  -1.735  1.00 13.54 ? 340 THR A N   1 
ATOM   428  C CA  . THR A 1 56  ? 14.938  -2.527  -1.467  1.00 13.29 ? 340 THR A CA  1 
ATOM   429  C C   . THR A 1 56  ? 13.646  -3.353  -1.496  1.00 15.91 ? 340 THR A C   1 
ATOM   430  O O   . THR A 1 56  ? 13.607  -4.433  -2.084  1.00 15.72 ? 340 THR A O   1 
ATOM   431  C CB  . THR A 1 56  ? 14.882  -1.272  -2.381  1.00 18.76 ? 340 THR A CB  1 
ATOM   432  O OG1 . THR A 1 56  ? 14.418  -1.631  -3.675  1.00 14.62 ? 340 THR A OG1 1 
ATOM   433  C CG2 . THR A 1 56  ? 16.218  -0.486  -2.447  1.00 16.45 ? 340 THR A CG2 1 
ATOM   434  N N   . ALA A 1 57  ? 12.592  -2.831  -0.872  1.00 11.45 ? 341 ALA A N   1 
ATOM   435  C CA  . ALA A 1 57  ? 11.298  -3.487  -0.772  1.00 11.10 ? 341 ALA A CA  1 
ATOM   436  C C   . ALA A 1 57  ? 10.187  -2.501  -0.436  1.00 13.03 ? 341 ALA A C   1 
ATOM   437  O O   . ALA A 1 57  ? 10.434  -1.427  0.131   1.00 10.94 ? 341 ALA A O   1 
ATOM   438  C CB  . ALA A 1 57  ? 11.346  -4.594  0.296   1.00 11.63 ? 341 ALA A CB  1 
ATOM   439  N N   . ALA A 1 58  ? 8.951   -2.919  -0.726  1.00 8.37  ? 342 ALA A N   1 
ATOM   440  C CA  . ALA A 1 58  ? 7.752   -2.140  -0.454  1.00 8.18  ? 342 ALA A CA  1 
ATOM   441  C C   . ALA A 1 58  ? 6.700   -3.001  0.253   1.00 11.35 ? 342 ALA A C   1 
ATOM   442  O O   . ALA A 1 58  ? 6.660   -4.206  0.055   1.00 10.34 ? 342 ALA A O   1 
ATOM   443  C CB  . ALA A 1 58  ? 7.181   -1.620  -1.770  1.00 8.71  ? 342 ALA A CB  1 
ATOM   444  N N   . ARG A 1 59  ? 5.864   -2.376  1.092   1.00 9.24  ? 343 ARG A N   1 
ATOM   445  C CA  . ARG A 1 59  ? 4.700   -3.008  1.724   1.00 8.69  ? 343 ARG A CA  1 
ATOM   446  C C   . ARG A 1 59  ? 3.620   -1.992  1.480   1.00 11.40 ? 343 ARG A C   1 
ATOM   447  O O   . ARG A 1 59  ? 3.668   -0.883  1.998   1.00 11.77 ? 343 ARG A O   1 
ATOM   448  C CB  . ARG A 1 59  ? 4.899   -3.380  3.210   1.00 8.15  ? 343 ARG A CB  1 
ATOM   449  C CG  . ARG A 1 59  ? 5.979   -4.439  3.411   1.00 15.83 ? 343 ARG A CG  1 
ATOM   450  C CD  . ARG A 1 59  ? 6.104   -4.937  4.837   1.00 16.04 ? 343 ARG A CD  1 
ATOM   451  N NE  . ARG A 1 59  ? 7.309   -5.750  5.018   1.00 9.06  ? 343 ARG A NE  1 
ATOM   452  C CZ  . ARG A 1 59  ? 7.629   -6.374  6.144   1.00 20.03 ? 343 ARG A CZ  1 
ATOM   453  N NH1 . ARG A 1 59  ? 6.812   -6.339  7.186   1.00 8.53  ? 343 ARG A NH1 1 
ATOM   454  N NH2 . ARG A 1 59  ? 8.753   -7.070  6.225   1.00 9.96  ? 343 ARG A NH2 1 
ATOM   455  N N   . LEU A 1 60  ? 2.705   -2.352  0.592   1.00 8.29  ? 344 LEU A N   1 
ATOM   456  C CA  . LEU A 1 60  ? 1.657   -1.502  0.046   1.00 7.82  ? 344 LEU A CA  1 
ATOM   457  C C   . LEU A 1 60  ? 0.256   -1.936  0.451   1.00 11.86 ? 344 LEU A C   1 
ATOM   458  O O   . LEU A 1 60  ? 0.002   -3.124  0.650   1.00 11.92 ? 344 LEU A O   1 
ATOM   459  C CB  . LEU A 1 60  ? 1.822   -1.533  -1.497  1.00 7.18  ? 344 LEU A CB  1 
ATOM   460  C CG  . LEU A 1 60  ? 3.244   -1.195  -2.035  1.00 11.45 ? 344 LEU A CG  1 
ATOM   461  C CD1 . LEU A 1 60  ? 3.328   -1.411  -3.550  1.00 10.81 ? 344 LEU A CD1 1 
ATOM   462  C CD2 . LEU A 1 60  ? 3.662   0.267   -1.674  1.00 12.86 ? 344 LEU A CD2 1 
ATOM   463  N N   . GLY A 1 61  ? -0.655  -0.977  0.571   1.00 7.25  ? 345 GLY A N   1 
ATOM   464  C CA  . GLY A 1 61  ? -2.009  -1.330  0.966   1.00 6.70  ? 345 GLY A CA  1 
ATOM   465  C C   . GLY A 1 61  ? -2.863  -0.216  1.515   1.00 11.08 ? 345 GLY A C   1 
ATOM   466  O O   . GLY A 1 61  ? -3.001  0.830   0.890   1.00 11.13 ? 345 GLY A O   1 
ATOM   467  N N   . TRP A 1 62  ? -3.483  -0.475  2.668   1.00 10.69 ? 346 TRP A N   1 
ATOM   468  C CA  . TRP A 1 62  ? -4.445  0.412   3.308   1.00 11.33 ? 346 TRP A CA  1 
ATOM   469  C C   . TRP A 1 62  ? -4.138  0.575   4.789   1.00 15.97 ? 346 TRP A C   1 
ATOM   470  O O   . TRP A 1 62  ? -3.814  -0.398  5.478   1.00 13.24 ? 346 TRP A O   1 
ATOM   471  C CB  . TRP A 1 62  ? -5.876  -0.143  3.165   1.00 9.54  ? 346 TRP A CB  1 
ATOM   472  C CG  . TRP A 1 62  ? -6.348  -0.385  1.759   1.00 10.03 ? 346 TRP A CG  1 
ATOM   473  C CD1 . TRP A 1 62  ? -6.285  -1.560  1.069   1.00 12.84 ? 346 TRP A CD1 1 
ATOM   474  C CD2 . TRP A 1 62  ? -7.075  0.534   0.921   1.00 9.21  ? 346 TRP A CD2 1 
ATOM   475  N NE1 . TRP A 1 62  ? -6.860  -1.414  -0.174  1.00 12.12 ? 346 TRP A NE1 1 
ATOM   476  C CE2 . TRP A 1 62  ? -7.369  -0.143  -0.286  1.00 12.96 ? 346 TRP A CE2 1 
ATOM   477  C CE3 . TRP A 1 62  ? -7.538  1.855   1.090   1.00 10.25 ? 346 TRP A CE3 1 
ATOM   478  C CZ2 . TRP A 1 62  ? -8.121  0.446   -1.315  1.00 12.24 ? 346 TRP A CZ2 1 
ATOM   479  C CZ3 . TRP A 1 62  ? -8.231  2.465   0.045   1.00 12.21 ? 346 TRP A CZ3 1 
ATOM   480  C CH2 . TRP A 1 62  ? -8.521  1.762   -1.139  1.00 12.99 ? 346 TRP A CH2 1 
ATOM   481  N N   . SER A 1 63  ? -4.284  1.813   5.278   1.00 13.22 ? 347 SER A N   1 
ATOM   482  C CA  . SER A 1 63  ? -4.058  2.127   6.678   1.00 12.92 ? 347 SER A CA  1 
ATOM   483  C C   . SER A 1 63  ? -5.113  3.046   7.247   1.00 17.04 ? 347 SER A C   1 
ATOM   484  O O   . SER A 1 63  ? -5.501  4.036   6.605   1.00 15.19 ? 347 SER A O   1 
ATOM   485  C CB  . SER A 1 63  ? -2.699  2.797   6.869   1.00 13.59 ? 347 SER A CB  1 
ATOM   486  O OG  . SER A 1 63  ? -2.520  3.136   8.234   1.00 14.14 ? 347 SER A OG  1 
ATOM   487  N N   . GLN A 1 64  ? -5.485  2.780   8.518   1.00 13.25 ? 348 GLN A N   1 
ATOM   488  C CA  . GLN A 1 64  ? -6.360  3.666   9.277   1.00 13.37 ? 348 GLN A CA  1 
ATOM   489  C C   . GLN A 1 64  ? -5.531  4.898   9.721   1.00 16.62 ? 348 GLN A C   1 
ATOM   490  O O   . GLN A 1 64  ? -4.300  4.808   9.718   1.00 14.38 ? 348 GLN A O   1 
ATOM   491  C CB  . GLN A 1 64  ? -6.910  2.966   10.510  1.00 14.44 ? 348 GLN A CB  1 
ATOM   492  C CG  . GLN A 1 64  ? -7.911  1.877   10.196  1.00 21.56 ? 348 GLN A CG  1 
ATOM   493  C CD  . GLN A 1 64  ? -8.850  1.623   11.337  1.00 28.55 ? 348 GLN A CD  1 
ATOM   494  O OE1 . GLN A 1 64  ? -8.737  2.212   12.412  1.00 22.31 ? 348 GLN A OE1 1 
ATOM   495  N NE2 . GLN A 1 64  ? -9.883  0.859   11.069  1.00 27.45 ? 348 GLN A NE2 1 
ATOM   496  N N   . PRO A 1 65  ? -6.151  6.036   10.133  1.00 14.81 ? 349 PRO A N   1 
ATOM   497  C CA  . PRO A 1 65  ? -5.346  7.204   10.564  1.00 15.14 ? 349 PRO A CA  1 
ATOM   498  C C   . PRO A 1 65  ? -4.302  6.946   11.676  1.00 19.16 ? 349 PRO A C   1 
ATOM   499  O O   . PRO A 1 65  ? -3.295  7.650   11.743  1.00 17.07 ? 349 PRO A O   1 
ATOM   500  C CB  . PRO A 1 65  ? -6.412  8.212   11.019  1.00 16.67 ? 349 PRO A CB  1 
ATOM   501  C CG  . PRO A 1 65  ? -7.626  7.841   10.252  1.00 20.93 ? 349 PRO A CG  1 
ATOM   502  C CD  . PRO A 1 65  ? -7.601  6.348   10.172  1.00 16.67 ? 349 PRO A CD  1 
ATOM   503  N N   . LEU A 1 66  ? -4.514  5.928   12.526  1.00 17.47 ? 350 LEU A N   1 
ATOM   504  C CA  . LEU A 1 66  ? -3.575  5.649   13.623  1.00 17.57 ? 350 LEU A CA  1 
ATOM   505  C C   . LEU A 1 66  ? -2.368  4.793   13.269  1.00 18.31 ? 350 LEU A C   1 
ATOM   506  O O   . LEU A 1 66  ? -1.546  4.523   14.145  1.00 16.19 ? 350 LEU A O   1 
ATOM   507  C CB  . LEU A 1 66  ? -4.300  5.107   14.881  1.00 17.88 ? 350 LEU A CB  1 
ATOM   508  C CG  . LEU A 1 66  ? -5.153  6.112   15.648  1.00 22.83 ? 350 LEU A CG  1 
ATOM   509  C CD1 . LEU A 1 66  ? -6.130  5.393   16.575  1.00 22.44 ? 350 LEU A CD1 1 
ATOM   510  C CD2 . LEU A 1 66  ? -4.281  7.095   16.433  1.00 27.16 ? 350 LEU A CD2 1 
ATOM   511  N N   . GLY A 1 67  ? -2.294  4.332   12.015  1.00 14.57 ? 351 GLY A N   1 
ATOM   512  C CA  . GLY A 1 67  ? -1.174  3.531   11.537  1.00 13.59 ? 351 GLY A CA  1 
ATOM   513  C C   . GLY A 1 67  ? 0.145   4.261   11.712  1.00 16.09 ? 351 GLY A C   1 
ATOM   514  O O   . GLY A 1 67  ? 0.265   5.426   11.319  1.00 13.45 ? 351 GLY A O   1 
ATOM   515  N N   . ASN A 1 68  ? 1.109   3.602   12.387  1.00 13.28 ? 352 ASN A N   1 
ATOM   516  C CA  . ASN A 1 68  ? 2.443   4.142   12.696  1.00 12.23 ? 352 ASN A CA  1 
ATOM   517  C C   . ASN A 1 68  ? 3.205   4.496   11.397  1.00 15.45 ? 352 ASN A C   1 
ATOM   518  O O   . ASN A 1 68  ? 3.440   3.623   10.539  1.00 14.24 ? 352 ASN A O   1 
ATOM   519  C CB  . ASN A 1 68  ? 3.239   3.112   13.546  1.00 10.24 ? 352 ASN A CB  1 
ATOM   520  C CG  . ASN A 1 68  ? 4.520   3.612   14.178  1.00 23.88 ? 352 ASN A CG  1 
ATOM   521  O OD1 . ASN A 1 68  ? 5.140   4.577   13.743  1.00 13.08 ? 352 ASN A OD1 1 
ATOM   522  N ND2 . ASN A 1 68  ? 4.974   2.936   15.213  1.00 21.85 ? 352 ASN A ND2 1 
ATOM   523  N N   . LEU A 1 69  ? 3.578   5.780   11.254  1.00 12.63 ? 353 LEU A N   1 
ATOM   524  C CA  . LEU A 1 69  ? 4.310   6.270   10.079  1.00 11.80 ? 353 LEU A CA  1 
ATOM   525  C C   . LEU A 1 69  ? 5.778   5.858   10.085  1.00 15.44 ? 353 LEU A C   1 
ATOM   526  O O   . LEU A 1 69  ? 6.401   5.839   9.025   1.00 16.10 ? 353 LEU A O   1 
ATOM   527  C CB  . LEU A 1 69  ? 4.152   7.790   9.899   1.00 11.28 ? 353 LEU A CB  1 
ATOM   528  C CG  . LEU A 1 69  ? 2.732   8.307   9.560   1.00 13.02 ? 353 LEU A CG  1 
ATOM   529  C CD1 . LEU A 1 69  ? 2.660   9.795   9.733   1.00 9.59  ? 353 LEU A CD1 1 
ATOM   530  C CD2 . LEU A 1 69  ? 2.279   7.899   8.141   1.00 13.57 ? 353 LEU A CD2 1 
ATOM   531  N N   . GLN A 1 70  ? 6.314   5.488   11.269  1.00 11.92 ? 354 GLN A N   1 
ATOM   532  C CA  . GLN A 1 70  ? 7.690   5.051   11.498  1.00 10.95 ? 354 GLN A CA  1 
ATOM   533  C C   . GLN A 1 70  ? 7.775   3.531   11.685  1.00 15.48 ? 354 GLN A C   1 
ATOM   534  O O   . GLN A 1 70  ? 8.425   3.028   12.608  1.00 15.40 ? 354 GLN A O   1 
ATOM   535  C CB  . GLN A 1 70  ? 8.306   5.815   12.701  1.00 12.04 ? 354 GLN A CB  1 
ATOM   536  C CG  . GLN A 1 70  ? 8.418   7.339   12.472  1.00 11.86 ? 354 GLN A CG  1 
ATOM   537  C CD  . GLN A 1 70  ? 9.442   7.726   11.425  1.00 19.80 ? 354 GLN A CD  1 
ATOM   538  O OE1 . GLN A 1 70  ? 10.262  6.915   10.978  1.00 15.21 ? 354 GLN A OE1 1 
ATOM   539  N NE2 . GLN A 1 70  ? 9.466   9.001   11.050  1.00 14.70 ? 354 GLN A NE2 1 
ATOM   540  N N   . ALA A 1 71  ? 7.108   2.797   10.796  1.00 11.04 ? 355 ALA A N   1 
ATOM   541  C CA  . ALA A 1 71  ? 7.052   1.346   10.826  1.00 10.46 ? 355 ALA A CA  1 
ATOM   542  C C   . ALA A 1 71  ? 6.561   0.879   9.465   1.00 14.52 ? 355 ALA A C   1 
ATOM   543  O O   . ALA A 1 71  ? 5.974   1.696   8.740   1.00 14.42 ? 355 ALA A O   1 
ATOM   544  C CB  . ALA A 1 71  ? 6.083   0.891   11.918  1.00 11.23 ? 355 ALA A CB  1 
ATOM   545  N N   . PRO A 1 72  ? 6.797   -0.393  9.052   1.00 11.00 ? 356 PRO A N   1 
ATOM   546  C CA  . PRO A 1 72  ? 6.251   -0.833  7.752   1.00 11.12 ? 356 PRO A CA  1 
ATOM   547  C C   . PRO A 1 72  ? 4.733   -0.874  7.795   1.00 14.46 ? 356 PRO A C   1 
ATOM   548  O O   . PRO A 1 72  ? 4.145   -0.849  8.882   1.00 14.96 ? 356 PRO A O   1 
ATOM   549  C CB  . PRO A 1 72  ? 6.822   -2.246  7.581   1.00 12.78 ? 356 PRO A CB  1 
ATOM   550  C CG  . PRO A 1 72  ? 7.143   -2.716  8.955   1.00 16.25 ? 356 PRO A CG  1 
ATOM   551  C CD  . PRO A 1 72  ? 7.478   -1.500  9.756   1.00 11.49 ? 356 PRO A CD  1 
ATOM   552  N N   . LEU A 1 73  ? 4.093   -0.939  6.631   1.00 11.38 ? 357 LEU A N   1 
ATOM   553  C CA  . LEU A 1 73  ? 2.640   -1.071  6.585   1.00 10.07 ? 357 LEU A CA  1 
ATOM   554  C C   . LEU A 1 73  ? 2.349   -2.498  7.020   1.00 9.41  ? 357 LEU A C   1 
ATOM   555  O O   . LEU A 1 73  ? 3.133   -3.390  6.712   1.00 8.49  ? 357 LEU A O   1 
ATOM   556  C CB  . LEU A 1 73  ? 2.094   -0.762  5.179   1.00 10.00 ? 357 LEU A CB  1 
ATOM   557  C CG  . LEU A 1 73  ? 0.554   -0.600  5.086   1.00 14.69 ? 357 LEU A CG  1 
ATOM   558  C CD1 . LEU A 1 73  ? 0.118   0.746   5.639   1.00 15.41 ? 357 LEU A CD1 1 
ATOM   559  C CD2 . LEU A 1 73  ? 0.096   -0.635  3.659   1.00 11.31 ? 357 LEU A CD2 1 
ATOM   560  N N   . GLY A 1 74  ? 1.297   -2.689  7.797   1.00 7.21  ? 358 GLY A N   1 
ATOM   561  C CA  . GLY A 1 74  ? 0.946   -4.001  8.352   1.00 8.48  ? 358 GLY A CA  1 
ATOM   562  C C   . GLY A 1 74  ? 1.548   -4.251  9.727   1.00 11.58 ? 358 GLY A C   1 
ATOM   563  O O   . GLY A 1 74  ? 1.327   -5.304  10.326  1.00 10.97 ? 358 GLY A O   1 
ATOM   564  N N   . TYR A 1 75  ? 2.302   -3.278  10.249  1.00 10.13 ? 359 TYR A N   1 
ATOM   565  C CA  . TYR A 1 75  ? 2.974   -3.361  11.559  1.00 10.96 ? 359 TYR A CA  1 
ATOM   566  C C   . TYR A 1 75  ? 2.039   -3.582  12.769  1.00 14.22 ? 359 TYR A C   1 
ATOM   567  O O   . TYR A 1 75  ? 2.376   -4.341  13.684  1.00 13.06 ? 359 TYR A O   1 
ATOM   568  C CB  . TYR A 1 75  ? 3.821   -2.082  11.771  1.00 12.31 ? 359 TYR A CB  1 
ATOM   569  C CG  . TYR A 1 75  ? 4.216   -1.798  13.206  1.00 12.52 ? 359 TYR A CG  1 
ATOM   570  C CD1 . TYR A 1 75  ? 5.255   -2.497  13.816  1.00 13.59 ? 359 TYR A CD1 1 
ATOM   571  C CD2 . TYR A 1 75  ? 3.598   -0.779  13.936  1.00 12.46 ? 359 TYR A CD2 1 
ATOM   572  C CE1 . TYR A 1 75  ? 5.640   -2.224  15.129  1.00 13.34 ? 359 TYR A CE1 1 
ATOM   573  C CE2 . TYR A 1 75  ? 3.947   -0.527  15.266  1.00 12.63 ? 359 TYR A CE2 1 
ATOM   574  C CZ  . TYR A 1 75  ? 4.966   -1.256  15.858  1.00 18.25 ? 359 TYR A CZ  1 
ATOM   575  O OH  . TYR A 1 75  ? 5.356   -0.991  17.146  1.00 18.93 ? 359 TYR A OH  1 
ATOM   576  N N   . ASP A 1 76  ? 0.925   -2.842  12.803  1.00 10.83 ? 360 ASP A N   1 
ATOM   577  C CA  . ASP A 1 76  ? -0.026  -2.831  13.913  1.00 11.17 ? 360 ASP A CA  1 
ATOM   578  C C   . ASP A 1 76  ? -1.452  -3.209  13.454  1.00 14.63 ? 360 ASP A C   1 
ATOM   579  O O   . ASP A 1 76  ? -1.623  -3.675  12.333  1.00 13.98 ? 360 ASP A O   1 
ATOM   580  C CB  . ASP A 1 76  ? 0.031   -1.428  14.582  1.00 12.71 ? 360 ASP A CB  1 
ATOM   581  C CG  . ASP A 1 76  ? -0.170  -0.265  13.604  1.00 16.58 ? 360 ASP A CG  1 
ATOM   582  O OD1 . ASP A 1 76  ? -0.873  -0.453  12.589  1.00 18.29 ? 360 ASP A OD1 1 
ATOM   583  O OD2 . ASP A 1 76  ? 0.367   0.831   13.864  1.00 16.90 ? 360 ASP A OD2 1 
ATOM   584  N N   . LYS A 1 77  ? -2.460  -3.053  14.324  1.00 12.52 ? 361 LYS A N   1 
ATOM   585  C CA  . LYS A 1 77  ? -3.856  -3.389  13.996  1.00 12.63 ? 361 LYS A CA  1 
ATOM   586  C C   . LYS A 1 77  ? -4.476  -2.431  12.955  1.00 14.30 ? 361 LYS A C   1 
ATOM   587  O O   . LYS A 1 77  ? -5.509  -2.743  12.368  1.00 13.67 ? 361 LYS A O   1 
ATOM   588  C CB  . LYS A 1 77  ? -4.718  -3.386  15.273  1.00 14.03 ? 361 LYS A CB  1 
ATOM   589  N N   . PHE A 1 78  ? -3.848  -1.274  12.743  1.00 10.89 ? 362 PHE A N   1 
ATOM   590  C CA  . PHE A 1 78  ? -4.380  -0.231  11.864  1.00 10.78 ? 362 PHE A CA  1 
ATOM   591  C C   . PHE A 1 78  ? -4.180  -0.413  10.380  1.00 14.32 ? 362 PHE A C   1 
ATOM   592  O O   . PHE A 1 78  ? -4.827  0.286   9.610   1.00 14.50 ? 362 PHE A O   1 
ATOM   593  C CB  . PHE A 1 78  ? -3.944  1.170   12.336  1.00 12.07 ? 362 PHE A CB  1 
ATOM   594  C CG  . PHE A 1 78  ? -4.236  1.429   13.796  1.00 14.40 ? 362 PHE A CG  1 
ATOM   595  C CD1 . PHE A 1 78  ? -3.205  1.458   14.737  1.00 17.60 ? 362 PHE A CD1 1 
ATOM   596  C CD2 . PHE A 1 78  ? -5.549  1.562   14.248  1.00 16.82 ? 362 PHE A CD2 1 
ATOM   597  C CE1 . PHE A 1 78  ? -3.478  1.671   16.090  1.00 18.25 ? 362 PHE A CE1 1 
ATOM   598  C CE2 . PHE A 1 78  ? -5.821  1.775   15.606  1.00 19.25 ? 362 PHE A CE2 1 
ATOM   599  C CZ  . PHE A 1 78  ? -4.782  1.842   16.516  1.00 17.71 ? 362 PHE A CZ  1 
ATOM   600  N N   . SER A 1 79  ? -3.305  -1.341  9.966   1.00 9.87  ? 363 SER A N   1 
ATOM   601  C CA  . SER A 1 79  ? -3.014  -1.491  8.549   1.00 9.67  ? 363 SER A CA  1 
ATOM   602  C C   . SER A 1 79  ? -2.814  -2.893  8.077   1.00 14.23 ? 363 SER A C   1 
ATOM   603  O O   . SER A 1 79  ? -2.462  -3.780  8.858   1.00 15.20 ? 363 SER A O   1 
ATOM   604  C CB  . SER A 1 79  ? -1.818  -0.623  8.150   1.00 10.70 ? 363 SER A CB  1 
ATOM   605  O OG  . SER A 1 79  ? -0.634  -1.088  8.771   1.00 12.82 ? 363 SER A OG  1 
ATOM   606  N N   . TYR A 1 80  ? -3.000  -3.066  6.760   1.00 10.62 ? 364 TYR A N   1 
ATOM   607  C CA  . TYR A 1 80  ? -2.905  -4.326  6.031   1.00 10.79 ? 364 TYR A CA  1 
ATOM   608  C C   . TYR A 1 80  ? -2.039  -4.105  4.805   1.00 13.83 ? 364 TYR A C   1 
ATOM   609  O O   . TYR A 1 80  ? -2.343  -3.233  3.983   1.00 13.44 ? 364 TYR A O   1 
ATOM   610  C CB  . TYR A 1 80  ? -4.311  -4.793  5.606   1.00 11.64 ? 364 TYR A CB  1 
ATOM   611  C CG  . TYR A 1 80  ? -5.264  -4.996  6.766   1.00 13.06 ? 364 TYR A CG  1 
ATOM   612  C CD1 . TYR A 1 80  ? -6.047  -3.945  7.251   1.00 14.45 ? 364 TYR A CD1 1 
ATOM   613  C CD2 . TYR A 1 80  ? -5.404  -6.239  7.364   1.00 13.52 ? 364 TYR A CD2 1 
ATOM   614  C CE1 . TYR A 1 80  ? -6.924  -4.128  8.317   1.00 12.76 ? 364 TYR A CE1 1 
ATOM   615  C CE2 . TYR A 1 80  ? -6.327  -6.449  8.388   1.00 14.11 ? 364 TYR A CE2 1 
ATOM   616  C CZ  . TYR A 1 80  ? -7.077  -5.389  8.868   1.00 19.99 ? 364 TYR A CZ  1 
ATOM   617  O OH  . TYR A 1 80  ? -7.917  -5.596  9.938   1.00 22.44 ? 364 TYR A OH  1 
ATOM   618  N N   . SER A 1 81  ? -0.940  -4.867  4.701   1.00 8.99  ? 365 SER A N   1 
ATOM   619  C CA  . SER A 1 81  ? -0.004  -4.716  3.595   1.00 7.95  ? 365 SER A CA  1 
ATOM   620  C C   . SER A 1 81  ? 0.311   -5.974  2.788   1.00 11.09 ? 365 SER A C   1 
ATOM   621  O O   . SER A 1 81  ? 0.038   -7.097  3.210   1.00 10.19 ? 365 SER A O   1 
ATOM   622  C CB  . SER A 1 81  ? 1.293   -4.084  4.077   1.00 8.51  ? 365 SER A CB  1 
ATOM   623  O OG  . SER A 1 81  ? 2.031   -4.997  4.864   1.00 9.95  ? 365 SER A OG  1 
ATOM   624  N N   . TRP A 1 82  ? 0.908   -5.736  1.620   1.00 8.54  ? 366 TRP A N   1 
ATOM   625  C CA  . TRP A 1 82  ? 1.355   -6.711  0.627   1.00 8.47  ? 366 TRP A CA  1 
ATOM   626  C C   . TRP A 1 82  ? 2.815   -6.408  0.338   1.00 10.56 ? 366 TRP A C   1 
ATOM   627  O O   . TRP A 1 82  ? 3.107   -5.364  -0.210  1.00 10.46 ? 366 TRP A O   1 
ATOM   628  C CB  . TRP A 1 82  ? 0.533   -6.529  -0.671  1.00 6.34  ? 366 TRP A CB  1 
ATOM   629  C CG  . TRP A 1 82  ? 0.728   -7.610  -1.694  1.00 6.97  ? 366 TRP A CG  1 
ATOM   630  C CD1 . TRP A 1 82  ? 1.216   -8.874  -1.491  1.00 9.46  ? 366 TRP A CD1 1 
ATOM   631  C CD2 . TRP A 1 82  ? 0.412   -7.517  -3.092  1.00 6.59  ? 366 TRP A CD2 1 
ATOM   632  N NE1 . TRP A 1 82  ? 1.237   -9.568  -2.678  1.00 9.25  ? 366 TRP A NE1 1 
ATOM   633  C CE2 . TRP A 1 82  ? 0.744   -8.757  -3.680  1.00 10.92 ? 366 TRP A CE2 1 
ATOM   634  C CE3 . TRP A 1 82  ? -0.109  -6.497  -3.907  1.00 7.84  ? 366 TRP A CE3 1 
ATOM   635  C CZ2 . TRP A 1 82  ? 0.536   -9.018  -5.042  1.00 10.37 ? 366 TRP A CZ2 1 
ATOM   636  C CZ3 . TRP A 1 82  ? -0.357  -6.777  -5.241  1.00 9.87  ? 366 TRP A CZ3 1 
ATOM   637  C CH2 . TRP A 1 82  ? -0.024  -8.019  -5.799  1.00 10.42 ? 366 TRP A CH2 1 
ATOM   638  N N   . ARG A 1 83  ? 3.720   -7.303  0.708   1.00 8.77  ? 367 ARG A N   1 
ATOM   639  C CA  . ARG A 1 83  ? 5.159   -7.107  0.510   1.00 8.71  ? 367 ARG A CA  1 
ATOM   640  C C   . ARG A 1 83  ? 5.653   -7.525  -0.887  1.00 13.71 ? 367 ARG A C   1 
ATOM   641  O O   . ARG A 1 83  ? 5.321   -8.604  -1.357  1.00 12.87 ? 367 ARG A O   1 
ATOM   642  C CB  . ARG A 1 83  ? 5.949   -7.847  1.622   1.00 6.83  ? 367 ARG A CB  1 
ATOM   643  C CG  . ARG A 1 83  ? 7.481   -7.698  1.522   1.00 3.78  ? 367 ARG A CG  1 
ATOM   644  C CD  . ARG A 1 83  ? 8.214   -8.357  2.672   1.00 5.05  ? 367 ARG A CD  1 
ATOM   645  N NE  . ARG A 1 83  ? 8.026   -9.810  2.726   1.00 9.57  ? 367 ARG A NE  1 
ATOM   646  C CZ  . ARG A 1 83  ? 8.608   -10.604 3.617   1.00 20.60 ? 367 ARG A CZ  1 
ATOM   647  N NH1 . ARG A 1 83  ? 9.443   -10.101 4.516   1.00 8.05  ? 367 ARG A NH1 1 
ATOM   648  N NH2 . ARG A 1 83  ? 8.377   -11.911 3.602   1.00 9.89  ? 367 ARG A NH2 1 
ATOM   649  N N   . SER A 1 84  ? 6.517   -6.690  -1.501  1.00 11.95 ? 368 SER A N   1 
ATOM   650  C CA  . SER A 1 84  ? 7.188   -6.933  -2.772  1.00 11.64 ? 368 SER A CA  1 
ATOM   651  C C   . SER A 1 84  ? 7.947   -8.269  -2.733  1.00 14.71 ? 368 SER A C   1 
ATOM   652  O O   . SER A 1 84  ? 7.723   -9.120  -3.580  1.00 12.67 ? 368 SER A O   1 
ATOM   653  C CB  . SER A 1 84  ? 8.155   -5.790  -3.062  1.00 15.27 ? 368 SER A CB  1 
ATOM   654  O OG  . SER A 1 84  ? 9.061   -5.663  -1.979  1.00 18.64 ? 368 SER A OG  1 
ATOM   655  N N   . LYS A 1 85  ? 8.816   -8.445  -1.730  1.00 14.03 ? 369 LYS A N   1 
ATOM   656  C CA  . LYS A 1 85  ? 9.590   -9.656  -1.451  1.00 13.74 ? 369 LYS A CA  1 
ATOM   657  C C   . LYS A 1 85  ? 8.609   -10.778 -1.052  1.00 17.63 ? 369 LYS A C   1 
ATOM   658  O O   . LYS A 1 85  ? 7.915   -10.638 -0.048  1.00 17.47 ? 369 LYS A O   1 
ATOM   659  C CB  . LYS A 1 85  ? 10.581  -9.361  -0.287  1.00 16.40 ? 369 LYS A CB  1 
ATOM   660  C CG  . LYS A 1 85  ? 11.560  -10.489 0.061   1.00 27.91 ? 369 LYS A CG  1 
ATOM   661  C CD  . LYS A 1 85  ? 11.803  -10.563 1.573   1.00 38.33 ? 369 LYS A CD  1 
ATOM   662  C CE  . LYS A 1 85  ? 13.212  -10.218 2.018   1.00 46.71 ? 369 LYS A CE  1 
ATOM   663  N NZ  . LYS A 1 85  ? 13.263  -9.885  3.478   1.00 48.44 ? 369 LYS A NZ  1 
ATOM   664  N N   . LYS A 1 86  ? 8.529   -11.864 -1.865  1.00 14.30 ? 370 LYS A N   1 
ATOM   665  C CA  . LYS A 1 86  ? 7.703   -13.072 -1.637  1.00 13.70 ? 370 LYS A CA  1 
ATOM   666  C C   . LYS A 1 86  ? 6.154   -12.958 -1.686  1.00 15.74 ? 370 LYS A C   1 
ATOM   667  O O   . LYS A 1 86  ? 5.478   -13.971 -1.506  1.00 16.32 ? 370 LYS A O   1 
ATOM   668  C CB  . LYS A 1 86  ? 8.185   -13.872 -0.391  1.00 16.02 ? 370 LYS A CB  1 
ATOM   669  C CG  . LYS A 1 86  ? 9.653   -14.347 -0.456  1.00 17.84 ? 370 LYS A CG  1 
ATOM   670  C CD  . LYS A 1 86  ? 10.035  -15.250 0.738   1.00 25.68 ? 370 LYS A CD  1 
ATOM   671  C CE  . LYS A 1 86  ? 10.276  -14.503 2.023   1.00 38.13 ? 370 LYS A CE  1 
ATOM   672  N NZ  . LYS A 1 86  ? 10.442  -15.433 3.173   1.00 49.33 ? 370 LYS A NZ  1 
ATOM   673  N N   . GLY A 1 87  ? 5.614   -11.763 -1.943  1.00 12.69 ? 371 GLY A N   1 
ATOM   674  C CA  . GLY A 1 87  ? 4.173   -11.505 -2.030  1.00 11.51 ? 371 GLY A CA  1 
ATOM   675  C C   . GLY A 1 87  ? 3.425   -11.740 -0.728  1.00 14.93 ? 371 GLY A C   1 
ATOM   676  O O   . GLY A 1 87  ? 2.211   -11.981 -0.729  1.00 13.06 ? 371 GLY A O   1 
ATOM   677  N N   . THR A 1 88  ? 4.152   -11.649 0.397   1.00 12.45 ? 372 THR A N   1 
ATOM   678  C CA  . THR A 1 88  ? 3.633   -11.891 1.747   1.00 13.09 ? 372 THR A CA  1 
ATOM   679  C C   . THR A 1 88  ? 2.589   -10.840 2.163   1.00 16.04 ? 372 THR A C   1 
ATOM   680  O O   . THR A 1 88  ? 2.740   -9.658  1.836   1.00 14.98 ? 372 THR A O   1 
ATOM   681  C CB  . THR A 1 88  ? 4.813   -11.910 2.747   1.00 18.64 ? 372 THR A CB  1 
ATOM   682  O OG1 . THR A 1 88  ? 5.869   -12.709 2.214   1.00 16.06 ? 372 THR A OG1 1 
ATOM   683  C CG2 . THR A 1 88  ? 4.421   -12.435 4.124   1.00 16.68 ? 372 THR A CG2 1 
ATOM   684  N N   . LYS A 1 89  ? 1.535   -11.280 2.874   1.00 10.47 ? 373 LYS A N   1 
ATOM   685  C CA  . LYS A 1 89  ? 0.554   -10.339 3.409   1.00 10.84 ? 373 LYS A CA  1 
ATOM   686  C C   . LYS A 1 89  ? 0.920   -10.071 4.887   1.00 14.38 ? 373 LYS A C   1 
ATOM   687  O O   . LYS A 1 89  ? 1.310   -11.014 5.588   1.00 13.56 ? 373 LYS A O   1 
ATOM   688  C CB  . LYS A 1 89  ? -0.911  -10.808 3.224   1.00 11.72 ? 373 LYS A CB  1 
ATOM   689  C CG  . LYS A 1 89  ? -1.295  -12.125 3.902   1.00 11.97 ? 373 LYS A CG  1 
ATOM   690  C CD  . LYS A 1 89  ? -2.731  -12.512 3.569   1.00 9.01  ? 373 LYS A CD  1 
ATOM   691  C CE  . LYS A 1 89  ? -3.167  -13.659 4.424   1.00 11.39 ? 373 LYS A CE  1 
ATOM   692  N NZ  . LYS A 1 89  ? -4.546  -14.107 4.077   1.00 8.25  ? 373 LYS A NZ  1 
ATOM   693  N N   . PHE A 1 90  ? 0.857   -8.792  5.335   1.00 9.78  ? 374 PHE A N   1 
ATOM   694  C CA  . PHE A 1 90  ? 1.185   -8.416  6.730   1.00 8.54  ? 374 PHE A CA  1 
ATOM   695  C C   . PHE A 1 90  ? 0.079   -7.632  7.447   1.00 12.12 ? 374 PHE A C   1 
ATOM   696  O O   . PHE A 1 90  ? -0.521  -6.699  6.891   1.00 9.05  ? 374 PHE A O   1 
ATOM   697  C CB  . PHE A 1 90  ? 2.490   -7.608  6.809   1.00 9.47  ? 374 PHE A CB  1 
ATOM   698  C CG  . PHE A 1 90  ? 3.760   -8.404  6.636   1.00 9.58  ? 374 PHE A CG  1 
ATOM   699  C CD1 . PHE A 1 90  ? 4.313   -8.595  5.373   1.00 9.35  ? 374 PHE A CD1 1 
ATOM   700  C CD2 . PHE A 1 90  ? 4.440   -8.912  7.742   1.00 9.43  ? 374 PHE A CD2 1 
ATOM   701  C CE1 . PHE A 1 90  ? 5.501   -9.307  5.217   1.00 8.88  ? 374 PHE A CE1 1 
ATOM   702  C CE2 . PHE A 1 90  ? 5.622   -9.644  7.579   1.00 10.64 ? 374 PHE A CE2 1 
ATOM   703  C CZ  . PHE A 1 90  ? 6.128   -9.861  6.320   1.00 7.54  ? 374 PHE A CZ  1 
ATOM   704  N N   . HIS A 1 91  ? -0.169  -8.027  8.703   1.00 9.82  ? 375 HIS A N   1 
ATOM   705  C CA  . HIS A 1 91  ? -1.114  -7.394  9.628   1.00 8.92  ? 375 HIS A CA  1 
ATOM   706  C C   . HIS A 1 91  ? -0.641  -7.697  11.030  1.00 12.76 ? 375 HIS A C   1 
ATOM   707  O O   . HIS A 1 91  ? -0.360  -8.858  11.336  1.00 12.56 ? 375 HIS A O   1 
ATOM   708  C CB  . HIS A 1 91  ? -2.562  -7.876  9.426   1.00 8.87  ? 375 HIS A CB  1 
ATOM   709  C CG  . HIS A 1 91  ? -3.542  -7.152  10.297  1.00 10.81 ? 375 HIS A CG  1 
ATOM   710  N ND1 . HIS A 1 91  ? -3.651  -5.772  10.261  1.00 11.69 ? 375 HIS A ND1 1 
ATOM   711  C CD2 . HIS A 1 91  ? -4.435  -7.639  11.187  1.00 11.23 ? 375 HIS A CD2 1 
ATOM   712  C CE1 . HIS A 1 91  ? -4.609  -5.471  11.121  1.00 10.53 ? 375 HIS A CE1 1 
ATOM   713  N NE2 . HIS A 1 91  ? -5.098  -6.556  11.712  1.00 10.70 ? 375 HIS A NE2 1 
ATOM   714  N N   . GLN A 1 92  ? -0.516  -6.654  11.876  1.00 9.42  ? 376 GLN A N   1 
ATOM   715  C CA  . GLN A 1 92  ? -0.022  -6.775  13.256  1.00 9.65  ? 376 GLN A CA  1 
ATOM   716  C C   . GLN A 1 92  ? 1.372   -7.428  13.345  1.00 14.43 ? 376 GLN A C   1 
ATOM   717  O O   . GLN A 1 92  ? 1.684   -8.118  14.324  1.00 16.29 ? 376 GLN A O   1 
ATOM   718  C CB  . GLN A 1 92  ? -1.055  -7.487  14.162  1.00 10.98 ? 376 GLN A CB  1 
ATOM   719  C CG  . GLN A 1 92  ? -2.142  -6.541  14.635  1.00 13.60 ? 376 GLN A CG  1 
ATOM   720  C CD  . GLN A 1 92  ? -3.137  -7.199  15.565  1.00 28.79 ? 376 GLN A CD  1 
ATOM   721  O OE1 . GLN A 1 92  ? -3.376  -6.736  16.685  1.00 27.89 ? 376 GLN A OE1 1 
ATOM   722  N NE2 . GLN A 1 92  ? -3.765  -8.266  15.114  1.00 12.29 ? 376 GLN A NE2 1 
ATOM   723  N N   . SER A 1 93  ? 2.201   -7.201  12.299  1.00 10.37 ? 377 SER A N   1 
ATOM   724  C CA  . SER A 1 93  ? 3.584   -7.662  12.137  1.00 8.64  ? 377 SER A CA  1 
ATOM   725  C C   . SER A 1 93  ? 3.710   -9.157  11.857  1.00 14.23 ? 377 SER A C   1 
ATOM   726  O O   . SER A 1 93  ? 4.798   -9.718  11.976  1.00 13.93 ? 377 SER A O   1 
ATOM   727  C CB  . SER A 1 93  ? 4.444   -7.233  13.323  1.00 9.79  ? 377 SER A CB  1 
ATOM   728  O OG  . SER A 1 93  ? 4.588   -5.823  13.374  1.00 12.36 ? 377 SER A OG  1 
ATOM   729  N N   . ILE A 1 94  ? 2.587   -9.783  11.443  1.00 12.63 ? 378 ILE A N   1 
ATOM   730  C CA  . ILE A 1 94  ? 2.470   -11.197 11.103  1.00 11.81 ? 378 ILE A CA  1 
ATOM   731  C C   . ILE A 1 94  ? 2.402   -11.343 9.587   1.00 13.33 ? 378 ILE A C   1 
ATOM   732  O O   . ILE A 1 94  ? 1.430   -10.919 8.952   1.00 10.20 ? 378 ILE A O   1 
ATOM   733  C CB  . ILE A 1 94  ? 1.235   -11.866 11.789  1.00 14.59 ? 378 ILE A CB  1 
ATOM   734  C CG1 . ILE A 1 94  ? 1.293   -11.724 13.330  1.00 15.28 ? 378 ILE A CG1 1 
ATOM   735  C CG2 . ILE A 1 94  ? 1.071   -13.350 11.335  1.00 13.63 ? 378 ILE A CG2 1 
ATOM   736  C CD1 . ILE A 1 94  ? 2.414   -12.620 14.099  1.00 16.66 ? 378 ILE A CD1 1 
ATOM   737  N N   . GLY A 1 95  ? 3.414   -11.995 9.040   1.00 10.32 ? 379 GLY A N   1 
ATOM   738  C CA  . GLY A 1 95  ? 3.484   -12.279 7.619   1.00 9.66  ? 379 GLY A CA  1 
ATOM   739  C C   . GLY A 1 95  ? 2.855   -13.617 7.309   1.00 15.03 ? 379 GLY A C   1 
ATOM   740  O O   . GLY A 1 95  ? 3.180   -14.611 7.953   1.00 13.39 ? 379 GLY A O   1 
ATOM   741  N N   . LYS A 1 96  ? 1.933   -13.655 6.336   1.00 12.75 ? 380 LYS A N   1 
ATOM   742  C CA  . LYS A 1 96  ? 1.317   -14.926 5.952   1.00 13.20 ? 380 LYS A CA  1 
ATOM   743  C C   . LYS A 1 96  ? 1.454   -15.107 4.451   1.00 16.97 ? 380 LYS A C   1 
ATOM   744  O O   . LYS A 1 96  ? 1.473   -14.106 3.736   1.00 16.45 ? 380 LYS A O   1 
ATOM   745  C CB  . LYS A 1 96  ? -0.162  -14.966 6.370   1.00 14.56 ? 380 LYS A CB  1 
ATOM   746  C CG  . LYS A 1 96  ? -0.364  -15.225 7.849   1.00 21.16 ? 380 LYS A CG  1 
ATOM   747  C CD  . LYS A 1 96  ? -1.815  -15.123 8.278   1.00 27.02 ? 380 LYS A CD  1 
ATOM   748  C CE  . LYS A 1 96  ? -2.007  -15.672 9.683   1.00 30.19 ? 380 LYS A CE  1 
ATOM   749  N NZ  . LYS A 1 96  ? -3.306  -15.252 10.272  1.00 29.05 ? 380 LYS A NZ  1 
ATOM   750  N N   . HIS A 1 97  ? 1.527   -16.361 3.967   1.00 13.03 ? 381 HIS A N   1 
ATOM   751  C CA  . HIS A 1 97  ? 1.591   -16.612 2.527   1.00 14.31 ? 381 HIS A CA  1 
ATOM   752  C C   . HIS A 1 97  ? 0.344   -16.007 1.850   1.00 16.30 ? 381 HIS A C   1 
ATOM   753  O O   . HIS A 1 97  ? -0.766  -16.073 2.391   1.00 16.43 ? 381 HIS A O   1 
ATOM   754  C CB  . HIS A 1 97  ? 1.721   -18.108 2.171   1.00 16.16 ? 381 HIS A CB  1 
ATOM   755  C CG  . HIS A 1 97  ? 1.718   -18.342 0.676   1.00 20.87 ? 381 HIS A CG  1 
ATOM   756  N ND1 . HIS A 1 97  ? 2.882   -18.217 -0.085  1.00 22.64 ? 381 HIS A ND1 1 
ATOM   757  C CD2 . HIS A 1 97  ? 0.674   -18.574 -0.164  1.00 22.76 ? 381 HIS A CD2 1 
ATOM   758  C CE1 . HIS A 1 97  ? 2.512   -18.404 -1.341  1.00 21.97 ? 381 HIS A CE1 1 
ATOM   759  N NE2 . HIS A 1 97  ? 1.196   -18.618 -1.441  1.00 22.32 ? 381 HIS A NE2 1 
ATOM   760  N N   . TYR A 1 98  ? 0.547   -15.396 0.691   1.00 11.99 ? 382 TYR A N   1 
ATOM   761  C CA  . TYR A 1 98  ? -0.540  -14.791 -0.060  1.00 11.29 ? 382 TYR A CA  1 
ATOM   762  C C   . TYR A 1 98  ? -0.347  -14.968 -1.575  1.00 13.94 ? 382 TYR A C   1 
ATOM   763  O O   . TYR A 1 98  ? -1.139  -15.623 -2.230  1.00 11.74 ? 382 TYR A O   1 
ATOM   764  C CB  . TYR A 1 98  ? -0.736  -13.316 0.358   1.00 11.28 ? 382 TYR A CB  1 
ATOM   765  C CG  . TYR A 1 98  ? -1.758  -12.589 -0.481  1.00 12.01 ? 382 TYR A CG  1 
ATOM   766  C CD1 . TYR A 1 98  ? -3.108  -12.933 -0.426  1.00 13.70 ? 382 TYR A CD1 1 
ATOM   767  C CD2 . TYR A 1 98  ? -1.379  -11.563 -1.344  1.00 13.00 ? 382 TYR A CD2 1 
ATOM   768  C CE1 . TYR A 1 98  ? -4.048  -12.307 -1.239  1.00 12.90 ? 382 TYR A CE1 1 
ATOM   769  C CE2 . TYR A 1 98  ? -2.321  -10.904 -2.142  1.00 13.73 ? 382 TYR A CE2 1 
ATOM   770  C CZ  . TYR A 1 98  ? -3.658  -11.267 -2.069  1.00 16.25 ? 382 TYR A CZ  1 
ATOM   771  O OH  . TYR A 1 98  ? -4.605  -10.621 -2.828  1.00 14.89 ? 382 TYR A OH  1 
ATOM   772  N N   . SER A 1 99  ? 0.695   -14.387 -2.132  1.00 12.19 ? 383 SER A N   1 
ATOM   773  C CA  . SER A 1 99  ? 0.893   -14.505 -3.571  1.00 11.66 ? 383 SER A CA  1 
ATOM   774  C C   . SER A 1 99  ? 2.371   -14.724 -3.829  1.00 17.72 ? 383 SER A C   1 
ATOM   775  O O   . SER A 1 99  ? 3.130   -14.934 -2.880  1.00 18.18 ? 383 SER A O   1 
ATOM   776  C CB  . SER A 1 99  ? 0.361   -13.249 -4.274  1.00 10.42 ? 383 SER A CB  1 
ATOM   777  O OG  . SER A 1 99  ? 1.192   -12.115 -4.083  1.00 14.41 ? 383 SER A OG  1 
ATOM   778  N N   . SER A 1 100 ? 2.784   -14.695 -5.090  1.00 15.86 ? 384 SER A N   1 
ATOM   779  C CA  . SER A 1 100 ? 4.204   -14.749 -5.411  1.00 17.44 ? 384 SER A CA  1 
ATOM   780  C C   . SER A 1 100 ? 4.626   -13.262 -5.371  1.00 21.82 ? 384 SER A C   1 
ATOM   781  O O   . SER A 1 100 ? 3.746   -12.383 -5.312  1.00 23.41 ? 384 SER A O   1 
ATOM   782  C CB  . SER A 1 100 ? 4.437   -15.389 -6.779  1.00 21.47 ? 384 SER A CB  1 
ATOM   783  O OG  . SER A 1 100 ? 3.773   -14.665 -7.798  1.00 29.00 ? 384 SER A OG  1 
ATOM   784  N N   . GLY A 1 101 ? 5.929   -12.988 -5.344  1.00 15.11 ? 385 GLY A N   1 
ATOM   785  C CA  . GLY A 1 101 ? 6.419   -11.614 -5.249  1.00 13.76 ? 385 GLY A CA  1 
ATOM   786  C C   . GLY A 1 101 ? 6.087   -10.663 -6.382  1.00 16.47 ? 385 GLY A C   1 
ATOM   787  O O   . GLY A 1 101 ? 5.543   -11.053 -7.419  1.00 17.21 ? 385 GLY A O   1 
ATOM   788  N N   . TYR A 1 102 ? 6.395   -9.387  -6.173  1.00 12.09 ? 386 TYR A N   1 
ATOM   789  C CA  . TYR A 1 102 ? 6.241   -8.339  -7.186  1.00 10.56 ? 386 TYR A CA  1 
ATOM   790  C C   . TYR A 1 102 ? 7.471   -7.435  -7.113  1.00 12.95 ? 386 TYR A C   1 
ATOM   791  O O   . TYR A 1 102 ? 8.137   -7.402  -6.080  1.00 10.64 ? 386 TYR A O   1 
ATOM   792  C CB  . TYR A 1 102 ? 4.904   -7.537  -7.060  1.00 10.47 ? 386 TYR A CB  1 
ATOM   793  C CG  . TYR A 1 102 ? 4.743   -6.701  -5.806  1.00 10.32 ? 386 TYR A CG  1 
ATOM   794  C CD1 . TYR A 1 102 ? 5.334   -5.438  -5.702  1.00 11.48 ? 386 TYR A CD1 1 
ATOM   795  C CD2 . TYR A 1 102 ? 3.902   -7.115  -4.774  1.00 9.88  ? 386 TYR A CD2 1 
ATOM   796  C CE1 . TYR A 1 102 ? 5.144   -4.642  -4.573  1.00 11.32 ? 386 TYR A CE1 1 
ATOM   797  C CE2 . TYR A 1 102 ? 3.708   -6.331  -3.641  1.00 9.57  ? 386 TYR A CE2 1 
ATOM   798  C CZ  . TYR A 1 102 ? 4.337   -5.100  -3.541  1.00 16.41 ? 386 TYR A CZ  1 
ATOM   799  O OH  . TYR A 1 102 ? 4.185   -4.360  -2.400  1.00 13.57 ? 386 TYR A OH  1 
ATOM   800  N N   . GLY A 1 103 ? 7.747   -6.703  -8.181  1.00 11.17 ? 387 GLY A N   1 
ATOM   801  C CA  . GLY A 1 103 ? 8.920   -5.850  -8.221  1.00 11.16 ? 387 GLY A CA  1 
ATOM   802  C C   . GLY A 1 103 ? 8.855   -4.808  -9.304  1.00 16.40 ? 387 GLY A C   1 
ATOM   803  O O   . GLY A 1 103 ? 7.763   -4.397  -9.704  1.00 16.12 ? 387 GLY A O   1 
ATOM   804  N N   . GLN A 1 104 ? 10.041  -4.374  -9.778  1.00 12.55 ? 388 GLN A N   1 
ATOM   805  C CA  . GLN A 1 104 ? 10.199  -3.341  -10.784 1.00 12.96 ? 388 GLN A CA  1 
ATOM   806  C C   . GLN A 1 104 ? 9.337   -3.593  -12.029 1.00 17.61 ? 388 GLN A C   1 
ATOM   807  O O   . GLN A 1 104 ? 9.338   -4.697  -12.576 1.00 18.01 ? 388 GLN A O   1 
ATOM   808  C CB  . GLN A 1 104 ? 11.688  -3.171  -11.151 1.00 13.88 ? 388 GLN A CB  1 
ATOM   809  C CG  . GLN A 1 104 ? 11.938  -2.000  -12.096 1.00 15.87 ? 388 GLN A CG  1 
ATOM   810  C CD  . GLN A 1 104 ? 13.382  -1.571  -12.112 1.00 30.74 ? 388 GLN A CD  1 
ATOM   811  O OE1 . GLN A 1 104 ? 14.056  -1.477  -11.074 1.00 29.06 ? 388 GLN A OE1 1 
ATOM   812  N NE2 . GLN A 1 104 ? 13.877  -1.271  -13.298 1.00 18.25 ? 388 GLN A NE2 1 
ATOM   813  N N   . GLY A 1 105 ? 8.611   -2.563  -12.439 1.00 13.26 ? 389 GLY A N   1 
ATOM   814  C CA  . GLY A 1 105 ? 7.764   -2.616  -13.621 1.00 12.70 ? 389 GLY A CA  1 
ATOM   815  C C   . GLY A 1 105 ? 6.359   -3.127  -13.377 1.00 15.89 ? 389 GLY A C   1 
ATOM   816  O O   . GLY A 1 105 ? 5.502   -2.951  -14.241 1.00 15.16 ? 389 GLY A O   1 
ATOM   817  N N   . ASP A 1 106 ? 6.115   -3.808  -12.226 1.00 13.12 ? 390 ASP A N   1 
ATOM   818  C CA  . ASP A 1 106 ? 4.783   -4.353  -11.895 1.00 12.06 ? 390 ASP A CA  1 
ATOM   819  C C   . ASP A 1 106 ? 3.788   -3.267  -11.507 1.00 15.62 ? 390 ASP A C   1 
ATOM   820  O O   . ASP A 1 106 ? 4.159   -2.277  -10.854 1.00 14.77 ? 390 ASP A O   1 
ATOM   821  C CB  . ASP A 1 106 ? 4.882   -5.409  -10.786 1.00 13.34 ? 390 ASP A CB  1 
ATOM   822  C CG  . ASP A 1 106 ? 5.540   -6.706  -11.220 1.00 15.26 ? 390 ASP A CG  1 
ATOM   823  O OD1 . ASP A 1 106 ? 5.415   -7.072  -12.419 1.00 14.15 ? 390 ASP A OD1 1 
ATOM   824  O OD2 . ASP A 1 106 ? 6.123   -7.389  -10.359 1.00 18.65 ? 390 ASP A OD2 1 
ATOM   825  N N   . VAL A 1 107 ? 2.523   -3.442  -11.934 1.00 13.05 ? 391 VAL A N   1 
ATOM   826  C CA  . VAL A 1 107 ? 1.441   -2.499  -11.607 1.00 11.96 ? 391 VAL A CA  1 
ATOM   827  C C   . VAL A 1 107 ? 0.538   -3.205  -10.623 1.00 14.64 ? 391 VAL A C   1 
ATOM   828  O O   . VAL A 1 107 ? -0.172  -4.155  -10.987 1.00 13.78 ? 391 VAL A O   1 
ATOM   829  C CB  . VAL A 1 107 ? 0.655   -1.928  -12.824 1.00 13.90 ? 391 VAL A CB  1 
ATOM   830  C CG1 . VAL A 1 107 ? -0.466  -0.997  -12.359 1.00 12.97 ? 391 VAL A CG1 1 
ATOM   831  C CG2 . VAL A 1 107 ? 1.585   -1.193  -13.799 1.00 13.03 ? 391 VAL A CG2 1 
ATOM   832  N N   . LEU A 1 108 ? 0.556   -2.739  -9.374  1.00 10.79 ? 392 LEU A N   1 
ATOM   833  C CA  . LEU A 1 108 ? -0.255  -3.374  -8.332  1.00 10.01 ? 392 LEU A CA  1 
ATOM   834  C C   . LEU A 1 108 ? -1.580  -2.665  -8.141  1.00 13.78 ? 392 LEU A C   1 
ATOM   835  O O   . LEU A 1 108 ? -1.648  -1.442  -8.234  1.00 14.85 ? 392 LEU A O   1 
ATOM   836  C CB  . LEU A 1 108 ? 0.529   -3.567  -6.988  1.00 9.57  ? 392 LEU A CB  1 
ATOM   837  C CG  . LEU A 1 108 ? 1.869   -4.344  -7.008  1.00 11.95 ? 392 LEU A CG  1 
ATOM   838  C CD1 . LEU A 1 108 ? 1.829   -5.541  -7.938  1.00 8.44  ? 392 LEU A CD1 1 
ATOM   839  C CD2 . LEU A 1 108 ? 3.044   -3.411  -7.380  1.00 12.98 ? 392 LEU A CD2 1 
ATOM   840  N N   . GLY A 1 109 ? -2.617  -3.456  -7.930  1.00 9.48  ? 393 GLY A N   1 
ATOM   841  C CA  . GLY A 1 109 ? -3.995  -3.016  -7.759  1.00 8.95  ? 393 GLY A CA  1 
ATOM   842  C C   . GLY A 1 109 ? -4.469  -3.204  -6.343  1.00 12.63 ? 393 GLY A C   1 
ATOM   843  O O   . GLY A 1 109 ? -4.132  -4.202  -5.702  1.00 11.43 ? 393 GLY A O   1 
ATOM   844  N N   . PHE A 1 110 ? -5.188  -2.204  -5.818  1.00 11.20 ? 394 PHE A N   1 
ATOM   845  C CA  . PHE A 1 110 ? -5.625  -2.236  -4.414  1.00 11.47 ? 394 PHE A CA  1 
ATOM   846  C C   . PHE A 1 110 ? -7.099  -2.027  -4.291  1.00 13.83 ? 394 PHE A C   1 
ATOM   847  O O   . PHE A 1 110 ? -7.589  -0.942  -4.593  1.00 13.27 ? 394 PHE A O   1 
ATOM   848  C CB  . PHE A 1 110 ? -4.842  -1.206  -3.584  1.00 12.77 ? 394 PHE A CB  1 
ATOM   849  C CG  . PHE A 1 110 ? -3.362  -1.493  -3.620  1.00 13.47 ? 394 PHE A CG  1 
ATOM   850  C CD1 . PHE A 1 110 ? -2.572  -1.036  -4.674  1.00 14.35 ? 394 PHE A CD1 1 
ATOM   851  C CD2 . PHE A 1 110 ? -2.777  -2.326  -2.665  1.00 13.28 ? 394 PHE A CD2 1 
ATOM   852  C CE1 . PHE A 1 110 ? -1.224  -1.396  -4.764  1.00 14.93 ? 394 PHE A CE1 1 
ATOM   853  C CE2 . PHE A 1 110 ? -1.426  -2.680  -2.756  1.00 14.73 ? 394 PHE A CE2 1 
ATOM   854  C CZ  . PHE A 1 110 ? -0.667  -2.229  -3.813  1.00 13.00 ? 394 PHE A CZ  1 
ATOM   855  N N   . TYR A 1 111 ? -7.803  -3.080  -3.861  1.00 9.43  ? 395 TYR A N   1 
ATOM   856  C CA  . TYR A 1 111 ? -9.258  -3.062  -3.681  1.00 9.55  ? 395 TYR A CA  1 
ATOM   857  C C   . TYR A 1 111 ? -9.622  -3.166  -2.195  1.00 12.43 ? 395 TYR A C   1 
ATOM   858  O O   . TYR A 1 111 ? -9.012  -3.927  -1.453  1.00 12.32 ? 395 TYR A O   1 
ATOM   859  C CB  . TYR A 1 111 ? -9.883  -4.221  -4.483  1.00 9.31  ? 395 TYR A CB  1 
ATOM   860  C CG  . TYR A 1 111 ? -11.363 -4.457  -4.260  1.00 11.06 ? 395 TYR A CG  1 
ATOM   861  C CD1 . TYR A 1 111 ? -12.314 -3.935  -5.137  1.00 12.18 ? 395 TYR A CD1 1 
ATOM   862  C CD2 . TYR A 1 111 ? -11.812 -5.262  -3.211  1.00 11.72 ? 395 TYR A CD2 1 
ATOM   863  C CE1 . TYR A 1 111 ? -13.678 -4.177  -4.951  1.00 11.78 ? 395 TYR A CE1 1 
ATOM   864  C CE2 . TYR A 1 111 ? -13.170 -5.508  -3.015  1.00 12.27 ? 395 TYR A CE2 1 
ATOM   865  C CZ  . TYR A 1 111 ? -14.096 -4.974  -3.894  1.00 15.86 ? 395 TYR A CZ  1 
ATOM   866  O OH  . TYR A 1 111 ? -15.424 -5.234  -3.694  1.00 16.06 ? 395 TYR A OH  1 
ATOM   867  N N   . ILE A 1 112 ? -10.613 -2.409  -1.781  1.00 9.65  ? 396 ILE A N   1 
ATOM   868  C CA  . ILE A 1 112 ? -11.192 -2.483  -0.441  1.00 9.28  ? 396 ILE A CA  1 
ATOM   869  C C   . ILE A 1 112 ? -12.720 -2.440  -0.588  1.00 13.84 ? 396 ILE A C   1 
ATOM   870  O O   . ILE A 1 112 ? -13.233 -1.737  -1.455  1.00 13.67 ? 396 ILE A O   1 
ATOM   871  C CB  . ILE A 1 112 ? -10.644 -1.429  0.576   1.00 12.18 ? 396 ILE A CB  1 
ATOM   872  C CG1 . ILE A 1 112 ? -10.844 -1.905  2.032   1.00 11.71 ? 396 ILE A CG1 1 
ATOM   873  C CG2 . ILE A 1 112 ? -11.233 -0.021  0.354   1.00 13.86 ? 396 ILE A CG2 1 
ATOM   874  C CD1 . ILE A 1 112 ? -9.907  -1.253  3.071   1.00 10.85 ? 396 ILE A CD1 1 
ATOM   875  N N   . ASN A 1 113 ? -13.423 -3.226  0.219   1.00 10.94 ? 397 ASN A N   1 
ATOM   876  C CA  . ASN A 1 113 ? -14.872 -3.203  0.269   1.00 10.38 ? 397 ASN A CA  1 
ATOM   877  C C   . ASN A 1 113 ? -15.281 -3.032  1.706   1.00 13.59 ? 397 ASN A C   1 
ATOM   878  O O   . ASN A 1 113 ? -14.977 -3.901  2.534   1.00 12.95 ? 397 ASN A O   1 
ATOM   879  C CB  . ASN A 1 113 ? -15.518 -4.472  -0.292  1.00 8.41  ? 397 ASN A CB  1 
ATOM   880  C CG  . ASN A 1 113 ? -17.019 -4.316  -0.434  1.00 19.87 ? 397 ASN A CG  1 
ATOM   881  O OD1 . ASN A 1 113 ? -17.522 -3.253  -0.774  1.00 17.87 ? 397 ASN A OD1 1 
ATOM   882  N ND2 . ASN A 1 113 ? -17.776 -5.334  -0.105  1.00 16.82 ? 397 ASN A ND2 1 
ATOM   883  N N   . LEU A 1 114 ? -15.984 -1.937  2.000   1.00 11.57 ? 398 LEU A N   1 
ATOM   884  C CA  . LEU A 1 114 ? -16.485 -1.667  3.354   1.00 13.07 ? 398 LEU A CA  1 
ATOM   885  C C   . LEU A 1 114 ? -18.040 -1.630  3.279   1.00 20.17 ? 398 LEU A C   1 
ATOM   886  O O   . LEU A 1 114 ? -18.616 -0.571  3.028   1.00 19.87 ? 398 LEU A O   1 
ATOM   887  C CB  . LEU A 1 114 ? -15.851 -0.361  3.928   1.00 12.82 ? 398 LEU A CB  1 
ATOM   888  C CG  . LEU A 1 114 ? -14.277 -0.318  3.936   1.00 17.05 ? 398 LEU A CG  1 
ATOM   889  C CD1 . LEU A 1 114 ? -13.745 1.104   4.153   1.00 16.98 ? 398 LEU A CD1 1 
ATOM   890  C CD2 . LEU A 1 114 ? -13.694 -1.229  4.997   1.00 16.93 ? 398 LEU A CD2 1 
ATOM   891  N N   . PRO A 1 115 ? -18.728 -2.800  3.377   1.00 19.24 ? 399 PRO A N   1 
ATOM   892  C CA  . PRO A 1 115 ? -20.202 -2.809  3.235   1.00 25.40 ? 399 PRO A CA  1 
ATOM   893  C C   . PRO A 1 115 ? -20.941 -2.008  4.297   1.00 57.04 ? 399 PRO A C   1 
ATOM   894  O O   . PRO A 1 115 ? -20.444 -1.902  5.409   1.00 31.39 ? 399 PRO A O   1 
ATOM   895  C CB  . PRO A 1 115 ? -20.567 -4.300  3.318   1.00 26.03 ? 399 PRO A CB  1 
ATOM   896  C CG  . PRO A 1 115 ? -19.296 -5.034  3.043   1.00 28.41 ? 399 PRO A CG  1 
ATOM   897  C CD  . PRO A 1 115 ? -18.219 -4.162  3.627   1.00 22.41 ? 399 PRO A CD  1 
ATOM   898  N N   . GLY A 1 122 ? -19.824 -8.331  5.035   1.00 23.70 ? 444 GLY A N   1 
ATOM   899  C CA  . GLY A 1 122 ? -18.436 -8.641  5.317   1.00 23.04 ? 444 GLY A CA  1 
ATOM   900  C C   . GLY A 1 122 ? -17.438 -7.850  4.450   1.00 23.90 ? 444 GLY A C   1 
ATOM   901  O O   . GLY A 1 122 ? -17.462 -7.904  3.221   1.00 24.13 ? 444 GLY A O   1 
ATOM   902  N N   . SER A 1 123 ? -16.557 -7.114  5.122   1.00 18.01 ? 445 SER A N   1 
ATOM   903  C CA  . SER A 1 123 ? -15.515 -6.288  4.516   1.00 16.07 ? 445 SER A CA  1 
ATOM   904  C C   . SER A 1 123 ? -14.404 -7.158  3.884   1.00 18.66 ? 445 SER A C   1 
ATOM   905  O O   . SER A 1 123 ? -14.215 -8.299  4.320   1.00 17.69 ? 445 SER A O   1 
ATOM   906  C CB  . SER A 1 123 ? -14.933 -5.366  5.574   1.00 16.40 ? 445 SER A CB  1 
ATOM   907  O OG  . SER A 1 123 ? -14.550 -6.162  6.678   1.00 18.47 ? 445 SER A OG  1 
ATOM   908  N N   . GLU A 1 124 ? -13.702 -6.632  2.851   1.00 14.59 ? 446 GLU A N   1 
ATOM   909  C CA  . GLU A 1 124 ? -12.622 -7.351  2.145   1.00 14.84 ? 446 GLU A CA  1 
ATOM   910  C C   . GLU A 1 124 ? -11.487 -6.452  1.690   1.00 15.31 ? 446 GLU A C   1 
ATOM   911  O O   . GLU A 1 124 ? -11.735 -5.359  1.177   1.00 13.20 ? 446 GLU A O   1 
ATOM   912  C CB  . GLU A 1 124 ? -13.143 -8.006  0.844   1.00 16.32 ? 446 GLU A CB  1 
ATOM   913  C CG  . GLU A 1 124 ? -14.170 -9.107  0.986   1.00 28.99 ? 446 GLU A CG  1 
ATOM   914  C CD  . GLU A 1 124 ? -14.636 -9.548  -0.383  1.00 40.63 ? 446 GLU A CD  1 
ATOM   915  O OE1 . GLU A 1 124 ? -15.595 -8.943  -0.916  1.00 39.63 ? 446 GLU A OE1 1 
ATOM   916  O OE2 . GLU A 1 124 ? -13.967 -10.424 -0.969  1.00 32.92 ? 446 GLU A OE2 1 
ATOM   917  N N   . ILE A 1 125 ? -10.259 -6.990  1.743   1.00 11.27 ? 447 ILE A N   1 
ATOM   918  C CA  . ILE A 1 125 ? -9.060  -6.386  1.162   1.00 10.73 ? 447 ILE A CA  1 
ATOM   919  C C   . ILE A 1 125 ? -8.560  -7.356  0.093   1.00 13.60 ? 447 ILE A C   1 
ATOM   920  O O   . ILE A 1 125 ? -8.371  -8.538  0.376   1.00 12.73 ? 447 ILE A O   1 
ATOM   921  C CB  . ILE A 1 125 ? -7.953  -5.934  2.156   1.00 13.17 ? 447 ILE A CB  1 
ATOM   922  C CG1 . ILE A 1 125 ? -8.438  -4.741  2.990   1.00 13.35 ? 447 ILE A CG1 1 
ATOM   923  C CG2 . ILE A 1 125 ? -6.648  -5.554  1.385   1.00 13.01 ? 447 ILE A CG2 1 
ATOM   924  C CD1 . ILE A 1 125 ? -7.557  -4.366  4.095   1.00 13.82 ? 447 ILE A CD1 1 
ATOM   925  N N   . ILE A 1 126 ? -8.398  -6.857  -1.152  1.00 10.06 ? 448 ILE A N   1 
ATOM   926  C CA  . ILE A 1 126 ? -7.976  -7.673  -2.294  1.00 9.04  ? 448 ILE A CA  1 
ATOM   927  C C   . ILE A 1 126 ? -6.853  -6.975  -3.042  1.00 12.09 ? 448 ILE A C   1 
ATOM   928  O O   . ILE A 1 126 ? -6.948  -5.783  -3.321  1.00 12.52 ? 448 ILE A O   1 
ATOM   929  C CB  . ILE A 1 126 ? -9.191  -8.035  -3.227  1.00 10.76 ? 448 ILE A CB  1 
ATOM   930  C CG1 . ILE A 1 126 ? -10.332 -8.762  -2.446  1.00 10.68 ? 448 ILE A CG1 1 
ATOM   931  C CG2 . ILE A 1 126 ? -8.755  -8.842  -4.477  1.00 8.43  ? 448 ILE A CG2 1 
ATOM   932  C CD1 . ILE A 1 126 ? -11.611 -8.909  -3.198  1.00 10.58 ? 448 ILE A CD1 1 
ATOM   933  N N   . PHE A 1 127 ? -5.809  -7.727  -3.383  1.00 8.97  ? 449 PHE A N   1 
ATOM   934  C CA  . PHE A 1 127 ? -4.663  -7.210  -4.127  1.00 8.71  ? 449 PHE A CA  1 
ATOM   935  C C   . PHE A 1 127 ? -4.630  -7.787  -5.546  1.00 12.79 ? 449 PHE A C   1 
ATOM   936  O O   . PHE A 1 127 ? -5.078  -8.905  -5.786  1.00 12.56 ? 449 PHE A O   1 
ATOM   937  C CB  . PHE A 1 127 ? -3.348  -7.484  -3.372  1.00 10.02 ? 449 PHE A CB  1 
ATOM   938  C CG  . PHE A 1 127 ? -3.267  -6.904  -1.972  1.00 11.81 ? 449 PHE A CG  1 
ATOM   939  C CD1 . PHE A 1 127 ? -3.121  -7.734  -0.864  1.00 13.11 ? 449 PHE A CD1 1 
ATOM   940  C CD2 . PHE A 1 127 ? -3.308  -5.530  -1.763  1.00 13.11 ? 449 PHE A CD2 1 
ATOM   941  C CE1 . PHE A 1 127 ? -3.031  -7.198  0.425   1.00 14.01 ? 449 PHE A CE1 1 
ATOM   942  C CE2 . PHE A 1 127 ? -3.226  -4.996  -0.467  1.00 15.34 ? 449 PHE A CE2 1 
ATOM   943  C CZ  . PHE A 1 127 ? -3.093  -5.833  0.619   1.00 13.14 ? 449 PHE A CZ  1 
ATOM   944  N N   . TYR A 1 128 ? -4.156  -6.995  -6.487  1.00 10.48 ? 450 TYR A N   1 
ATOM   945  C CA  . TYR A 1 128 ? -4.059  -7.386  -7.888  1.00 9.88  ? 450 TYR A CA  1 
ATOM   946  C C   . TYR A 1 128 ? -2.626  -7.164  -8.352  1.00 11.84 ? 450 TYR A C   1 
ATOM   947  O O   . TYR A 1 128 ? -1.992  -6.207  -7.927  1.00 9.10  ? 450 TYR A O   1 
ATOM   948  C CB  . TYR A 1 128 ? -4.991  -6.511  -8.742  1.00 11.43 ? 450 TYR A CB  1 
ATOM   949  C CG  . TYR A 1 128 ? -6.473  -6.767  -8.588  1.00 13.56 ? 450 TYR A CG  1 
ATOM   950  C CD1 . TYR A 1 128 ? -7.164  -6.331  -7.455  1.00 15.11 ? 450 TYR A CD1 1 
ATOM   951  C CD2 . TYR A 1 128 ? -7.213  -7.332  -9.628  1.00 13.83 ? 450 TYR A CD2 1 
ATOM   952  C CE1 . TYR A 1 128 ? -8.539  -6.511  -7.335  1.00 14.62 ? 450 TYR A CE1 1 
ATOM   953  C CE2 . TYR A 1 128 ? -8.593  -7.492  -9.529  1.00 14.67 ? 450 TYR A CE2 1 
ATOM   954  C CZ  . TYR A 1 128 ? -9.250  -7.078  -8.382  1.00 19.25 ? 450 TYR A CZ  1 
ATOM   955  O OH  . TYR A 1 128 ? -10.603 -7.231  -8.276  1.00 16.89 ? 450 TYR A OH  1 
ATOM   956  N N   . LYS A 1 129 ? -2.136  -8.026  -9.244  1.00 9.93  ? 451 LYS A N   1 
ATOM   957  C CA  . LYS A 1 129 ? -0.817  -7.888  -9.847  1.00 10.71 ? 451 LYS A CA  1 
ATOM   958  C C   . LYS A 1 129 ? -0.988  -7.937  -11.348 1.00 15.74 ? 451 LYS A C   1 
ATOM   959  O O   . LYS A 1 129 ? -1.421  -8.964  -11.884 1.00 16.90 ? 451 LYS A O   1 
ATOM   960  C CB  . LYS A 1 129 ? 0.173   -8.963  -9.373  1.00 12.88 ? 451 LYS A CB  1 
ATOM   961  C CG  . LYS A 1 129 ? 1.563   -8.759  -9.980  1.00 14.86 ? 451 LYS A CG  1 
ATOM   962  C CD  . LYS A 1 129 ? 2.596   -9.640  -9.345  1.00 22.61 ? 451 LYS A CD  1 
ATOM   963  C CE  . LYS A 1 129 ? 3.115   -10.684 -10.298 1.00 22.77 ? 451 LYS A CE  1 
ATOM   964  N NZ  . LYS A 1 129 ? 4.474   -11.146 -9.911  1.00 18.81 ? 451 LYS A NZ  1 
ATOM   965  N N   . ASN A 1 130 ? -0.680  -6.817  -12.021 1.00 11.57 ? 452 ASN A N   1 
ATOM   966  C CA  . ASN A 1 130 ? -0.803  -6.689  -13.483 1.00 11.78 ? 452 ASN A CA  1 
ATOM   967  C C   . ASN A 1 130 ? -2.203  -7.171  -13.974 1.00 14.85 ? 452 ASN A C   1 
ATOM   968  O O   . ASN A 1 130 ? -2.332  -7.986  -14.893 1.00 13.47 ? 452 ASN A O   1 
ATOM   969  C CB  . ASN A 1 130 ? 0.406   -7.367  -14.202 1.00 8.02  ? 452 ASN A CB  1 
ATOM   970  C CG  . ASN A 1 130 ? 1.747   -6.797  -13.779 1.00 13.69 ? 452 ASN A CG  1 
ATOM   971  O OD1 . ASN A 1 130 ? 1.913   -5.591  -13.614 1.00 9.17  ? 452 ASN A OD1 1 
ATOM   972  N ND2 . ASN A 1 130 ? 2.754   -7.641  -13.632 1.00 12.40 ? 452 ASN A ND2 1 
ATOM   973  N N   . GLY A 1 131 ? -3.226  -6.663  -13.287 1.00 13.14 ? 453 GLY A N   1 
ATOM   974  C CA  . GLY A 1 131 ? -4.640  -6.946  -13.516 1.00 12.87 ? 453 GLY A CA  1 
ATOM   975  C C   . GLY A 1 131 ? -5.119  -8.326  -13.125 1.00 16.43 ? 453 GLY A C   1 
ATOM   976  O O   . GLY A 1 131 ? -6.223  -8.701  -13.504 1.00 16.93 ? 453 GLY A O   1 
ATOM   977  N N   . VAL A 1 132 ? -4.319  -9.098  -12.365 1.00 12.20 ? 454 VAL A N   1 
ATOM   978  C CA  . VAL A 1 132 ? -4.715  -10.446 -11.953 1.00 10.82 ? 454 VAL A CA  1 
ATOM   979  C C   . VAL A 1 132 ? -5.071  -10.420 -10.471 1.00 15.39 ? 454 VAL A C   1 
ATOM   980  O O   . VAL A 1 132 ? -4.200  -10.142 -9.633  1.00 13.90 ? 454 VAL A O   1 
ATOM   981  C CB  . VAL A 1 132 ? -3.617  -11.519 -12.257 1.00 12.57 ? 454 VAL A CB  1 
ATOM   982  C CG1 . VAL A 1 132 ? -4.093  -12.938 -11.900 1.00 11.42 ? 454 VAL A CG1 1 
ATOM   983  C CG2 . VAL A 1 132 ? -3.144  -11.444 -13.707 1.00 11.64 ? 454 VAL A CG2 1 
ATOM   984  N N   . ASN A 1 133 ? -6.329  -10.782 -10.149 1.00 12.42 ? 455 ASN A N   1 
ATOM   985  C CA  . ASN A 1 133 ? -6.814  -10.850 -8.769  1.00 12.67 ? 455 ASN A CA  1 
ATOM   986  C C   . ASN A 1 133 ? -5.985  -11.886 -7.996  1.00 16.21 ? 455 ASN A C   1 
ATOM   987  O O   . ASN A 1 133 ? -5.937  -13.055 -8.394  1.00 13.63 ? 455 ASN A O   1 
ATOM   988  C CB  . ASN A 1 133 ? -8.310  -11.197 -8.749  1.00 10.95 ? 455 ASN A CB  1 
ATOM   989  C CG  . ASN A 1 133 ? -8.991  -11.034 -7.422  1.00 19.11 ? 455 ASN A CG  1 
ATOM   990  O OD1 . ASN A 1 133 ? -8.553  -11.558 -6.387  1.00 12.80 ? 455 ASN A OD1 1 
ATOM   991  N ND2 . ASN A 1 133 ? -10.172 -10.435 -7.455  1.00 11.10 ? 455 ASN A ND2 1 
ATOM   992  N N   . GLN A 1 134 ? -5.310  -11.446 -6.900  1.00 13.17 ? 456 GLN A N   1 
ATOM   993  C CA  . GLN A 1 134 ? -4.456  -12.350 -6.119  1.00 12.06 ? 456 GLN A CA  1 
ATOM   994  C C   . GLN A 1 134 ? -5.150  -13.087 -4.995  1.00 16.26 ? 456 GLN A C   1 
ATOM   995  O O   . GLN A 1 134 ? -4.499  -13.841 -4.265  1.00 15.77 ? 456 GLN A O   1 
ATOM   996  C CB  . GLN A 1 134 ? -3.152  -11.665 -5.656  1.00 13.22 ? 456 GLN A CB  1 
ATOM   997  C CG  . GLN A 1 134 ? -2.308  -11.058 -6.788  1.00 16.99 ? 456 GLN A CG  1 
ATOM   998  C CD  . GLN A 1 134 ? -1.756  -12.080 -7.745  1.00 28.62 ? 456 GLN A CD  1 
ATOM   999  O OE1 . GLN A 1 134 ? -1.015  -12.989 -7.371  1.00 29.67 ? 456 GLN A OE1 1 
ATOM   1000 N NE2 . GLN A 1 134 ? -2.090  -11.941 -9.001  1.00 17.48 ? 456 GLN A NE2 1 
ATOM   1001 N N   . GLY A 1 135 ? -6.472  -12.916 -4.904  1.00 13.20 ? 457 GLY A N   1 
ATOM   1002 C CA  . GLY A 1 135 ? -7.308  -13.532 -3.873  1.00 12.29 ? 457 GLY A CA  1 
ATOM   1003 C C   . GLY A 1 135 ? -7.599  -12.571 -2.734  1.00 16.06 ? 457 GLY A C   1 
ATOM   1004 O O   . GLY A 1 135 ? -7.056  -11.451 -2.690  1.00 14.21 ? 457 GLY A O   1 
ATOM   1005 N N   . VAL A 1 136 ? -8.482  -12.988 -1.821  1.00 13.70 ? 458 VAL A N   1 
ATOM   1006 C CA  . VAL A 1 136 ? -8.853  -12.226 -0.615  1.00 13.51 ? 458 VAL A CA  1 
ATOM   1007 C C   . VAL A 1 136 ? -7.669  -12.282 0.376   1.00 16.90 ? 458 VAL A C   1 
ATOM   1008 O O   . VAL A 1 136 ? -7.358  -13.368 0.896   1.00 16.37 ? 458 VAL A O   1 
ATOM   1009 C CB  . VAL A 1 136 ? -10.178 -12.751 0.027   1.00 16.81 ? 458 VAL A CB  1 
ATOM   1010 C CG1 . VAL A 1 136 ? -10.474 -12.035 1.353   1.00 16.92 ? 458 VAL A CG1 1 
ATOM   1011 C CG2 . VAL A 1 136 ? -11.356 -12.587 -0.931  1.00 16.13 ? 458 VAL A CG2 1 
ATOM   1012 N N   . ALA A 1 137 ? -6.990  -11.128 0.617   1.00 12.15 ? 459 ALA A N   1 
ATOM   1013 C CA  . ALA A 1 137 ? -5.880  -11.108 1.582   1.00 11.33 ? 459 ALA A CA  1 
ATOM   1014 C C   . ALA A 1 137 ? -6.467  -11.087 3.007   1.00 15.34 ? 459 ALA A C   1 
ATOM   1015 O O   . ALA A 1 137 ? -6.038  -11.862 3.861   1.00 13.68 ? 459 ALA A O   1 
ATOM   1016 C CB  . ALA A 1 137 ? -4.982  -9.895  1.357   1.00 11.68 ? 459 ALA A CB  1 
ATOM   1017 N N   . TYR A 1 138 ? -7.461  -10.210 3.247   1.00 12.54 ? 460 TYR A N   1 
ATOM   1018 C CA  . TYR A 1 138 ? -8.127  -10.108 4.558   1.00 12.47 ? 460 TYR A CA  1 
ATOM   1019 C C   . TYR A 1 138 ? -9.599  -9.866  4.427   1.00 15.74 ? 460 TYR A C   1 
ATOM   1020 O O   . TYR A 1 138 ? -10.029 -9.115  3.556   1.00 15.38 ? 460 TYR A O   1 
ATOM   1021 C CB  . TYR A 1 138 ? -7.513  -8.993  5.439   1.00 12.10 ? 460 TYR A CB  1 
ATOM   1022 C CG  . TYR A 1 138 ? -6.029  -9.152  5.675   1.00 11.24 ? 460 TYR A CG  1 
ATOM   1023 C CD1 . TYR A 1 138 ? -5.097  -8.480  4.878   1.00 12.32 ? 460 TYR A CD1 1 
ATOM   1024 C CD2 . TYR A 1 138 ? -5.551  -10.001 6.669   1.00 10.55 ? 460 TYR A CD2 1 
ATOM   1025 C CE1 . TYR A 1 138 ? -3.727  -8.624  5.095   1.00 12.20 ? 460 TYR A CE1 1 
ATOM   1026 C CE2 . TYR A 1 138 ? -4.184  -10.195 6.857   1.00 10.45 ? 460 TYR A CE2 1 
ATOM   1027 C CZ  . TYR A 1 138 ? -3.278  -9.498  6.075   1.00 14.05 ? 460 TYR A CZ  1 
ATOM   1028 O OH  . TYR A 1 138 ? -1.937  -9.648  6.309   1.00 12.21 ? 460 TYR A OH  1 
ATOM   1029 N N   . LYS A 1 139 ? -10.359 -10.472 5.334   1.00 13.70 ? 461 LYS A N   1 
ATOM   1030 C CA  . LYS A 1 139 ? -11.808 -10.316 5.456   1.00 14.69 ? 461 LYS A CA  1 
ATOM   1031 C C   . LYS A 1 139 ? -12.180 -9.895  6.890   1.00 20.21 ? 461 LYS A C   1 
ATOM   1032 O O   . LYS A 1 139 ? -11.379 -10.092 7.825   1.00 18.71 ? 461 LYS A O   1 
ATOM   1033 C CB  . LYS A 1 139 ? -12.578 -11.579 5.003   1.00 17.63 ? 461 LYS A CB  1 
ATOM   1034 C CG  . LYS A 1 139 ? -12.114 -12.906 5.627   1.00 31.20 ? 461 LYS A CG  1 
ATOM   1035 C CD  . LYS A 1 139 ? -13.195 -14.003 5.684   1.00 33.74 ? 461 LYS A CD  1 
ATOM   1036 C CE  . LYS A 1 139 ? -13.720 -14.466 4.342   1.00 41.00 ? 461 LYS A CE  1 
ATOM   1037 N NZ  . LYS A 1 139 ? -15.118 -14.008 4.110   1.00 45.30 ? 461 LYS A NZ  1 
ATOM   1038 N N   . ASP A 1 140 ? -13.383 -9.284  7.058   1.00 17.33 ? 462 ASP A N   1 
ATOM   1039 C CA  . ASP A 1 140 ? -13.891 -8.836  8.371   1.00 17.28 ? 462 ASP A CA  1 
ATOM   1040 C C   . ASP A 1 140 ? -12.833 -7.988  9.112   1.00 19.74 ? 462 ASP A C   1 
ATOM   1041 O O   . ASP A 1 140 ? -12.456 -8.273  10.248  1.00 18.96 ? 462 ASP A O   1 
ATOM   1042 C CB  . ASP A 1 140 ? -14.398 -10.039 9.197   1.00 18.66 ? 462 ASP A CB  1 
ATOM   1043 C CG  . ASP A 1 140 ? -15.437 -10.882 8.473   1.00 30.29 ? 462 ASP A CG  1 
ATOM   1044 O OD1 . ASP A 1 140 ? -16.496 -10.333 8.105   1.00 31.37 ? 462 ASP A OD1 1 
ATOM   1045 O OD2 . ASP A 1 140 ? -15.186 -12.091 8.275   1.00 40.65 ? 462 ASP A OD2 1 
ATOM   1046 N N   . ILE A 1 141 ? -12.318 -6.972  8.416   1.00 15.71 ? 463 ILE A N   1 
ATOM   1047 C CA  . ILE A 1 141 ? -11.251 -6.106  8.924   1.00 15.87 ? 463 ILE A CA  1 
ATOM   1048 C C   . ILE A 1 141 ? -11.711 -5.150  10.045  1.00 22.45 ? 463 ILE A C   1 
ATOM   1049 O O   . ILE A 1 141 ? -12.919 -4.914  10.208  1.00 21.47 ? 463 ILE A O   1 
ATOM   1050 C CB  . ILE A 1 141 ? -10.524 -5.365  7.756   1.00 17.94 ? 463 ILE A CB  1 
ATOM   1051 C CG1 . ILE A 1 141 ? -11.450 -4.317  7.072   1.00 17.32 ? 463 ILE A CG1 1 
ATOM   1052 C CG2 . ILE A 1 141 ? -9.916  -6.375  6.750   1.00 17.43 ? 463 ILE A CG2 1 
ATOM   1053 C CD1 . ILE A 1 141 ? -10.776 -3.454  5.987   1.00 15.65 ? 463 ILE A CD1 1 
ATOM   1054 N N   . PHE A 1 142 ? -10.731 -4.602  10.802  1.00 21.93 ? 464 PHE A N   1 
ATOM   1055 C CA  . PHE A 1 142 ? -10.950 -3.645  11.882  1.00 23.09 ? 464 PHE A CA  1 
ATOM   1056 C C   . PHE A 1 142 ? -11.700 -2.458  11.302  1.00 26.62 ? 464 PHE A C   1 
ATOM   1057 O O   . PHE A 1 142 ? -11.246 -1.881  10.315  1.00 26.94 ? 464 PHE A O   1 
ATOM   1058 C CB  . PHE A 1 142 ? -9.605  -3.221  12.519  1.00 25.81 ? 464 PHE A CB  1 
ATOM   1059 C CG  . PHE A 1 142 ? -9.701  -2.377  13.783  1.00 28.65 ? 464 PHE A CG  1 
ATOM   1060 C CD1 . PHE A 1 142 ? -10.453 -2.810  14.877  1.00 32.09 ? 464 PHE A CD1 1 
ATOM   1061 C CD2 . PHE A 1 142 ? -8.981  -1.192  13.907  1.00 31.15 ? 464 PHE A CD2 1 
ATOM   1062 C CE1 . PHE A 1 142 ? -10.529 -2.036  16.044  1.00 32.75 ? 464 PHE A CE1 1 
ATOM   1063 C CE2 . PHE A 1 142 ? -9.065  -0.419  15.069  1.00 34.17 ? 464 PHE A CE2 1 
ATOM   1064 C CZ  . PHE A 1 142 ? -9.840  -0.845  16.128  1.00 32.08 ? 464 PHE A CZ  1 
ATOM   1065 N N   . GLU A 1 143 ? -12.894 -2.168  11.839  1.00 22.18 ? 465 GLU A N   1 
ATOM   1066 C CA  . GLU A 1 143 ? -13.747 -1.085  11.332  1.00 22.43 ? 465 GLU A CA  1 
ATOM   1067 C C   . GLU A 1 143 ? -13.111 0.291   11.516  1.00 24.31 ? 465 GLU A C   1 
ATOM   1068 O O   . GLU A 1 143 ? -12.412 0.524   12.499  1.00 23.15 ? 465 GLU A O   1 
ATOM   1069 C CB  . GLU A 1 143 ? -15.148 -1.114  11.996  1.00 24.04 ? 465 GLU A CB  1 
ATOM   1070 N N   . GLY A 1 144 ? -13.383 1.179   10.565  1.00 20.58 ? 466 GLY A N   1 
ATOM   1071 C CA  . GLY A 1 144 ? -12.907 2.551   10.551  1.00 19.48 ? 466 GLY A CA  1 
ATOM   1072 C C   . GLY A 1 144 ? -12.671 3.077   9.148   1.00 21.78 ? 466 GLY A C   1 
ATOM   1073 O O   . GLY A 1 144 ? -13.100 2.470   8.161   1.00 21.56 ? 466 GLY A O   1 
ATOM   1074 N N   . VAL A 1 145 ? -11.981 4.219   9.064   1.00 15.76 ? 467 VAL A N   1 
ATOM   1075 C CA  . VAL A 1 145 ? -11.641 4.863   7.810   1.00 14.33 ? 467 VAL A CA  1 
ATOM   1076 C C   . VAL A 1 145 ? -10.318 4.292   7.306   1.00 17.78 ? 467 VAL A C   1 
ATOM   1077 O O   . VAL A 1 145 ? -9.383  4.156   8.091   1.00 15.80 ? 467 VAL A O   1 
ATOM   1078 C CB  . VAL A 1 145 ? -11.614 6.399   7.973   1.00 16.22 ? 467 VAL A CB  1 
ATOM   1079 C CG1 . VAL A 1 145 ? -11.024 7.083   6.740   1.00 14.96 ? 467 VAL A CG1 1 
ATOM   1080 C CG2 . VAL A 1 145 ? -13.021 6.919   8.254   1.00 15.92 ? 467 VAL A CG2 1 
ATOM   1081 N N   . TYR A 1 146 ? -10.261 3.938   5.998   1.00 14.31 ? 468 TYR A N   1 
ATOM   1082 C CA  . TYR A 1 146 ? -9.059  3.400   5.359   1.00 13.53 ? 468 TYR A CA  1 
ATOM   1083 C C   . TYR A 1 146 ? -8.522  4.301   4.278   1.00 16.14 ? 468 TYR A C   1 
ATOM   1084 O O   . TYR A 1 146 ? -9.278  4.812   3.452   1.00 15.54 ? 468 TYR A O   1 
ATOM   1085 C CB  . TYR A 1 146 ? -9.275  1.975   4.842   1.00 13.71 ? 468 TYR A CB  1 
ATOM   1086 C CG  . TYR A 1 146 ? -9.222  0.964   5.956   1.00 13.96 ? 468 TYR A CG  1 
ATOM   1087 C CD1 . TYR A 1 146 ? -10.385 0.539   6.593   1.00 16.01 ? 468 TYR A CD1 1 
ATOM   1088 C CD2 . TYR A 1 146 ? -8.003  0.466   6.417   1.00 13.59 ? 468 TYR A CD2 1 
ATOM   1089 C CE1 . TYR A 1 146 ? -10.339 -0.363  7.649   1.00 15.50 ? 468 TYR A CE1 1 
ATOM   1090 C CE2 . TYR A 1 146 ? -7.946  -0.436  7.470   1.00 13.32 ? 468 TYR A CE2 1 
ATOM   1091 C CZ  . TYR A 1 146 ? -9.119  -0.859  8.074   1.00 20.77 ? 468 TYR A CZ  1 
ATOM   1092 O OH  . TYR A 1 146 ? -9.079  -1.759  9.108   1.00 20.55 ? 468 TYR A OH  1 
ATOM   1093 N N   . PHE A 1 147 ? -7.204  4.513   4.314   1.00 11.14 ? 469 PHE A N   1 
ATOM   1094 C CA  . PHE A 1 147 ? -6.486  5.362   3.391   1.00 10.65 ? 469 PHE A CA  1 
ATOM   1095 C C   . PHE A 1 147 ? -5.524  4.570   2.510   1.00 14.80 ? 469 PHE A C   1 
ATOM   1096 O O   . PHE A 1 147 ? -4.774  3.748   3.050   1.00 13.53 ? 469 PHE A O   1 
ATOM   1097 C CB  . PHE A 1 147 ? -5.636  6.380   4.195   1.00 12.45 ? 469 PHE A CB  1 
ATOM   1098 C CG  . PHE A 1 147 ? -6.376  7.516   4.862   1.00 13.14 ? 469 PHE A CG  1 
ATOM   1099 C CD1 . PHE A 1 147 ? -7.040  7.321   6.069   1.00 15.38 ? 469 PHE A CD1 1 
ATOM   1100 C CD2 . PHE A 1 147 ? -6.363  8.790   4.311   1.00 14.96 ? 469 PHE A CD2 1 
ATOM   1101 C CE1 . PHE A 1 147 ? -7.722  8.371   6.688   1.00 16.77 ? 469 PHE A CE1 1 
ATOM   1102 C CE2 . PHE A 1 147 ? -7.051  9.844   4.926   1.00 18.06 ? 469 PHE A CE2 1 
ATOM   1103 C CZ  . PHE A 1 147 ? -7.727  9.627   6.112   1.00 16.14 ? 469 PHE A CZ  1 
ATOM   1104 N N   . PRO A 1 148 ? -5.413  4.890   1.188   1.00 11.91 ? 470 PRO A N   1 
ATOM   1105 C CA  . PRO A 1 148 ? -4.325  4.307   0.386   1.00 11.82 ? 470 PRO A CA  1 
ATOM   1106 C C   . PRO A 1 148 ? -2.988  4.610   1.100   1.00 15.36 ? 470 PRO A C   1 
ATOM   1107 O O   . PRO A 1 148 ? -2.827  5.710   1.656   1.00 12.67 ? 470 PRO A O   1 
ATOM   1108 C CB  . PRO A 1 148 ? -4.435  5.071   -0.932  1.00 13.24 ? 470 PRO A CB  1 
ATOM   1109 C CG  . PRO A 1 148 ? -5.869  5.485   -1.005  1.00 16.21 ? 470 PRO A CG  1 
ATOM   1110 C CD  . PRO A 1 148 ? -6.192  5.863   0.390   1.00 12.04 ? 470 PRO A CD  1 
ATOM   1111 N N   . ALA A 1 149 ? -2.099  3.601   1.220   1.00 12.60 ? 471 ALA A N   1 
ATOM   1112 C CA  . ALA A 1 149 ? -0.858  3.793   1.980   1.00 12.62 ? 471 ALA A CA  1 
ATOM   1113 C C   . ALA A 1 149 ? 0.356   3.106   1.364   1.00 15.74 ? 471 ALA A C   1 
ATOM   1114 O O   . ALA A 1 149 ? 0.250   1.998   0.840   1.00 14.62 ? 471 ALA A O   1 
ATOM   1115 C CB  . ALA A 1 149 ? -1.059  3.327   3.428   1.00 12.93 ? 471 ALA A CB  1 
ATOM   1116 N N   . ILE A 1 150 ? 1.523   3.761   1.459   1.00 11.67 ? 472 ILE A N   1 
ATOM   1117 C CA  . ILE A 1 150 ? 2.781   3.246   0.900   1.00 9.27  ? 472 ILE A CA  1 
ATOM   1118 C C   . ILE A 1 150 ? 3.833   3.164   1.994   1.00 12.36 ? 472 ILE A C   1 
ATOM   1119 O O   . ILE A 1 150 ? 4.086   4.156   2.656   1.00 12.40 ? 472 ILE A O   1 
ATOM   1120 C CB  . ILE A 1 150 ? 3.273   4.160   -0.290  1.00 11.83 ? 472 ILE A CB  1 
ATOM   1121 C CG1 . ILE A 1 150 ? 2.332   4.071   -1.518  1.00 13.14 ? 472 ILE A CG1 1 
ATOM   1122 C CG2 . ILE A 1 150 ? 4.721   3.838   -0.705  1.00 10.02 ? 472 ILE A CG2 1 
ATOM   1123 C CD1 . ILE A 1 150 ? 2.354   5.276   -2.484  1.00 8.62  ? 472 ILE A CD1 1 
ATOM   1124 N N   . SER A 1 151 ? 4.496   2.013   2.138   1.00 10.27 ? 473 SER A N   1 
ATOM   1125 C CA  . SER A 1 151 ? 5.640   1.905   3.042   1.00 10.38 ? 473 SER A CA  1 
ATOM   1126 C C   . SER A 1 151 ? 6.800   1.340   2.274   1.00 14.06 ? 473 SER A C   1 
ATOM   1127 O O   . SER A 1 151 ? 6.628   0.393   1.505   1.00 13.69 ? 473 SER A O   1 
ATOM   1128 C CB  . SER A 1 151 ? 5.330   1.149   4.332   1.00 10.60 ? 473 SER A CB  1 
ATOM   1129 O OG  . SER A 1 151 ? 5.315   -0.246  4.124   1.00 16.36 ? 473 SER A OG  1 
ATOM   1130 N N   . LEU A 1 152 ? 7.956   2.004   2.388   1.00 10.98 ? 474 LEU A N   1 
ATOM   1131 C CA  . LEU A 1 152 ? 9.138   1.657   1.617   1.00 10.37 ? 474 LEU A CA  1 
ATOM   1132 C C   . LEU A 1 152 ? 10.367  1.431   2.465   1.00 12.69 ? 474 LEU A C   1 
ATOM   1133 O O   . LEU A 1 152 ? 10.604  2.135   3.449   1.00 10.85 ? 474 LEU A O   1 
ATOM   1134 C CB  . LEU A 1 152 ? 9.436   2.722   0.547   1.00 10.64 ? 474 LEU A CB  1 
ATOM   1135 C CG  . LEU A 1 152 ? 8.311   3.140   -0.402  1.00 13.98 ? 474 LEU A CG  1 
ATOM   1136 C CD1 . LEU A 1 152 ? 8.722   4.337   -1.208  1.00 14.18 ? 474 LEU A CD1 1 
ATOM   1137 C CD2 . LEU A 1 152 ? 7.914   1.997   -1.346  1.00 12.46 ? 474 LEU A CD2 1 
ATOM   1138 N N   . TYR A 1 153 ? 11.149  0.429   2.050   1.00 10.13 ? 475 TYR A N   1 
ATOM   1139 C CA  . TYR A 1 153 ? 12.410  0.013   2.647   1.00 9.08  ? 475 TYR A CA  1 
ATOM   1140 C C   . TYR A 1 153 ? 13.500  0.362   1.667   1.00 12.39 ? 475 TYR A C   1 
ATOM   1141 O O   . TYR A 1 153 ? 13.535  -0.173  0.553   1.00 11.25 ? 475 TYR A O   1 
ATOM   1142 C CB  . TYR A 1 153 ? 12.431  -1.506  2.918   1.00 10.05 ? 475 TYR A CB  1 
ATOM   1143 C CG  . TYR A 1 153 ? 13.750  -1.973  3.515   1.00 11.49 ? 475 TYR A CG  1 
ATOM   1144 C CD1 . TYR A 1 153 ? 14.105  -1.638  4.819   1.00 13.13 ? 475 TYR A CD1 1 
ATOM   1145 C CD2 . TYR A 1 153 ? 14.670  -2.687  2.752   1.00 11.84 ? 475 TYR A CD2 1 
ATOM   1146 C CE1 . TYR A 1 153 ? 15.331  -2.026  5.358   1.00 15.74 ? 475 TYR A CE1 1 
ATOM   1147 C CE2 . TYR A 1 153 ? 15.889  -3.105  3.291   1.00 12.56 ? 475 TYR A CE2 1 
ATOM   1148 C CZ  . TYR A 1 153 ? 16.218  -2.765  4.595   1.00 18.91 ? 475 TYR A CZ  1 
ATOM   1149 O OH  . TYR A 1 153 ? 17.407  -3.180  5.146   1.00 16.01 ? 475 TYR A OH  1 
ATOM   1150 N N   . LYS A 1 154 ? 14.408  1.255   2.090   1.00 9.98  ? 476 LYS A N   1 
ATOM   1151 C CA  . LYS A 1 154 ? 15.527  1.708   1.289   1.00 8.76  ? 476 LYS A CA  1 
ATOM   1152 C C   . LYS A 1 154 ? 15.070  2.465   0.029   1.00 15.65 ? 476 LYS A C   1 
ATOM   1153 O O   . LYS A 1 154 ? 13.870  2.722   -0.126  1.00 15.95 ? 476 LYS A O   1 
ATOM   1154 C CB  . LYS A 1 154 ? 16.537  0.565   1.060   1.00 10.45 ? 476 LYS A CB  1 
ATOM   1155 C CG  . LYS A 1 154 ? 17.249  0.151   2.343   1.00 11.81 ? 476 LYS A CG  1 
ATOM   1156 C CD  . LYS A 1 154 ? 18.408  -0.805  2.093   1.00 20.39 ? 476 LYS A CD  1 
ATOM   1157 C CE  . LYS A 1 154 ? 19.357  -0.819  3.266   1.00 21.52 ? 476 LYS A CE  1 
ATOM   1158 N NZ  . LYS A 1 154 ? 20.297  -1.966  3.199   1.00 24.48 ? 476 LYS A NZ  1 
ATOM   1159 N N   . SER A 1 155 ? 16.009  2.818   -0.855  1.00 13.81 ? 477 SER A N   1 
ATOM   1160 C CA  . SER A 1 155 ? 15.800  3.645   -2.041  1.00 15.17 ? 477 SER A CA  1 
ATOM   1161 C C   . SER A 1 155 ? 15.005  3.118   -3.249  1.00 19.13 ? 477 SER A C   1 
ATOM   1162 O O   . SER A 1 155 ? 15.429  3.341   -4.388  1.00 19.08 ? 477 SER A O   1 
ATOM   1163 C CB  . SER A 1 155 ? 17.109  4.311   -2.471  1.00 19.83 ? 477 SER A CB  1 
ATOM   1164 O OG  . SER A 1 155 ? 17.564  5.193   -1.458  1.00 34.18 ? 477 SER A OG  1 
ATOM   1165 N N   . CYS A 1 156 ? 13.833  2.516   -3.024  1.00 14.78 ? 478 CYS A N   1 
ATOM   1166 C CA  . CYS A 1 156 ? 12.982  2.120   -4.148  1.00 14.32 ? 478 CYS A CA  1 
ATOM   1167 C C   . CYS A 1 156 ? 12.000  3.259   -4.435  1.00 16.21 ? 478 CYS A C   1 
ATOM   1168 O O   . CYS A 1 156 ? 11.697  4.053   -3.540  1.00 15.18 ? 478 CYS A O   1 
ATOM   1169 C CB  . CYS A 1 156 ? 12.265  0.796   -3.902  1.00 14.83 ? 478 CYS A CB  1 
ATOM   1170 S SG  . CYS A 1 156 ? 11.312  0.748   -2.372  1.00 19.10 ? 478 CYS A SG  1 
ATOM   1171 N N   . THR A 1 157 ? 11.522  3.334   -5.685  1.00 11.26 ? 479 THR A N   1 
ATOM   1172 C CA  . THR A 1 157 ? 10.620  4.379   -6.181  1.00 11.75 ? 479 THR A CA  1 
ATOM   1173 C C   . THR A 1 157 ? 9.301   3.783   -6.648  1.00 16.06 ? 479 THR A C   1 
ATOM   1174 O O   . THR A 1 157 ? 9.302   2.814   -7.408  1.00 15.63 ? 479 THR A O   1 
ATOM   1175 C CB  . THR A 1 157 ? 11.323  5.174   -7.302  1.00 12.69 ? 479 THR A CB  1 
ATOM   1176 O OG1 . THR A 1 157 ? 12.568  5.606   -6.793  1.00 11.76 ? 479 THR A OG1 1 
ATOM   1177 C CG2 . THR A 1 157 ? 10.529  6.387   -7.773  1.00 11.15 ? 479 THR A CG2 1 
ATOM   1178 N N   . VAL A 1 158 ? 8.179   4.340   -6.155  1.00 12.48 ? 480 VAL A N   1 
ATOM   1179 C CA  . VAL A 1 158 ? 6.842   3.887   -6.544  1.00 12.17 ? 480 VAL A CA  1 
ATOM   1180 C C   . VAL A 1 158 ? 5.972   5.112   -6.885  1.00 14.83 ? 480 VAL A C   1 
ATOM   1181 O O   . VAL A 1 158 ? 6.172   6.204   -6.333  1.00 12.42 ? 480 VAL A O   1 
ATOM   1182 C CB  . VAL A 1 158 ? 6.137   2.888   -5.550  1.00 15.69 ? 480 VAL A CB  1 
ATOM   1183 C CG1 . VAL A 1 158 ? 7.041   1.702   -5.161  1.00 15.22 ? 480 VAL A CG1 1 
ATOM   1184 C CG2 . VAL A 1 158 ? 5.591   3.593   -4.302  1.00 14.97 ? 480 VAL A CG2 1 
ATOM   1185 N N   . SER A 1 159 ? 5.016   4.911   -7.805  1.00 11.58 ? 481 SER A N   1 
ATOM   1186 C CA  . SER A 1 159 ? 4.069   5.912   -8.259  1.00 11.03 ? 481 SER A CA  1 
ATOM   1187 C C   . SER A 1 159 ? 2.648   5.432   -8.001  1.00 14.29 ? 481 SER A C   1 
ATOM   1188 O O   . SER A 1 159 ? 2.311   4.302   -8.305  1.00 13.69 ? 481 SER A O   1 
ATOM   1189 C CB  . SER A 1 159 ? 4.284   6.233   -9.735  1.00 12.69 ? 481 SER A CB  1 
ATOM   1190 O OG  . SER A 1 159 ? 5.419   7.071   -9.866  1.00 18.03 ? 481 SER A OG  1 
ATOM   1191 N N   . ILE A 1 160 ? 1.834   6.287   -7.405  1.00 12.38 ? 482 ILE A N   1 
ATOM   1192 C CA  . ILE A 1 160 ? 0.442   5.979   -7.070  1.00 10.50 ? 482 ILE A CA  1 
ATOM   1193 C C   . ILE A 1 160 ? -0.502  6.630   -8.096  1.00 11.67 ? 482 ILE A C   1 
ATOM   1194 O O   . ILE A 1 160 ? -0.284  7.762   -8.505  1.00 8.59  ? 482 ILE A O   1 
ATOM   1195 C CB  . ILE A 1 160 ? 0.114   6.355   -5.582  1.00 12.42 ? 482 ILE A CB  1 
ATOM   1196 C CG1 . ILE A 1 160 ? -1.288  5.823   -5.132  1.00 12.58 ? 482 ILE A CG1 1 
ATOM   1197 C CG2 . ILE A 1 160 ? 0.278   7.861   -5.301  1.00 9.67  ? 482 ILE A CG2 1 
ATOM   1198 C CD1 . ILE A 1 160 ? -1.351  5.381   -3.650  1.00 15.28 ? 482 ILE A CD1 1 
ATOM   1199 N N   . ASN A 1 161 ? -1.529  5.891   -8.512  1.00 9.42  ? 483 ASN A N   1 
ATOM   1200 C CA  . ASN A 1 161 ? -2.555  6.363   -9.437  1.00 9.77  ? 483 ASN A CA  1 
ATOM   1201 C C   . ASN A 1 161 ? -3.900  6.145   -8.734  1.00 12.32 ? 483 ASN A C   1 
ATOM   1202 O O   . ASN A 1 161 ? -4.282  5.008   -8.495  1.00 11.19 ? 483 ASN A O   1 
ATOM   1203 C CB  . ASN A 1 161 ? -2.479  5.583   -10.782 1.00 8.91  ? 483 ASN A CB  1 
ATOM   1204 C CG  . ASN A 1 161 ? -3.552  5.942   -11.781 1.00 21.06 ? 483 ASN A CG  1 
ATOM   1205 O OD1 . ASN A 1 161 ? -4.234  6.961   -11.659 1.00 14.53 ? 483 ASN A OD1 1 
ATOM   1206 N ND2 . ASN A 1 161 ? -3.729  5.112   -12.805 1.00 11.55 ? 483 ASN A ND2 1 
ATOM   1207 N N   . PHE A 1 162 ? -4.579  7.225   -8.344  1.00 9.94  ? 484 PHE A N   1 
ATOM   1208 C CA  . PHE A 1 162 ? -5.870  7.107   -7.657  1.00 8.98  ? 484 PHE A CA  1 
ATOM   1209 C C   . PHE A 1 162 ? -7.047  6.976   -8.630  1.00 12.41 ? 484 PHE A C   1 
ATOM   1210 O O   . PHE A 1 162 ? -8.168  6.717   -8.207  1.00 12.14 ? 484 PHE A O   1 
ATOM   1211 C CB  . PHE A 1 162 ? -6.078  8.264   -6.680  1.00 10.06 ? 484 PHE A CB  1 
ATOM   1212 C CG  . PHE A 1 162 ? -4.999  8.398   -5.632  1.00 10.99 ? 484 PHE A CG  1 
ATOM   1213 C CD1 . PHE A 1 162 ? -3.979  9.342   -5.775  1.00 10.86 ? 484 PHE A CD1 1 
ATOM   1214 C CD2 . PHE A 1 162 ? -4.986  7.569   -4.510  1.00 10.08 ? 484 PHE A CD2 1 
ATOM   1215 C CE1 . PHE A 1 162 ? -3.018  9.502   -4.776  1.00 10.92 ? 484 PHE A CE1 1 
ATOM   1216 C CE2 . PHE A 1 162 ? -4.007  7.710   -3.530  1.00 11.61 ? 484 PHE A CE2 1 
ATOM   1217 C CZ  . PHE A 1 162 ? -3.028  8.670   -3.663  1.00 9.51  ? 484 PHE A CZ  1 
ATOM   1218 N N   . GLY A 1 163 ? -6.774  7.114   -9.919  1.00 9.41  ? 485 GLY A N   1 
ATOM   1219 C CA  . GLY A 1 163 ? -7.792  7.037   -10.956 1.00 9.38  ? 485 GLY A CA  1 
ATOM   1220 C C   . GLY A 1 163 ? -8.092  8.403   -11.556 1.00 14.11 ? 485 GLY A C   1 
ATOM   1221 O O   . GLY A 1 163 ? -7.381  9.367   -11.260 1.00 12.07 ? 485 GLY A O   1 
ATOM   1222 N N   . PRO A 1 164 ? -9.142  8.548   -12.393 1.00 14.00 ? 486 PRO A N   1 
ATOM   1223 C CA  . PRO A 1 164 ? -10.138 7.534   -12.798 1.00 13.96 ? 486 PRO A CA  1 
ATOM   1224 C C   . PRO A 1 164 ? -9.645  6.487   -13.793 1.00 19.87 ? 486 PRO A C   1 
ATOM   1225 O O   . PRO A 1 164 ? -10.205 5.388   -13.862 1.00 21.00 ? 486 PRO A O   1 
ATOM   1226 C CB  . PRO A 1 164 ? -11.291 8.389   -13.348 1.00 15.57 ? 486 PRO A CB  1 
ATOM   1227 C CG  . PRO A 1 164 ? -10.608 9.603   -13.921 1.00 19.81 ? 486 PRO A CG  1 
ATOM   1228 C CD  . PRO A 1 164 ? -9.448  9.874   -12.985 1.00 15.93 ? 486 PRO A CD  1 
ATOM   1229 N N   . CYS A 1 165 ? -8.566  6.799   -14.503 1.00 18.40 ? 487 CYS A N   1 
ATOM   1230 C CA  . CYS A 1 165 ? -7.970  5.954   -15.541 1.00 19.93 ? 487 CYS A CA  1 
ATOM   1231 C C   . CYS A 1 165 ? -6.882  5.011   -15.008 1.00 19.89 ? 487 CYS A C   1 
ATOM   1232 O O   . CYS A 1 165 ? -5.759  5.438   -14.729 1.00 19.05 ? 487 CYS A O   1 
ATOM   1233 C CB  . CYS A 1 165 ? -7.465  6.820   -16.698 1.00 22.29 ? 487 CYS A CB  1 
ATOM   1234 S SG  . CYS A 1 165 ? -8.725  7.939   -17.384 1.00 27.80 ? 487 CYS A SG  1 
ATOM   1235 N N   . PHE A 1 166 ? -7.219  3.717   -14.878 1.00 13.23 ? 488 PHE A N   1 
ATOM   1236 C CA  . PHE A 1 166 ? -6.272  2.696   -14.445 1.00 10.51 ? 488 PHE A CA  1 
ATOM   1237 C C   . PHE A 1 166 ? -5.640  1.974   -15.651 1.00 12.89 ? 488 PHE A C   1 
ATOM   1238 O O   . PHE A 1 166 ? -6.259  1.883   -16.701 1.00 11.48 ? 488 PHE A O   1 
ATOM   1239 C CB  . PHE A 1 166 ? -6.954  1.706   -13.479 1.00 10.85 ? 488 PHE A CB  1 
ATOM   1240 C CG  . PHE A 1 166 ? -7.469  2.360   -12.213 1.00 11.36 ? 488 PHE A CG  1 
ATOM   1241 C CD1 . PHE A 1 166 ? -8.823  2.333   -11.900 1.00 12.91 ? 488 PHE A CD1 1 
ATOM   1242 C CD2 . PHE A 1 166 ? -6.599  3.035   -11.352 1.00 11.45 ? 488 PHE A CD2 1 
ATOM   1243 C CE1 . PHE A 1 166 ? -9.305  2.969   -10.748 1.00 13.65 ? 488 PHE A CE1 1 
ATOM   1244 C CE2 . PHE A 1 166 ? -7.078  3.660   -10.197 1.00 14.14 ? 488 PHE A CE2 1 
ATOM   1245 C CZ  . PHE A 1 166 ? -8.428  3.617   -9.897  1.00 12.45 ? 488 PHE A CZ  1 
ATOM   1246 N N   . LYS A 1 167 ? -4.401  1.485   -15.501 1.00 10.04 ? 489 LYS A N   1 
ATOM   1247 C CA  . LYS A 1 167 ? -3.714  0.722   -16.548 1.00 9.18  ? 489 LYS A CA  1 
ATOM   1248 C C   . LYS A 1 167 ? -4.397  -0.650  -16.741 1.00 14.78 ? 489 LYS A C   1 
ATOM   1249 O O   . LYS A 1 167 ? -4.574  -1.100  -17.878 1.00 15.07 ? 489 LYS A O   1 
ATOM   1250 C CB  . LYS A 1 167 ? -2.223  0.539   -16.217 1.00 10.71 ? 489 LYS A CB  1 
ATOM   1251 C CG  . LYS A 1 167 ? -1.375  1.778   -16.484 1.00 15.79 ? 489 LYS A CG  1 
ATOM   1252 C CD  . LYS A 1 167 ? 0.060   1.552   -16.060 1.00 20.44 ? 489 LYS A CD  1 
ATOM   1253 C CE  . LYS A 1 167 ? 0.853   2.836   -16.009 1.00 29.50 ? 489 LYS A CE  1 
ATOM   1254 N NZ  . LYS A 1 167 ? 0.596   3.618   -14.764 1.00 27.83 ? 489 LYS A NZ  1 
ATOM   1255 N N   . TYR A 1 168 ? -4.793  -1.294  -15.621 1.00 11.25 ? 490 TYR A N   1 
ATOM   1256 C CA  . TYR A 1 168 ? -5.439  -2.603  -15.599 1.00 11.06 ? 490 TYR A CA  1 
ATOM   1257 C C   . TYR A 1 168 ? -6.748  -2.485  -14.809 1.00 14.84 ? 490 TYR A C   1 
ATOM   1258 O O   . TYR A 1 168 ? -6.792  -2.980  -13.690 1.00 14.88 ? 490 TYR A O   1 
ATOM   1259 C CB  . TYR A 1 168 ? -4.523  -3.646  -14.918 1.00 11.89 ? 490 TYR A CB  1 
ATOM   1260 C CG  . TYR A 1 168 ? -3.175  -3.917  -15.568 1.00 12.58 ? 490 TYR A CG  1 
ATOM   1261 C CD1 . TYR A 1 168 ? -2.045  -3.189  -15.207 1.00 13.49 ? 490 TYR A CD1 1 
ATOM   1262 C CD2 . TYR A 1 168 ? -3.013  -4.971  -16.470 1.00 12.91 ? 490 TYR A CD2 1 
ATOM   1263 C CE1 . TYR A 1 168 ? -0.794  -3.471  -15.765 1.00 13.51 ? 490 TYR A CE1 1 
ATOM   1264 C CE2 . TYR A 1 168 ? -1.759  -5.292  -16.996 1.00 12.62 ? 490 TYR A CE2 1 
ATOM   1265 C CZ  . TYR A 1 168 ? -0.656  -4.528  -16.654 1.00 16.98 ? 490 TYR A CZ  1 
ATOM   1266 O OH  . TYR A 1 168 ? 0.575   -4.853  -17.162 1.00 17.54 ? 490 TYR A OH  1 
ATOM   1267 N N   . PRO A 1 169 ? -7.832  -1.848  -15.318 1.00 12.71 ? 491 PRO A N   1 
ATOM   1268 C CA  . PRO A 1 169 ? -9.053  -1.772  -14.502 1.00 13.21 ? 491 PRO A CA  1 
ATOM   1269 C C   . PRO A 1 169 ? -9.725  -3.146  -14.306 1.00 16.62 ? 491 PRO A C   1 
ATOM   1270 O O   . PRO A 1 169 ? -9.991  -3.842  -15.279 1.00 14.65 ? 491 PRO A O   1 
ATOM   1271 C CB  . PRO A 1 169 ? -9.925  -0.746  -15.236 1.00 14.75 ? 491 PRO A CB  1 
ATOM   1272 C CG  . PRO A 1 169 ? -9.445  -0.755  -16.614 1.00 18.55 ? 491 PRO A CG  1 
ATOM   1273 C CD  . PRO A 1 169 ? -8.029  -1.222  -16.641 1.00 13.72 ? 491 PRO A CD  1 
ATOM   1274 N N   . PRO A 1 170 ? -9.955  -3.575  -13.042 1.00 14.22 ? 492 PRO A N   1 
ATOM   1275 C CA  . PRO A 1 170 ? -10.611 -4.883  -12.810 1.00 14.49 ? 492 PRO A CA  1 
ATOM   1276 C C   . PRO A 1 170 ? -12.019 -5.002  -13.387 1.00 17.80 ? 492 PRO A C   1 
ATOM   1277 O O   . PRO A 1 170 ? -12.838 -4.084  -13.287 1.00 16.58 ? 492 PRO A O   1 
ATOM   1278 C CB  . PRO A 1 170 ? -10.624 -5.025  -11.288 1.00 16.86 ? 492 PRO A CB  1 
ATOM   1279 C CG  . PRO A 1 170 ? -9.655  -4.015  -10.789 1.00 20.80 ? 492 PRO A CG  1 
ATOM   1280 C CD  . PRO A 1 170 ? -9.660  -2.889  -11.771 1.00 15.84 ? 492 PRO A CD  1 
ATOM   1281 N N   . LYS A 1 171 ? -12.287 -6.153  -14.011 1.00 14.48 ? 493 LYS A N   1 
ATOM   1282 C CA  . LYS A 1 171 ? -13.583 -6.451  -14.616 1.00 12.80 ? 493 LYS A CA  1 
ATOM   1283 C C   . LYS A 1 171 ? -14.364 -7.423  -13.760 1.00 14.75 ? 493 LYS A C   1 
ATOM   1284 O O   . LYS A 1 171 ? -15.544 -7.647  -14.025 1.00 14.81 ? 493 LYS A O   1 
ATOM   1285 C CB  . LYS A 1 171 ? -13.394 -7.019  -16.044 1.00 14.60 ? 493 LYS A CB  1 
ATOM   1286 C CG  . LYS A 1 171 ? -12.664 -6.068  -17.013 1.00 17.57 ? 493 LYS A CG  1 
ATOM   1287 C CD  . LYS A 1 171 ? -13.395 -4.737  -17.198 1.00 23.66 ? 493 LYS A CD  1 
ATOM   1288 C CE  . LYS A 1 171 ? -12.625 -3.729  -18.029 1.00 30.86 ? 493 LYS A CE  1 
ATOM   1289 N NZ  . LYS A 1 171 ? -12.681 -4.044  -19.481 1.00 27.39 ? 493 LYS A NZ  1 
ATOM   1290 N N   . ASP A 1 172 ? -13.720 -7.975  -12.712 1.00 10.99 ? 494 ASP A N   1 
ATOM   1291 C CA  . ASP A 1 172 ? -14.289 -8.987  -11.819 1.00 10.64 ? 494 ASP A CA  1 
ATOM   1292 C C   . ASP A 1 172 ? -15.169 -8.494  -10.668 1.00 16.88 ? 494 ASP A C   1 
ATOM   1293 O O   . ASP A 1 172 ? -15.944 -9.278  -10.107 1.00 18.01 ? 494 ASP A O   1 
ATOM   1294 C CB  . ASP A 1 172 ? -13.175 -9.902  -11.280 1.00 11.71 ? 494 ASP A CB  1 
ATOM   1295 C CG  . ASP A 1 172 ? -12.003 -9.230  -10.590 1.00 15.15 ? 494 ASP A CG  1 
ATOM   1296 O OD1 . ASP A 1 172 ? -11.065 -9.947  -10.186 1.00 19.04 ? 494 ASP A OD1 1 
ATOM   1297 O OD2 . ASP A 1 172 ? -12.030 -8.007  -10.439 1.00 15.90 ? 494 ASP A OD2 1 
ATOM   1298 N N   . LEU A 1 173 ? -15.006 -7.233  -10.279 1.00 13.61 ? 495 LEU A N   1 
ATOM   1299 C CA  . LEU A 1 173 ? -15.698 -6.628  -9.147  1.00 14.26 ? 495 LEU A CA  1 
ATOM   1300 C C   . LEU A 1 173 ? -16.022 -5.194  -9.450  1.00 18.15 ? 495 LEU A C   1 
ATOM   1301 O O   . LEU A 1 173 ? -15.270 -4.519  -10.159 1.00 17.38 ? 495 LEU A O   1 
ATOM   1302 C CB  . LEU A 1 173 ? -14.793 -6.656  -7.874  1.00 14.67 ? 495 LEU A CB  1 
ATOM   1303 C CG  . LEU A 1 173 ? -14.303 -8.022  -7.345  1.00 19.87 ? 495 LEU A CG  1 
ATOM   1304 C CD1 . LEU A 1 173 ? -13.214 -7.847  -6.323  1.00 19.84 ? 495 LEU A CD1 1 
ATOM   1305 C CD2 . LEU A 1 173 ? -15.450 -8.854  -6.766  1.00 21.85 ? 495 LEU A CD2 1 
ATOM   1306 N N   . THR A 1 174 ? -17.102 -4.706  -8.845  1.00 15.90 ? 496 THR A N   1 
ATOM   1307 C CA  . THR A 1 174 ? -17.542 -3.314  -8.956  1.00 15.87 ? 496 THR A CA  1 
ATOM   1308 C C   . THR A 1 174 ? -16.769 -2.489  -7.906  1.00 18.16 ? 496 THR A C   1 
ATOM   1309 O O   . THR A 1 174 ? -16.523 -2.984  -6.806  1.00 16.76 ? 496 THR A O   1 
ATOM   1310 C CB  . THR A 1 174 ? -19.062 -3.210  -8.753  1.00 20.26 ? 496 THR A CB  1 
ATOM   1311 O OG1 . THR A 1 174 ? -19.354 -3.439  -7.379  1.00 23.54 ? 496 THR A OG1 1 
ATOM   1312 C CG2 . THR A 1 174 ? -19.843 -4.204  -9.611  1.00 16.02 ? 496 THR A CG2 1 
ATOM   1313 N N   . TYR A 1 175 ? -16.380 -1.243  -8.259  1.00 14.34 ? 497 TYR A N   1 
ATOM   1314 C CA  . TYR A 1 175 ? -15.641 -0.323  -7.379  1.00 13.70 ? 497 TYR A CA  1 
ATOM   1315 C C   . TYR A 1 175 ? -15.781 1.101   -7.919  1.00 17.22 ? 497 TYR A C   1 
ATOM   1316 O O   . TYR A 1 175 ? -16.107 1.300   -9.086  1.00 16.13 ? 497 TYR A O   1 
ATOM   1317 C CB  . TYR A 1 175 ? -14.112 -0.691  -7.352  1.00 13.18 ? 497 TYR A CB  1 
ATOM   1318 C CG  . TYR A 1 175 ? -13.476 -0.617  -8.729  1.00 15.23 ? 497 TYR A CG  1 
ATOM   1319 C CD1 . TYR A 1 175 ? -13.029 0.597   -9.250  1.00 17.90 ? 497 TYR A CD1 1 
ATOM   1320 C CD2 . TYR A 1 175 ? -13.426 -1.736  -9.554  1.00 15.80 ? 497 TYR A CD2 1 
ATOM   1321 C CE1 . TYR A 1 175 ? -12.528 0.690   -10.546 1.00 19.71 ? 497 TYR A CE1 1 
ATOM   1322 C CE2 . TYR A 1 175 ? -12.936 -1.655  -10.857 1.00 17.27 ? 497 TYR A CE2 1 
ATOM   1323 C CZ  . TYR A 1 175 ? -12.482 -0.443  -11.347 1.00 26.72 ? 497 TYR A CZ  1 
ATOM   1324 O OH  . TYR A 1 175 ? -11.989 -0.363  -12.624 1.00 29.88 ? 497 TYR A OH  1 
ATOM   1325 N N   . ARG A 1 176 ? -15.430 2.077   -7.098  1.00 14.37 ? 498 ARG A N   1 
ATOM   1326 C CA  . ARG A 1 176 ? -15.299 3.451   -7.547  1.00 13.70 ? 498 ARG A CA  1 
ATOM   1327 C C   . ARG A 1 176 ? -13.764 3.742   -7.523  1.00 16.24 ? 498 ARG A C   1 
ATOM   1328 O O   . ARG A 1 176 ? -13.071 3.194   -6.645  1.00 16.28 ? 498 ARG A O   1 
ATOM   1329 C CB  . ARG A 1 176 ? -16.023 4.412   -6.591  1.00 14.15 ? 498 ARG A CB  1 
ATOM   1330 C CG  . ARG A 1 176 ? -17.546 4.374   -6.671  1.00 21.90 ? 498 ARG A CG  1 
ATOM   1331 C CD  . ARG A 1 176 ? -18.112 5.773   -6.648  1.00 23.94 ? 498 ARG A CD  1 
ATOM   1332 N NE  . ARG A 1 176 ? -18.506 6.193   -5.308  1.00 31.64 ? 498 ARG A NE  1 
ATOM   1333 C CZ  . ARG A 1 176 ? -18.691 7.455   -4.931  1.00 42.59 ? 498 ARG A CZ  1 
ATOM   1334 N NH1 . ARG A 1 176 ? -18.466 8.452   -5.782  1.00 23.99 ? 498 ARG A NH1 1 
ATOM   1335 N NH2 . ARG A 1 176 ? -19.065 7.733   -3.690  1.00 35.62 ? 498 ARG A NH2 1 
ATOM   1336 N N   . PRO A 1 177 ? -13.192 4.582   -8.427  1.00 9.94  ? 499 PRO A N   1 
ATOM   1337 C CA  . PRO A 1 177 ? -11.759 4.930   -8.266  1.00 9.55  ? 499 PRO A CA  1 
ATOM   1338 C C   . PRO A 1 177 ? -11.577 5.831   -7.030  1.00 14.27 ? 499 PRO A C   1 
ATOM   1339 O O   . PRO A 1 177 ? -12.499 6.596   -6.719  1.00 14.06 ? 499 PRO A O   1 
ATOM   1340 C CB  . PRO A 1 177 ? -11.434 5.716   -9.544  1.00 10.36 ? 499 PRO A CB  1 
ATOM   1341 C CG  . PRO A 1 177 ? -12.760 6.347   -9.960  1.00 13.97 ? 499 PRO A CG  1 
ATOM   1342 C CD  . PRO A 1 177 ? -13.833 5.361   -9.517  1.00 10.13 ? 499 PRO A CD  1 
ATOM   1343 N N   . MET A 1 178 ? -10.415 5.770   -6.332  1.00 10.92 ? 500 MET A N   1 
ATOM   1344 C CA  . MET A 1 178 ? -10.164 6.664   -5.168  1.00 10.94 ? 500 MET A CA  1 
ATOM   1345 C C   . MET A 1 178 ? -10.343 8.136   -5.528  1.00 16.01 ? 500 MET A C   1 
ATOM   1346 O O   . MET A 1 178 ? -10.715 8.929   -4.668  1.00 16.49 ? 500 MET A O   1 
ATOM   1347 C CB  . MET A 1 178 ? -8.742  6.489   -4.576  1.00 12.33 ? 500 MET A CB  1 
ATOM   1348 C CG  . MET A 1 178 ? -8.608  5.331   -3.609  1.00 14.67 ? 500 MET A CG  1 
ATOM   1349 S SD  . MET A 1 178 ? -9.686  5.372   -2.145  1.00 16.07 ? 500 MET A SD  1 
ATOM   1350 C CE  . MET A 1 178 ? -9.382  7.076   -1.522  1.00 11.84 ? 500 MET A CE  1 
ATOM   1351 N N   . SER A 1 179 ? -10.048 8.500   -6.791  1.00 12.70 ? 501 SER A N   1 
ATOM   1352 C CA  . SER A 1 179 ? -10.185 9.849   -7.340  1.00 13.25 ? 501 SER A CA  1 
ATOM   1353 C C   . SER A 1 179 ? -11.627 10.400  -7.181  1.00 18.43 ? 501 SER A C   1 
ATOM   1354 O O   . SER A 1 179 ? -11.808 11.622  -7.125  1.00 18.18 ? 501 SER A O   1 
ATOM   1355 C CB  . SER A 1 179 ? -9.776  9.862   -8.812  1.00 16.12 ? 501 SER A CB  1 
ATOM   1356 O OG  . SER A 1 179 ? -10.594 8.994   -9.585  1.00 21.42 ? 501 SER A OG  1 
ATOM   1357 N N   . ASP A 1 180 ? -12.644 9.500   -7.074  1.00 15.38 ? 502 ASP A N   1 
ATOM   1358 C CA  . ASP A 1 180 ? -14.035 9.916   -6.837  1.00 15.59 ? 502 ASP A CA  1 
ATOM   1359 C C   . ASP A 1 180 ? -14.177 10.648  -5.494  1.00 18.72 ? 502 ASP A C   1 
ATOM   1360 O O   . ASP A 1 180 ? -15.135 11.382  -5.325  1.00 17.24 ? 502 ASP A O   1 
ATOM   1361 C CB  . ASP A 1 180 ? -15.008 8.724   -6.906  1.00 16.44 ? 502 ASP A CB  1 
ATOM   1362 C CG  . ASP A 1 180 ? -15.528 8.424   -8.297  1.00 15.98 ? 502 ASP A CG  1 
ATOM   1363 O OD1 . ASP A 1 180 ? -15.117 9.115   -9.255  1.00 17.16 ? 502 ASP A OD1 1 
ATOM   1364 O OD2 . ASP A 1 180 ? -16.308 7.481   -8.437  1.00 19.25 ? 502 ASP A OD2 1 
ATOM   1365 N N   . MET A 1 181 ? -13.185 10.502  -4.579  1.00 16.69 ? 503 MET A N   1 
ATOM   1366 C CA  . MET A 1 181 ? -13.151 11.183  -3.273  1.00 17.03 ? 503 MET A CA  1 
ATOM   1367 C C   . MET A 1 181 ? -12.781 12.663  -3.413  1.00 20.42 ? 503 MET A C   1 
ATOM   1368 O O   . MET A 1 181 ? -13.086 13.462  -2.522  1.00 19.08 ? 503 MET A O   1 
ATOM   1369 C CB  . MET A 1 181 ? -12.149 10.510  -2.322  1.00 19.97 ? 503 MET A CB  1 
ATOM   1370 C CG  . MET A 1 181 ? -12.638 9.209   -1.716  1.00 25.13 ? 503 MET A CG  1 
ATOM   1371 S SD  . MET A 1 181 ? -14.365 9.194   -1.154  1.00 31.54 ? 503 MET A SD  1 
ATOM   1372 C CE  . MET A 1 181 ? -14.314 10.321  0.163   1.00 28.72 ? 503 MET A CE  1 
ATOM   1373 N N   . GLY A 1 182 ? -12.077 12.991  -4.498  1.00 17.05 ? 504 GLY A N   1 
ATOM   1374 C CA  . GLY A 1 182 ? -11.606 14.334  -4.793  1.00 29.10 ? 504 GLY A CA  1 
ATOM   1375 C C   . GLY A 1 182 ? -12.736 15.267  -5.174  1.00 50.17 ? 504 GLY A C   1 
ATOM   1376 O O   . GLY A 1 182 ? -12.863 16.346  -4.598  1.00 20.89 ? 504 GLY A O   1 
ATOM   1377 N N   . GLU B 2 1   ? 28.702  -5.216  12.063  1.00 18.12 ? 344 GLU B N   1 
ATOM   1378 C CA  . GLU B 2 1   ? 27.849  -4.241  12.748  1.00 18.41 ? 344 GLU B CA  1 
ATOM   1379 C C   . GLU B 2 1   ? 26.408  -4.325  12.273  1.00 21.35 ? 344 GLU B C   1 
ATOM   1380 O O   . GLU B 2 1   ? 26.154  -4.450  11.072  1.00 20.03 ? 344 GLU B O   1 
ATOM   1381 C CB  . GLU B 2 1   ? 28.383  -2.812  12.606  1.00 20.39 ? 344 GLU B CB  1 
ATOM   1382 C CG  . GLU B 2 1   ? 29.140  -2.343  13.839  1.00 37.37 ? 344 GLU B CG  1 
ATOM   1383 C CD  . GLU B 2 1   ? 29.419  -0.851  13.929  1.00 77.11 ? 344 GLU B CD  1 
ATOM   1384 O OE1 . GLU B 2 1   ? 28.590  -0.050  13.437  1.00 74.49 ? 344 GLU B OE1 1 
ATOM   1385 O OE2 . GLU B 2 1   ? 30.452  -0.484  14.536  1.00 78.60 ? 344 GLU B OE2 1 
ATOM   1386 N N   . TYR B 2 2   ? 25.463  -4.281  13.218  1.00 18.01 ? 345 TYR B N   1 
ATOM   1387 C CA  . TYR B 2 2   ? 24.057  -4.403  12.864  1.00 17.62 ? 345 TYR B CA  1 
ATOM   1388 C C   . TYR B 2 2   ? 23.524  -3.211  12.089  1.00 22.24 ? 345 TYR B C   1 
ATOM   1389 O O   . TYR B 2 2   ? 23.808  -2.060  12.434  1.00 21.94 ? 345 TYR B O   1 
ATOM   1390 C CB  . TYR B 2 2   ? 23.172  -4.708  14.085  1.00 17.90 ? 345 TYR B CB  1 
ATOM   1391 C CG  . TYR B 2 2   ? 21.781  -5.136  13.670  1.00 19.49 ? 345 TYR B CG  1 
ATOM   1392 C CD1 . TYR B 2 2   ? 21.539  -6.427  13.200  1.00 20.43 ? 345 TYR B CD1 1 
ATOM   1393 C CD2 . TYR B 2 2   ? 20.725  -4.223  13.653  1.00 20.36 ? 345 TYR B CD2 1 
ATOM   1394 C CE1 . TYR B 2 2   ? 20.279  -6.808  12.754  1.00 19.86 ? 345 TYR B CE1 1 
ATOM   1395 C CE2 . TYR B 2 2   ? 19.455  -4.596  13.210  1.00 21.13 ? 345 TYR B CE2 1 
ATOM   1396 C CZ  . TYR B 2 2   ? 19.240  -5.892  12.765  1.00 24.99 ? 345 TYR B CZ  1 
ATOM   1397 O OH  . TYR B 2 2   ? 18.012  -6.279  12.316  1.00 22.74 ? 345 TYR B OH  1 
ATOM   1398 N N   . GLU B 2 3   ? 22.738  -3.508  11.035  1.00 18.51 ? 346 GLU B N   1 
ATOM   1399 C CA  . GLU B 2 3   ? 22.052  -2.518  10.204  1.00 17.90 ? 346 GLU B CA  1 
ATOM   1400 C C   . GLU B 2 3   ? 20.611  -2.952  10.078  1.00 19.98 ? 346 GLU B C   1 
ATOM   1401 O O   . GLU B 2 3   ? 20.342  -4.159  9.953   1.00 19.67 ? 346 GLU B O   1 
ATOM   1402 C CB  . GLU B 2 3   ? 22.694  -2.389  8.825   1.00 19.44 ? 346 GLU B CB  1 
ATOM   1403 C CG  . GLU B 2 3   ? 23.921  -1.491  8.845   1.00 35.87 ? 346 GLU B CG  1 
ATOM   1404 C CD  . GLU B 2 3   ? 24.602  -1.283  7.506   1.00 68.16 ? 346 GLU B CD  1 
ATOM   1405 O OE1 . GLU B 2 3   ? 23.893  -1.059  6.498   1.00 67.93 ? 346 GLU B OE1 1 
ATOM   1406 O OE2 . GLU B 2 3   ? 25.853  -1.315  7.474   1.00 70.74 ? 346 GLU B OE2 1 
ATOM   1407 N N   . GLU B 2 4   ? 19.683  -1.980  10.122  1.00 15.28 ? 347 GLU B N   1 
ATOM   1408 C CA  . GLU B 2 4   ? 18.249  -2.245  10.066  1.00 14.94 ? 347 GLU B CA  1 
ATOM   1409 C C   . GLU B 2 4   ? 17.855  -3.045  8.816   1.00 17.75 ? 347 GLU B C   1 
ATOM   1410 O O   . GLU B 2 4   ? 18.274  -2.709  7.709   1.00 17.63 ? 347 GLU B O   1 
ATOM   1411 C CB  . GLU B 2 4   ? 17.438  -0.957  10.213  1.00 16.32 ? 347 GLU B CB  1 
ATOM   1412 C CG  . GLU B 2 4   ? 15.949  -1.245  10.358  1.00 21.65 ? 347 GLU B CG  1 
ATOM   1413 C CD  . GLU B 2 4   ? 15.053  -0.051  10.584  1.00 17.94 ? 347 GLU B CD  1 
ATOM   1414 O OE1 . GLU B 2 4   ? 15.567  1.044   10.907  1.00 12.56 ? 347 GLU B OE1 1 
ATOM   1415 O OE2 . GLU B 2 4   ? 13.834  -0.197  10.361  1.00 9.80  ? 347 GLU B OE2 1 
ATOM   1416 N N   . ARG B 2 5   ? 17.137  -4.157  9.033   1.00 12.73 ? 348 ARG B N   1 
ATOM   1417 C CA  . ARG B 2 5   ? 16.724  -5.100  7.991   1.00 11.86 ? 348 ARG B CA  1 
ATOM   1418 C C   . ARG B 2 5   ? 15.303  -4.845  7.532   1.00 13.22 ? 348 ARG B C   1 
ATOM   1419 O O   . ARG B 2 5   ? 14.523  -4.218  8.235   1.00 12.03 ? 348 ARG B O   1 
ATOM   1420 C CB  . ARG B 2 5   ? 16.850  -6.550  8.520   1.00 12.78 ? 348 ARG B CB  1 
ATOM   1421 C CG  . ARG B 2 5   ? 18.304  -7.014  8.727   1.00 14.84 ? 348 ARG B CG  1 
ATOM   1422 C CD  . ARG B 2 5   ? 18.385  -8.466  9.151   1.00 26.55 ? 348 ARG B CD  1 
ATOM   1423 N NE  . ARG B 2 5   ? 18.039  -9.381  8.062   1.00 31.33 ? 348 ARG B NE  1 
ATOM   1424 C CZ  . ARG B 2 5   ? 18.906  -9.899  7.194   1.00 42.46 ? 348 ARG B CZ  1 
ATOM   1425 N NH1 . ARG B 2 5   ? 20.195  -9.603  7.273   1.00 33.19 ? 348 ARG B NH1 1 
ATOM   1426 N NH2 . ARG B 2 5   ? 18.488  -10.715 6.240   1.00 26.03 ? 348 ARG B NH2 1 
ATOM   1427 N N   . GLU B 2 6   ? 14.955  -5.368  6.362   1.00 11.40 ? 349 GLU B N   1 
ATOM   1428 C CA  . GLU B 2 6   ? 13.608  -5.301  5.770   1.00 10.48 ? 349 GLU B CA  1 
ATOM   1429 C C   . GLU B 2 6   ? 12.566  -5.973  6.740   1.00 13.99 ? 349 GLU B C   1 
ATOM   1430 O O   . GLU B 2 6   ? 11.445  -5.467  6.925   1.00 13.47 ? 349 GLU B O   1 
ATOM   1431 C CB  . GLU B 2 6   ? 13.666  -6.001  4.392   1.00 11.15 ? 349 GLU B CB  1 
ATOM   1432 C CG  . GLU B 2 6   ? 12.454  -5.804  3.508   1.00 17.39 ? 349 GLU B CG  1 
ATOM   1433 C CD  . GLU B 2 6   ? 11.204  -6.583  3.879   1.00 29.46 ? 349 GLU B CD  1 
ATOM   1434 O OE1 . GLU B 2 6   ? 11.306  -7.693  4.456   1.00 14.41 ? 349 GLU B OE1 1 
ATOM   1435 O OE2 . GLU B 2 6   ? 10.108  -6.072  3.569   1.00 13.19 ? 349 GLU B OE2 1 
ATOM   1436 N N   . SER B 2 7   ? 12.962  -7.088  7.370   1.00 10.06 ? 350 SER B N   1 
ATOM   1437 C CA  . SER B 2 7   ? 12.117  -7.838  8.304   1.00 9.78  ? 350 SER B CA  1 
ATOM   1438 C C   . SER B 2 7   ? 12.286  -7.399  9.775   1.00 13.59 ? 350 SER B C   1 
ATOM   1439 O O   . SER B 2 7   ? 11.897  -8.161  10.659  1.00 11.54 ? 350 SER B O   1 
ATOM   1440 C CB  . SER B 2 7   ? 12.401  -9.330  8.178   1.00 14.24 ? 350 SER B CB  1 
ATOM   1441 O OG  . SER B 2 7   ? 13.759  -9.617  8.476   1.00 20.37 ? 350 SER B OG  1 
ATOM   1442 N N   . GLU B 2 8   ? 12.846  -6.176  10.034  1.00 10.06 ? 351 GLU B N   1 
ATOM   1443 C CA  . GLU B 2 8   ? 13.107  -5.602  11.371  1.00 10.08 ? 351 GLU B CA  1 
ATOM   1444 C C   . GLU B 2 8   ? 11.959  -5.704  12.420  1.00 14.41 ? 351 GLU B C   1 
ATOM   1445 O O   . GLU B 2 8   ? 12.216  -5.987  13.592  1.00 12.16 ? 351 GLU B O   1 
ATOM   1446 C CB  . GLU B 2 8   ? 13.507  -4.123  11.238  1.00 11.17 ? 351 GLU B CB  1 
ATOM   1447 C CG  . GLU B 2 8   ? 14.236  -3.555  12.452  1.00 12.13 ? 351 GLU B CG  1 
ATOM   1448 C CD  . GLU B 2 8   ? 15.607  -4.149  12.718  1.00 12.49 ? 351 GLU B CD  1 
ATOM   1449 O OE1 . GLU B 2 8   ? 16.302  -4.530  11.750  1.00 14.08 ? 351 GLU B OE1 1 
ATOM   1450 O OE2 . GLU B 2 8   ? 15.949  -4.313  13.906  1.00 17.69 ? 351 GLU B OE2 1 
ATOM   1451 N N   . PHE B 2 9   ? 10.720  -5.419  11.997  1.00 10.68 ? 352 PHE B N   1 
ATOM   1452 C CA  . PHE B 2 9   ? 9.544   -5.357  12.875  1.00 9.83  ? 352 PHE B CA  1 
ATOM   1453 C C   . PHE B 2 9   ? 8.739   -6.659  12.899  1.00 13.97 ? 352 PHE B C   1 
ATOM   1454 O O   . PHE B 2 9   ? 7.806   -6.779  13.691  1.00 14.68 ? 352 PHE B O   1 
ATOM   1455 C CB  . PHE B 2 9   ? 8.631   -4.188  12.430  1.00 10.99 ? 352 PHE B CB  1 
ATOM   1456 C CG  . PHE B 2 9   ? 9.266   -2.814  12.372  1.00 12.34 ? 352 PHE B CG  1 
ATOM   1457 C CD1 . PHE B 2 9   ? 10.162  -2.486  11.360  1.00 13.46 ? 352 PHE B CD1 1 
ATOM   1458 C CD2 . PHE B 2 9   ? 8.924   -1.831  13.297  1.00 13.61 ? 352 PHE B CD2 1 
ATOM   1459 C CE1 . PHE B 2 9   ? 10.717  -1.216  11.287  1.00 13.81 ? 352 PHE B CE1 1 
ATOM   1460 C CE2 . PHE B 2 9   ? 9.478   -0.556  13.224  1.00 15.66 ? 352 PHE B CE2 1 
ATOM   1461 C CZ  . PHE B 2 9   ? 10.358  -0.252  12.208  1.00 14.20 ? 352 PHE B CZ  1 
ATOM   1462 N N   . ASP B 2 10  ? 9.082   -7.623  12.035  1.00 12.14 ? 353 ASP B N   1 
ATOM   1463 C CA  . ASP B 2 10  ? 8.321   -8.866  11.892  1.00 11.74 ? 353 ASP B CA  1 
ATOM   1464 C C   . ASP B 2 10  ? 8.477   -9.880  12.991  1.00 15.89 ? 353 ASP B C   1 
ATOM   1465 O O   . ASP B 2 10  ? 9.590   -10.232 13.358  1.00 16.84 ? 353 ASP B O   1 
ATOM   1466 C CB  . ASP B 2 10  ? 8.532   -9.519  10.505  1.00 12.77 ? 353 ASP B CB  1 
ATOM   1467 C CG  . ASP B 2 10  ? 8.443   -8.558  9.325   1.00 10.41 ? 353 ASP B CG  1 
ATOM   1468 O OD1 . ASP B 2 10  ? 7.943   -7.427  9.509   1.00 10.39 ? 353 ASP B OD1 1 
ATOM   1469 O OD2 . ASP B 2 10  ? 8.928   -8.909  8.252   1.00 10.88 ? 353 ASP B OD2 1 
ATOM   1470 N N   . ILE B 2 11  ? 7.338   -10.391 13.461  1.00 11.55 ? 354 ILE B N   1 
ATOM   1471 C CA  . ILE B 2 11  ? 7.207   -11.449 14.456  1.00 10.89 ? 354 ILE B CA  1 
ATOM   1472 C C   . ILE B 2 11  ? 7.375   -12.817 13.757  1.00 17.76 ? 354 ILE B C   1 
ATOM   1473 O O   . ILE B 2 11  ? 8.068   -13.709 14.281  1.00 17.68 ? 354 ILE B O   1 
ATOM   1474 C CB  . ILE B 2 11  ? 5.828   -11.337 15.151  1.00 11.92 ? 354 ILE B CB  1 
ATOM   1475 C CG1 . ILE B 2 11  ? 5.674   -9.949  15.826  1.00 9.83  ? 354 ILE B CG1 1 
ATOM   1476 C CG2 . ILE B 2 11  ? 5.595   -12.516 16.150  1.00 9.43  ? 354 ILE B CG2 1 
ATOM   1477 C CD1 . ILE B 2 11  ? 4.213   -9.556  16.206  1.00 4.77  ? 354 ILE B CD1 1 
ATOM   1478 N N   . GLU B 2 12  ? 6.712   -12.958 12.578  1.00 15.10 ? 355 GLU B N   1 
ATOM   1479 C CA  . GLU B 2 12  ? 6.681   -14.135 11.707  1.00 48.59 ? 355 GLU B CA  1 
ATOM   1480 C C   . GLU B 2 12  ? 6.599   -13.655 10.264  1.00 67.65 ? 355 GLU B C   1 
ATOM   1481 O O   . GLU B 2 12  ? 6.008   -12.607 10.012  1.00 27.36 ? 355 GLU B O   1 
ATOM   1482 C CB  . GLU B 2 12  ? 5.464   -15.021 12.027  1.00 49.91 ? 355 GLU B CB  1 
HETATM 1483 C C1  . GOL C 3 .   ? 14.642  -0.989  14.813  1.00 21.67 ? 401 GOL B C1  1 
HETATM 1484 O O1  . GOL C 3 .   ? 15.736  -0.866  15.720  1.00 23.79 ? 401 GOL B O1  1 
HETATM 1485 C C2  . GOL C 3 .   ? 13.345  -0.450  15.376  1.00 22.25 ? 401 GOL B C2  1 
HETATM 1486 O O2  . GOL C 3 .   ? 13.486  -0.084  16.761  1.00 20.49 ? 401 GOL B O2  1 
HETATM 1487 C C3  . GOL C 3 .   ? 12.880  0.743   14.571  1.00 19.76 ? 401 GOL B C3  1 
HETATM 1488 O O3  . GOL C 3 .   ? 11.796  1.403   15.213  1.00 16.76 ? 401 GOL B O3  1 
HETATM 1489 O O   . HOH D 4 .   ? 10.224  22.068  -7.411  1.00 14.08 ? 601 HOH A O   1 
HETATM 1490 O O   . HOH D 4 .   ? -8.558  -4.597  -17.229 1.00 12.02 ? 602 HOH A O   1 
HETATM 1491 O O   . HOH D 4 .   ? -8.306  13.256  4.731   1.00 12.27 ? 603 HOH A O   1 
HETATM 1492 O O   . HOH D 4 .   ? 1.018   -7.251  -17.920 1.00 20.14 ? 604 HOH A O   1 
HETATM 1493 O O   . HOH D 4 .   ? 9.151   17.390  -3.750  1.00 15.27 ? 605 HOH A O   1 
HETATM 1494 O O   . HOH D 4 .   ? -10.349 -7.847  -14.651 1.00 15.95 ? 606 HOH A O   1 
HETATM 1495 O O   . HOH D 4 .   ? -4.055  -8.503  -16.879 1.00 13.49 ? 607 HOH A O   1 
HETATM 1496 O O   . HOH D 4 .   ? 15.268  12.107  3.175   1.00 26.41 ? 608 HOH A O   1 
HETATM 1497 O O   . HOH D 4 .   ? -0.016  -11.230 -12.389 1.00 20.82 ? 609 HOH A O   1 
HETATM 1498 O O   . HOH D 4 .   ? 8.333   12.794  3.526   1.00 16.80 ? 610 HOH A O   1 
HETATM 1499 O O   . HOH D 4 .   ? 8.426   3.085   15.324  1.00 12.47 ? 611 HOH A O   1 
HETATM 1500 O O   . HOH D 4 .   ? -11.625 16.591  -2.020  1.00 23.30 ? 612 HOH A O   1 
HETATM 1501 O O   . HOH D 4 .   ? -10.645 -12.261 -11.662 1.00 27.98 ? 613 HOH A O   1 
HETATM 1502 O O   . HOH D 4 .   ? -9.364  -15.623 -2.001  1.00 18.29 ? 614 HOH A O   1 
HETATM 1503 O O   . HOH D 4 .   ? -10.623 -12.469 -4.753  1.00 16.44 ? 615 HOH A O   1 
HETATM 1504 O O   . HOH D 4 .   ? 1.622   1.815   16.166  1.00 23.06 ? 616 HOH A O   1 
HETATM 1505 O O   . HOH D 4 .   ? 6.149   -9.597  -13.423 1.00 30.21 ? 617 HOH A O   1 
HETATM 1506 O O   . HOH D 4 .   ? 2.734   -3.896  16.445  1.00 12.34 ? 618 HOH A O   1 
HETATM 1507 O O   . HOH D 4 .   ? -18.207 9.128   5.613   1.00 24.49 ? 619 HOH A O   1 
HETATM 1508 O O   . HOH D 4 .   ? 1.434   19.183  -5.831  1.00 29.54 ? 620 HOH A O   1 
HETATM 1509 O O   . HOH D 4 .   ? 3.106   -2.135  18.422  1.00 12.06 ? 621 HOH A O   1 
HETATM 1510 O O   . HOH D 4 .   ? -18.156 -8.162  -13.036 1.00 31.62 ? 622 HOH A O   1 
HETATM 1511 O O   . HOH D 4 .   ? -8.329  2.110   -18.653 1.00 22.30 ? 623 HOH A O   1 
HETATM 1512 O O   . HOH D 4 .   ? -4.409  0.437   -20.279 1.00 17.72 ? 624 HOH A O   1 
HETATM 1513 O O   . HOH D 4 .   ? -1.435  -10.014 -16.712 1.00 30.56 ? 625 HOH A O   1 
HETATM 1514 O O   . HOH D 4 .   ? -3.840  17.819  0.201   1.00 32.01 ? 626 HOH A O   1 
HETATM 1515 O O   . HOH D 4 .   ? 5.546   17.592  -2.676  1.00 13.03 ? 627 HOH A O   1 
HETATM 1516 O O   . HOH D 4 .   ? 2.929   -10.540 -14.300 1.00 20.85 ? 628 HOH A O   1 
HETATM 1517 O O   . HOH D 4 .   ? -1.429  17.069  2.999   1.00 22.50 ? 629 HOH A O   1 
HETATM 1518 O O   . HOH D 4 .   ? -8.208  -11.835 -12.233 1.00 23.13 ? 630 HOH A O   1 
HETATM 1519 O O   . HOH D 4 .   ? -3.898  -15.815 1.700   1.00 27.42 ? 631 HOH A O   1 
HETATM 1520 O O   . HOH D 4 .   ? -1.861  -2.631  17.233  1.00 17.63 ? 632 HOH A O   1 
HETATM 1521 O O   . HOH D 4 .   ? -23.512 6.634   8.101   1.00 22.78 ? 633 HOH A O   1 
HETATM 1522 O O   . HOH D 4 .   ? -0.011  8.190   12.661  1.00 24.94 ? 634 HOH A O   1 
HETATM 1523 O O   . HOH D 4 .   ? -5.422  19.135  -5.185  1.00 29.42 ? 635 HOH A O   1 
HETATM 1524 O O   . HOH D 4 .   ? -0.769  -13.649 -11.254 1.00 20.95 ? 636 HOH A O   1 
HETATM 1525 O O   . HOH D 4 .   ? -16.516 6.711   2.018   1.00 12.06 ? 637 HOH A O   1 
HETATM 1526 O O   . HOH D 4 .   ? -7.326  -14.881 -10.650 1.00 28.30 ? 638 HOH A O   1 
HETATM 1527 O O   . HOH D 4 .   ? 11.565  14.291  -4.492  1.00 19.26 ? 639 HOH A O   1 
HETATM 1528 O O   . HOH D 4 .   ? 11.898  15.589  -2.006  1.00 24.57 ? 640 HOH A O   1 
HETATM 1529 O O   . HOH D 4 .   ? -7.401  21.661  -3.295  1.00 28.83 ? 641 HOH A O   1 
HETATM 1530 O O   . HOH D 4 .   ? 3.314   -13.503 -12.487 1.00 33.92 ? 642 HOH A O   1 
HETATM 1531 O O   . HOH D 4 .   ? 2.424   6.603   15.727  1.00 19.47 ? 643 HOH A O   1 
HETATM 1532 O O   . HOH D 4 .   ? -3.426  14.472  5.669   1.00 22.28 ? 644 HOH A O   1 
HETATM 1533 O O   . HOH D 4 .   ? -1.036  -0.462  17.993  1.00 24.94 ? 645 HOH A O   1 
HETATM 1534 O O   . HOH D 4 .   ? 18.248  4.109   1.543   1.00 3.10  ? 646 HOH A O   1 
HETATM 1535 O O   . HOH D 4 .   ? 0.206   0.764   10.490  1.00 14.25 ? 647 HOH A O   1 
HETATM 1536 O O   . HOH D 4 .   ? 5.289   -15.613 2.048   1.00 12.46 ? 648 HOH A O   1 
HETATM 1537 O O   . HOH D 4 .   ? 2.812   0.997   10.458  1.00 7.88  ? 649 HOH A O   1 
HETATM 1538 O O   . HOH D 4 .   ? 3.311   -15.026 -0.161  1.00 13.44 ? 650 HOH A O   1 
HETATM 1539 O O   . HOH D 4 .   ? 11.500  -6.307  -2.802  1.00 10.55 ? 651 HOH A O   1 
HETATM 1540 O O   . HOH D 4 .   ? 4.410   -5.142  8.196   1.00 11.05 ? 652 HOH A O   1 
HETATM 1541 O O   . HOH D 4 .   ? -2.869  -4.670  -11.274 1.00 10.45 ? 653 HOH A O   1 
HETATM 1542 O O   . HOH D 4 .   ? 11.794  4.568   4.269   1.00 8.87  ? 654 HOH A O   1 
HETATM 1543 O O   . HOH D 4 .   ? -1.120  -11.501 7.971   1.00 16.85 ? 655 HOH A O   1 
HETATM 1544 O O   . HOH D 4 .   ? 6.690   15.977  -9.849  1.00 20.72 ? 656 HOH A O   1 
HETATM 1545 O O   . HOH D 4 .   ? -7.614  12.818  -8.018  1.00 17.44 ? 657 HOH A O   1 
HETATM 1546 O O   . HOH D 4 .   ? -8.874  -12.540 7.082   1.00 18.21 ? 658 HOH A O   1 
HETATM 1547 O O   . HOH D 4 .   ? -16.730 -0.842  -11.403 1.00 26.38 ? 659 HOH A O   1 
HETATM 1548 O O   . HOH D 4 .   ? 15.993  7.363   7.860   1.00 15.46 ? 660 HOH A O   1 
HETATM 1549 O O   . HOH D 4 .   ? -12.855 10.120  -10.403 1.00 15.87 ? 661 HOH A O   1 
HETATM 1550 O O   . HOH D 4 .   ? -2.739  -11.685 10.354  1.00 22.34 ? 662 HOH A O   1 
HETATM 1551 O O   . HOH D 4 .   ? 9.675   16.078  -8.213  1.00 18.25 ? 663 HOH A O   1 
HETATM 1552 O O   . HOH D 4 .   ? -1.945  -17.824 4.195   1.00 20.74 ? 664 HOH A O   1 
HETATM 1553 O O   . HOH D 4 .   ? -8.338  -8.060  10.922  1.00 23.84 ? 665 HOH A O   1 
HETATM 1554 O O   . HOH D 4 .   ? 18.880  1.660   -1.199  1.00 24.68 ? 666 HOH A O   1 
HETATM 1555 O O   . HOH D 4 .   ? -18.190 2.298   -4.045  1.00 15.76 ? 667 HOH A O   1 
HETATM 1556 O O   . HOH D 4 .   ? -3.508  14.323  -9.928  1.00 17.20 ? 668 HOH A O   1 
HETATM 1557 O O   . HOH D 4 .   ? 3.855   19.558  -9.633  1.00 27.44 ? 669 HOH A O   1 
HETATM 1558 O O   . HOH D 4 .   ? 2.669   7.933   13.247  1.00 16.12 ? 670 HOH A O   1 
HETATM 1559 O O   . HOH D 4 .   ? -5.273  8.641   -13.795 1.00 27.74 ? 671 HOH A O   1 
HETATM 1560 O O   . HOH D 4 .   ? -4.470  9.757   -9.544  1.00 19.58 ? 672 HOH A O   1 
HETATM 1561 O O   . HOH D 4 .   ? 14.822  -5.428  -4.638  1.00 34.05 ? 673 HOH A O   1 
HETATM 1562 O O   . HOH D 4 .   ? 7.461   10.565  12.201  1.00 27.33 ? 674 HOH A O   1 
HETATM 1563 O O   . HOH D 4 .   ? 6.641   -15.611 7.733   1.00 46.62 ? 675 HOH A O   1 
HETATM 1564 O O   . HOH D 4 .   ? 6.208   -16.497 -2.263  1.00 22.17 ? 676 HOH A O   1 
HETATM 1565 O O   . HOH D 4 .   ? 0.279   3.536   -10.771 1.00 18.45 ? 677 HOH A O   1 
HETATM 1566 O O   . HOH D 4 .   ? 9.833   -12.308 -4.577  1.00 21.93 ? 678 HOH A O   1 
HETATM 1567 O O   . HOH D 4 .   ? -14.026 -3.898  14.024  1.00 24.30 ? 679 HOH A O   1 
HETATM 1568 O O   . HOH D 4 .   ? 13.698  7.516   -8.196  1.00 21.71 ? 680 HOH A O   1 
HETATM 1569 O O   . HOH D 4 .   ? 1.274   5.691   -11.748 1.00 32.29 ? 681 HOH A O   1 
HETATM 1570 O O   . HOH D 4 .   ? -8.903  -9.473  8.903   1.00 21.96 ? 682 HOH A O   1 
HETATM 1571 O O   . HOH D 4 .   ? -4.743  12.305  -8.221  1.00 17.26 ? 683 HOH A O   1 
HETATM 1572 O O   . HOH D 4 .   ? -19.476 4.409   -2.728  1.00 31.92 ? 684 HOH A O   1 
HETATM 1573 O O   . HOH D 4 .   ? 1.579   -18.605 6.116   1.00 21.33 ? 685 HOH A O   1 
HETATM 1574 O O   . HOH D 4 .   ? 16.632  -6.662  1.977   1.00 29.13 ? 686 HOH A O   1 
HETATM 1575 O O   . HOH D 4 .   ? -15.465 -3.818  -12.743 1.00 25.94 ? 687 HOH A O   1 
HETATM 1576 O O   . HOH D 4 .   ? 5.087   11.577  -10.506 1.00 30.31 ? 688 HOH A O   1 
HETATM 1577 O O   . HOH D 4 .   ? 13.164  -6.914  -6.533  1.00 24.21 ? 689 HOH A O   1 
HETATM 1578 O O   . HOH D 4 .   ? -9.900  2.818   -15.737 1.00 24.95 ? 690 HOH A O   1 
HETATM 1579 O O   . HOH D 4 .   ? 0.988   8.245   -10.814 1.00 20.45 ? 691 HOH A O   1 
HETATM 1580 O O   . HOH D 4 .   ? 5.545   11.485  10.811  1.00 23.59 ? 692 HOH A O   1 
HETATM 1581 O O   . HOH D 4 .   ? 4.978   -16.236 5.412   1.00 39.66 ? 693 HOH A O   1 
HETATM 1582 O O   . HOH D 4 .   ? -10.767 -13.006 9.199   1.00 32.48 ? 694 HOH A O   1 
HETATM 1583 O O   . HOH D 4 .   ? 10.509  11.230  -7.246  1.00 26.90 ? 695 HOH A O   1 
HETATM 1584 O O   . HOH D 4 .   ? 2.839   9.894   -11.652 1.00 36.01 ? 696 HOH A O   1 
HETATM 1585 O O   . HOH D 4 .   ? 20.624  4.964   -2.181  1.00 34.93 ? 697 HOH A O   1 
HETATM 1586 O O   . HOH D 4 .   ? 14.549  3.848   -6.671  1.00 12.01 ? 698 HOH A O   1 
HETATM 1587 O O   . HOH D 4 .   ? -4.872  -2.749  -11.569 1.00 13.26 ? 699 HOH A O   1 
HETATM 1588 O O   . HOH D 4 .   ? -15.766 1.617   7.813   1.00 23.84 ? 700 HOH A O   1 
HETATM 1589 O O   . HOH D 4 .   ? 14.380  8.337   11.645  1.00 40.57 ? 701 HOH A O   1 
HETATM 1590 O O   . HOH D 4 .   ? 19.522  3.327   -5.511  1.00 47.83 ? 702 HOH A O   1 
HETATM 1591 O O   . HOH D 4 .   ? -1.493  3.052   -12.872 1.00 15.47 ? 703 HOH A O   1 
HETATM 1592 O O   . HOH D 4 .   ? 10.731  11.861  -4.701  1.00 25.70 ? 704 HOH A O   1 
HETATM 1593 O O   . HOH D 4 .   ? 17.530  12.650  -1.955  1.00 30.24 ? 705 HOH A O   1 
HETATM 1594 O O   . HOH E 4 .   ? 13.934  -5.881  15.615  1.00 17.76 ? 501 HOH B O   1 
HETATM 1595 O O   . HOH E 4 .   ? 9.722   1.349   16.877  1.00 14.22 ? 502 HOH B O   1 
HETATM 1596 O O   . HOH E 4 .   ? 9.740   -15.314 15.631  1.00 27.71 ? 503 HOH B O   1 
HETATM 1597 O O   . HOH E 4 .   ? 21.996  -6.299  9.681   1.00 12.09 ? 504 HOH B O   1 
HETATM 1598 O O   . HOH E 4 .   ? 16.464  0.758   17.945  1.00 20.71 ? 505 HOH B O   1 
HETATM 1599 O O   . HOH E 4 .   ? 25.960  -4.574  16.011  1.00 32.14 ? 506 HOH B O   1 
HETATM 1600 O O   . HOH E 4 .   ? 5.941   -5.786  10.708  1.00 16.38 ? 507 HOH B O   1 
HETATM 1601 O O   . HOH E 4 .   ? 28.421  -5.598  9.176   1.00 23.95 ? 508 HOH B O   1 
HETATM 1602 O O   . HOH E 4 .   ? 17.193  -6.888  4.772   1.00 14.09 ? 509 HOH B O   1 
HETATM 1603 O O   . HOH E 4 .   ? 15.488  -9.354  6.152   1.00 4.81  ? 510 HOH B O   1 
HETATM 1604 O O   . HOH E 4 .   ? 18.332  -0.829  13.515  1.00 10.33 ? 511 HOH B O   1 
HETATM 1605 O O   . HOH E 4 .   ? 12.876  -1.591  8.282   1.00 12.19 ? 512 HOH B O   1 
HETATM 1606 O O   . HOH E 4 .   ? 20.599  0.865   10.631  1.00 19.07 ? 513 HOH B O   1 
HETATM 1607 O O   . HOH E 4 .   ? 9.718   -5.214  8.953   1.00 9.70  ? 514 HOH B O   1 
HETATM 1608 O O   . HOH E 4 .   ? 16.844  2.716   9.351   1.00 20.36 ? 515 HOH B O   1 
HETATM 1609 O O   . HOH E 4 .   ? 18.826  -0.239  6.888   1.00 21.42 ? 516 HOH B O   1 
HETATM 1610 O O   . HOH E 4 .   ? 9.592   -11.387 7.276   1.00 19.94 ? 517 HOH B O   1 
# 
